data_9EK6
#
_entry.id   9EK6
#
_cell.length_a   216.366
_cell.length_b   70.042
_cell.length_c   142.518
_cell.angle_alpha   90.000
_cell.angle_beta   104.250
_cell.angle_gamma   90.000
#
_symmetry.space_group_name_H-M   'C 1 2 1'
#
loop_
_entity.id
_entity.type
_entity.pdbx_description
1 polymer 'Major histocompatibility complex class I-related gene protein'
2 polymer Beta-2-microglobulin
3 polymer 'TCR alpha'
4 polymer 'TCR beta'
5 non-polymer THYMINE
6 non-polymer GLYCEROL
7 non-polymer 'ACETATE ION'
8 non-polymer 'SODIUM ION'
9 non-polymer 'CALCIUM ION'
10 water water
#
loop_
_entity_poly.entity_id
_entity_poly.type
_entity_poly.pdbx_seq_one_letter_code
_entity_poly.pdbx_strand_id
1 'polypeptide(L)'
;MRTHSLRYFRLGVSDPIHGVPEFISVGYVDSHPITTYDSVTRQKEPRAPWMAENLAPDHWERYTQLLRGWQQMFKVELKR
LQRHYNHSGSHTYQRMIGCELLEDGSTTGFLQYAYDGQDFLIFNKDTLSWLAVDNVAHTIKQAWEANQHELLYQKNWLEE
ECIAWLKRFLEYGKDTLQRTEPPLVRVNRKETFPGVTALFCKAHGFYPPEIYMTWMKNGEEIVQEIDYGDILPSGDGTYQ
AWASIELDPQSSNLYSCHVEHSGVHMVLQVP
;
A,C
2 'polypeptide(L)'
;MIQRTPKIQVYSRHPAENGKSNFLNCYVSGFHPSDIEVDLLKNGERIEKVEHSDLSFSKDWSFYLLYYTEFTPTEKDEYA
CRVNHVTLSQPKIVKWDRDM
;
B,F
3 'polypeptide(L)'
;MGQNIDQPTEMTATEGAIVQINCTYQTSGFNGLFWYQQHAGEAPTFLSYNVLDGLEEKGRFSSFLSRSKGYSYLLLKELQ
MKDSASYLCAVKDSNYQLIWGAGTKLIIKPDIQNPDPAVYQLRDSKSSDKSVCLFTDFDSQTNVSQSKDSDVYITDKCVL
DMRSMDFKSNSAVAWSNKSDFACANAFNNSIIPEDTFFPSPESS
;
D,G
4 'polypeptide(L)'
;MNAGVTQTPKFQVLKTGQSMTLQCAQDMNHNSMYWYRQDPGMGLRLIYYSASEGTTDKGEVPNGYNVSRLNKREFSLRLE
SAAPSQTSVYFCASSVWTGEGSGELFFGEGSRLTVLEDLKNVFPPEVAVFEPSEAEISHTQKATLVCLATGFYPDHVELS
WWVNGKEVHSGVCTDPQPLKEQPALNDSRYALSSRLRVSATFWQNPRNHFRCQVQFYGLSENDEWTQDRAKPVTQIVSAE
AWGRAD
;
E,H
#
loop_
_chem_comp.id
_chem_comp.type
_chem_comp.name
_chem_comp.formula
ACT non-polymer 'ACETATE ION' 'C2 H3 O2 -1'
CA non-polymer 'CALCIUM ION' 'Ca 2'
GOL non-polymer GLYCEROL 'C3 H8 O3'
NA non-polymer 'SODIUM ION' 'Na 1'
TDR non-polymer THYMINE 'C5 H6 N2 O2'
#
# COMPACT_ATOMS: atom_id res chain seq x y z
N MET A 1 2.11 -29.81 -59.68
CA MET A 1 2.46 -30.44 -58.40
C MET A 1 1.43 -31.51 -58.04
N ARG A 2 1.92 -32.64 -57.53
CA ARG A 2 1.05 -33.74 -57.17
C ARG A 2 0.21 -33.38 -55.93
N THR A 3 -0.72 -34.27 -55.60
CA THR A 3 -1.54 -34.08 -54.41
C THR A 3 -0.70 -34.26 -53.15
N HIS A 4 -0.84 -33.34 -52.21
CA HIS A 4 -0.16 -33.41 -50.94
C HIS A 4 -1.14 -33.19 -49.80
N SER A 5 -0.79 -33.66 -48.61
CA SER A 5 -1.67 -33.54 -47.47
C SER A 5 -0.85 -33.31 -46.21
N LEU A 6 -1.47 -32.64 -45.24
CA LEU A 6 -0.90 -32.43 -43.92
C LEU A 6 -1.95 -32.84 -42.89
N ARG A 7 -1.55 -33.66 -41.92
CA ARG A 7 -2.47 -34.18 -40.90
CA ARG A 7 -2.49 -34.03 -40.88
C ARG A 7 -1.78 -34.21 -39.54
N TYR A 8 -2.57 -34.07 -38.48
CA TYR A 8 -2.09 -34.20 -37.11
C TYR A 8 -2.96 -35.21 -36.39
N PHE A 9 -2.33 -36.14 -35.68
CA PHE A 9 -3.02 -37.17 -34.93
C PHE A 9 -2.83 -36.96 -33.44
N ARG A 10 -3.80 -37.42 -32.66
CA ARG A 10 -3.70 -37.44 -31.21
C ARG A 10 -4.22 -38.78 -30.70
N LEU A 11 -3.50 -39.36 -29.75
CA LEU A 11 -3.89 -40.62 -29.12
C LEU A 11 -3.92 -40.43 -27.61
N GLY A 12 -5.05 -40.79 -27.00
CA GLY A 12 -5.16 -40.76 -25.55
C GLY A 12 -5.57 -42.11 -25.00
N VAL A 13 -4.87 -42.58 -23.98
CA VAL A 13 -5.14 -43.86 -23.35
C VAL A 13 -5.48 -43.60 -21.88
N SER A 14 -6.58 -44.20 -21.42
CA SER A 14 -7.12 -43.85 -20.09
C SER A 14 -6.32 -44.51 -18.98
N ASP A 15 -6.11 -45.83 -19.07
CA ASP A 15 -5.37 -46.59 -18.06
C ASP A 15 -4.22 -47.32 -18.74
N PRO A 16 -3.18 -46.59 -19.14
CA PRO A 16 -2.11 -47.20 -19.93
C PRO A 16 -1.23 -48.11 -19.10
N ILE A 17 -0.64 -49.10 -19.77
CA ILE A 17 0.37 -49.93 -19.15
C ILE A 17 1.56 -49.06 -18.74
N HIS A 18 2.16 -49.36 -17.59
CA HIS A 18 3.28 -48.60 -17.06
C HIS A 18 4.35 -48.38 -18.13
N GLY A 19 4.79 -47.13 -18.27
CA GLY A 19 5.78 -46.75 -19.26
C GLY A 19 5.20 -46.27 -20.57
N VAL A 20 4.02 -46.76 -20.95
CA VAL A 20 3.37 -46.35 -22.20
C VAL A 20 2.79 -44.95 -22.01
N PRO A 21 3.00 -44.04 -22.96
CA PRO A 21 2.52 -42.67 -22.77
C PRO A 21 1.00 -42.59 -22.70
N GLU A 22 0.51 -41.69 -21.84
CA GLU A 22 -0.91 -41.43 -21.74
C GLU A 22 -1.44 -40.65 -22.93
N PHE A 23 -0.56 -39.89 -23.61
CA PHE A 23 -0.96 -39.01 -24.69
C PHE A 23 0.16 -38.96 -25.72
N ILE A 24 -0.21 -39.05 -27.00
CA ILE A 24 0.75 -39.02 -28.10
C ILE A 24 0.17 -38.18 -29.22
N SER A 25 0.99 -37.30 -29.81
CA SER A 25 0.59 -36.51 -30.95
C SER A 25 1.68 -36.55 -32.01
N VAL A 26 1.30 -36.84 -33.25
CA VAL A 26 2.23 -36.93 -34.37
C VAL A 26 1.60 -36.24 -35.58
N GLY A 27 2.41 -35.44 -36.29
CA GLY A 27 1.98 -34.79 -37.51
C GLY A 27 2.63 -35.46 -38.71
N TYR A 28 1.95 -35.36 -39.86
CA TYR A 28 2.44 -35.96 -41.09
C TYR A 28 2.27 -35.00 -42.25
N VAL A 29 3.23 -35.05 -43.17
CA VAL A 29 3.09 -34.49 -44.51
C VAL A 29 3.21 -35.65 -45.48
N ASP A 30 2.10 -35.98 -46.15
CA ASP A 30 1.97 -37.23 -46.92
C ASP A 30 2.23 -38.37 -45.94
N SER A 31 3.11 -39.32 -46.26
CA SER A 31 3.44 -40.41 -45.36
CA SER A 31 3.44 -40.41 -45.36
C SER A 31 4.67 -40.13 -44.52
N HIS A 32 5.12 -38.88 -44.47
CA HIS A 32 6.32 -38.52 -43.74
C HIS A 32 5.96 -37.94 -42.38
N PRO A 33 6.43 -38.52 -41.28
CA PRO A 33 6.26 -37.85 -39.98
C PRO A 33 7.11 -36.58 -39.93
N ILE A 34 6.51 -35.51 -39.40
CA ILE A 34 7.18 -34.21 -39.32
C ILE A 34 7.38 -33.77 -37.88
N THR A 35 6.42 -34.06 -37.00
CA THR A 35 6.49 -33.61 -35.61
C THR A 35 6.03 -34.74 -34.70
N THR A 36 6.47 -34.67 -33.44
CA THR A 36 6.07 -35.67 -32.45
C THR A 36 6.01 -35.02 -31.08
N TYR A 37 5.12 -35.56 -30.24
CA TYR A 37 4.97 -35.13 -28.86
C TYR A 37 4.31 -36.26 -28.10
N ASP A 38 4.70 -36.44 -26.83
CA ASP A 38 4.03 -37.41 -25.97
C ASP A 38 4.09 -36.92 -24.54
N SER A 39 3.27 -37.55 -23.68
CA SER A 39 3.20 -37.16 -22.28
C SER A 39 4.45 -37.53 -21.48
N VAL A 40 5.35 -38.33 -22.05
CA VAL A 40 6.57 -38.70 -21.33
C VAL A 40 7.63 -37.63 -21.52
N THR A 41 7.95 -37.33 -22.79
CA THR A 41 8.94 -36.30 -23.07
C THR A 41 8.40 -34.91 -22.77
N ARG A 42 7.10 -34.68 -22.97
CA ARG A 42 6.49 -33.37 -22.79
C ARG A 42 7.18 -32.29 -23.62
N GLN A 43 7.73 -32.69 -24.77
CA GLN A 43 8.41 -31.78 -25.68
C GLN A 43 7.96 -32.08 -27.11
N LYS A 44 7.74 -31.02 -27.89
CA LYS A 44 7.44 -31.18 -29.31
C LYS A 44 8.76 -31.17 -30.07
N GLU A 45 9.00 -32.20 -30.86
CA GLU A 45 10.26 -32.39 -31.55
C GLU A 45 10.01 -32.65 -33.02
N PRO A 46 10.92 -32.23 -33.88
CA PRO A 46 10.81 -32.56 -35.30
C PRO A 46 11.09 -34.04 -35.54
N ARG A 47 10.40 -34.60 -36.54
CA ARG A 47 10.65 -35.96 -36.98
C ARG A 47 11.10 -36.01 -38.43
N ALA A 48 11.37 -34.86 -39.04
CA ALA A 48 11.95 -34.76 -40.37
C ALA A 48 13.10 -33.76 -40.33
N PRO A 49 14.20 -34.04 -41.02
CA PRO A 49 15.33 -33.11 -40.98
C PRO A 49 15.01 -31.74 -41.54
N TRP A 50 14.22 -31.68 -42.62
CA TRP A 50 13.87 -30.40 -43.22
C TRP A 50 12.88 -29.61 -42.37
N MET A 51 12.25 -30.22 -41.39
CA MET A 51 11.46 -29.46 -40.42
C MET A 51 12.37 -28.84 -39.36
N ALA A 52 13.36 -29.59 -38.88
CA ALA A 52 14.26 -29.08 -37.85
C ALA A 52 15.11 -27.93 -38.36
N GLU A 53 15.48 -27.95 -39.65
CA GLU A 53 16.39 -26.94 -40.19
C GLU A 53 15.68 -25.65 -40.60
N ASN A 54 14.35 -25.65 -40.69
CA ASN A 54 13.62 -24.49 -41.17
C ASN A 54 12.74 -23.86 -40.11
N LEU A 55 12.65 -24.43 -38.91
CA LEU A 55 11.82 -23.90 -37.83
C LEU A 55 12.71 -23.56 -36.65
N ALA A 56 12.72 -22.29 -36.26
CA ALA A 56 13.56 -21.81 -35.17
C ALA A 56 13.12 -22.43 -33.84
N PRO A 57 14.00 -22.44 -32.84
CA PRO A 57 13.62 -22.99 -31.52
C PRO A 57 12.38 -22.35 -30.92
N ASP A 58 12.09 -21.10 -31.24
CA ASP A 58 10.90 -20.45 -30.69
C ASP A 58 9.62 -21.12 -31.19
N HIS A 59 9.67 -21.75 -32.36
CA HIS A 59 8.52 -22.49 -32.85
C HIS A 59 8.26 -23.74 -32.03
N TRP A 60 9.33 -24.47 -31.69
CA TRP A 60 9.17 -25.70 -30.92
C TRP A 60 8.83 -25.41 -29.46
N GLU A 61 9.33 -24.31 -28.91
CA GLU A 61 8.98 -23.94 -27.55
C GLU A 61 7.51 -23.56 -27.43
N ARG A 62 7.00 -22.78 -28.39
CA ARG A 62 5.62 -22.35 -28.34
C ARG A 62 4.67 -23.54 -28.42
N TYR A 63 4.86 -24.43 -29.40
CA TYR A 63 3.97 -25.57 -29.55
C TYR A 63 4.16 -26.62 -28.47
N THR A 64 5.33 -26.65 -27.82
CA THR A 64 5.47 -27.48 -26.62
C THR A 64 4.50 -27.05 -25.54
N GLN A 65 4.34 -25.74 -25.35
CA GLN A 65 3.37 -25.24 -24.37
C GLN A 65 1.94 -25.56 -24.78
N LEU A 66 1.63 -25.39 -26.06
CA LEU A 66 0.27 -25.67 -26.53
C LEU A 66 -0.08 -27.14 -26.37
N LEU A 67 0.84 -28.04 -26.73
CA LEU A 67 0.56 -29.46 -26.63
CA LEU A 67 0.60 -29.47 -26.62
C LEU A 67 0.42 -29.91 -25.18
N ARG A 68 1.14 -29.28 -24.25
CA ARG A 68 0.95 -29.62 -22.85
C ARG A 68 -0.47 -29.27 -22.39
N GLY A 69 -1.00 -28.15 -22.88
CA GLY A 69 -2.38 -27.83 -22.60
C GLY A 69 -3.35 -28.75 -23.33
N TRP A 70 -3.06 -29.06 -24.59
CA TRP A 70 -3.90 -29.99 -25.35
C TRP A 70 -3.87 -31.39 -24.76
N GLN A 71 -2.75 -31.80 -24.17
CA GLN A 71 -2.67 -33.09 -23.50
C GLN A 71 -3.67 -33.16 -22.36
N GLN A 72 -3.76 -32.11 -21.54
CA GLN A 72 -4.69 -32.10 -20.43
C GLN A 72 -6.13 -32.07 -20.91
N MET A 73 -6.40 -31.32 -21.99
CA MET A 73 -7.75 -31.28 -22.54
C MET A 73 -8.18 -32.65 -23.06
N PHE A 74 -7.26 -33.35 -23.73
CA PHE A 74 -7.57 -34.69 -24.21
C PHE A 74 -7.86 -35.64 -23.05
N LYS A 75 -7.15 -35.47 -21.93
CA LYS A 75 -7.40 -36.31 -20.76
C LYS A 75 -8.78 -36.04 -20.18
N VAL A 76 -9.19 -34.77 -20.12
CA VAL A 76 -10.50 -34.42 -19.59
C VAL A 76 -11.59 -34.95 -20.51
N GLU A 77 -11.40 -34.83 -21.82
CA GLU A 77 -12.41 -35.30 -22.76
C GLU A 77 -12.56 -36.82 -22.72
N LEU A 78 -11.45 -37.55 -22.63
CA LEU A 78 -11.52 -39.00 -22.54
C LEU A 78 -12.18 -39.44 -21.24
N LYS A 79 -11.87 -38.76 -20.13
CA LYS A 79 -12.50 -39.09 -18.86
C LYS A 79 -14.01 -38.88 -18.93
N ARG A 80 -14.44 -37.85 -19.67
CA ARG A 80 -15.88 -37.60 -19.82
C ARG A 80 -16.53 -38.69 -20.67
N LEU A 81 -15.88 -39.10 -21.76
CA LEU A 81 -16.46 -40.10 -22.65
C LEU A 81 -16.59 -41.44 -21.94
N GLN A 82 -15.53 -41.89 -21.27
CA GLN A 82 -15.55 -43.18 -20.61
C GLN A 82 -16.54 -43.21 -19.46
N ARG A 83 -16.75 -42.07 -18.78
CA ARG A 83 -17.75 -42.01 -17.74
C ARG A 83 -19.16 -42.12 -18.31
N HIS A 84 -19.41 -41.49 -19.47
CA HIS A 84 -20.72 -41.55 -20.09
C HIS A 84 -20.97 -42.90 -20.78
N TYR A 85 -19.92 -43.56 -21.25
CA TYR A 85 -20.07 -44.91 -21.76
C TYR A 85 -20.23 -45.95 -20.66
N ASN A 86 -19.99 -45.57 -19.40
CA ASN A 86 -20.01 -46.50 -18.27
C ASN A 86 -19.04 -47.66 -18.52
N HIS A 87 -17.89 -47.35 -19.09
CA HIS A 87 -16.88 -48.34 -19.44
C HIS A 87 -15.78 -48.35 -18.38
N SER A 88 -15.32 -49.55 -18.03
CA SER A 88 -14.19 -49.74 -17.13
C SER A 88 -12.97 -50.19 -17.92
N GLY A 89 -11.82 -50.11 -17.28
CA GLY A 89 -10.57 -50.50 -17.90
C GLY A 89 -9.96 -49.37 -18.72
N SER A 90 -9.10 -49.77 -19.66
CA SER A 90 -8.37 -48.84 -20.50
C SER A 90 -9.10 -48.70 -21.85
N HIS A 91 -9.29 -47.45 -22.27
CA HIS A 91 -9.92 -47.16 -23.55
C HIS A 91 -9.15 -46.04 -24.23
N THR A 92 -9.28 -45.96 -25.55
CA THR A 92 -8.51 -45.02 -26.35
C THR A 92 -9.39 -43.90 -26.88
N TYR A 93 -8.78 -42.73 -27.04
CA TYR A 93 -9.42 -41.55 -27.61
C TYR A 93 -8.49 -41.00 -28.67
N GLN A 94 -9.01 -40.79 -29.88
CA GLN A 94 -8.18 -40.39 -31.00
C GLN A 94 -8.79 -39.20 -31.72
N ARG A 95 -7.90 -38.38 -32.29
CA ARG A 95 -8.29 -37.18 -33.02
C ARG A 95 -7.45 -37.10 -34.29
N MET A 96 -8.05 -36.61 -35.36
CA MET A 96 -7.33 -36.43 -36.61
CA MET A 96 -7.37 -36.45 -36.64
C MET A 96 -7.87 -35.19 -37.33
N ILE A 97 -6.96 -34.28 -37.65
CA ILE A 97 -7.29 -33.06 -38.37
C ILE A 97 -6.28 -32.91 -39.50
N GLY A 98 -6.72 -32.28 -40.59
CA GLY A 98 -5.80 -32.09 -41.70
C GLY A 98 -6.49 -31.57 -42.94
N CYS A 99 -5.70 -31.47 -44.00
CA CYS A 99 -6.15 -30.90 -45.26
C CYS A 99 -5.34 -31.50 -46.40
N GLU A 100 -5.86 -31.37 -47.62
CA GLU A 100 -5.17 -31.79 -48.82
C GLU A 100 -5.16 -30.65 -49.83
N LEU A 101 -4.03 -30.51 -50.53
CA LEU A 101 -3.91 -29.58 -51.65
C LEU A 101 -3.78 -30.43 -52.91
N LEU A 102 -4.88 -30.56 -53.65
CA LEU A 102 -4.90 -31.47 -54.78
C LEU A 102 -4.11 -30.90 -55.95
N GLU A 103 -3.93 -31.75 -56.97
CA GLU A 103 -3.13 -31.38 -58.13
C GLU A 103 -3.76 -30.24 -58.92
N ASP A 104 -5.08 -30.27 -59.07
CA ASP A 104 -5.78 -29.25 -59.85
C ASP A 104 -5.90 -27.91 -59.14
N GLY A 105 -5.43 -27.80 -57.89
CA GLY A 105 -5.51 -26.58 -57.14
C GLY A 105 -6.62 -26.54 -56.11
N SER A 106 -7.55 -27.50 -56.14
CA SER A 106 -8.62 -27.55 -55.16
C SER A 106 -8.10 -28.07 -53.83
N THR A 107 -8.89 -27.86 -52.78
CA THR A 107 -8.50 -28.21 -51.42
C THR A 107 -9.61 -29.01 -50.74
N THR A 108 -9.21 -29.84 -49.78
CA THR A 108 -10.13 -30.52 -48.90
C THR A 108 -9.70 -30.30 -47.46
N GLY A 109 -10.65 -30.49 -46.54
CA GLY A 109 -10.38 -30.33 -45.12
C GLY A 109 -11.22 -31.26 -44.28
N PHE A 110 -10.66 -31.79 -43.21
CA PHE A 110 -11.35 -32.80 -42.42
C PHE A 110 -10.92 -32.73 -40.97
N LEU A 111 -11.84 -33.16 -40.10
CA LEU A 111 -11.59 -33.21 -38.66
C LEU A 111 -12.55 -34.21 -38.05
N GLN A 112 -12.01 -35.21 -37.34
CA GLN A 112 -12.86 -36.24 -36.77
C GLN A 112 -12.21 -36.82 -35.53
N TYR A 113 -13.03 -37.47 -34.70
CA TYR A 113 -12.60 -38.08 -33.46
C TYR A 113 -12.97 -39.56 -33.45
N ALA A 114 -12.32 -40.32 -32.56
CA ALA A 114 -12.58 -41.74 -32.45
C ALA A 114 -12.53 -42.16 -30.99
N TYR A 115 -13.33 -43.18 -30.66
CA TYR A 115 -13.30 -43.83 -29.35
C TYR A 115 -13.12 -45.32 -29.56
N ASP A 116 -12.04 -45.86 -29.01
CA ASP A 116 -11.68 -47.27 -29.17
C ASP A 116 -11.53 -47.66 -30.64
N GLY A 117 -10.92 -46.75 -31.42
CA GLY A 117 -10.63 -47.02 -32.80
C GLY A 117 -11.80 -46.98 -33.75
N GLN A 118 -12.96 -46.50 -33.31
CA GLN A 118 -14.14 -46.39 -34.15
C GLN A 118 -14.58 -44.94 -34.23
N ASP A 119 -15.17 -44.56 -35.37
CA ASP A 119 -15.64 -43.21 -35.57
C ASP A 119 -16.55 -42.77 -34.43
N PHE A 120 -16.34 -41.54 -33.96
CA PHE A 120 -17.10 -40.99 -32.86
C PHE A 120 -17.81 -39.69 -33.24
N LEU A 121 -17.07 -38.69 -33.70
CA LEU A 121 -17.63 -37.44 -34.19
C LEU A 121 -16.88 -37.05 -35.46
N ILE A 122 -17.63 -36.60 -36.46
CA ILE A 122 -17.06 -36.20 -37.75
C ILE A 122 -17.56 -34.80 -38.08
N PHE A 123 -16.62 -33.89 -38.37
CA PHE A 123 -16.96 -32.49 -38.63
C PHE A 123 -17.25 -32.27 -40.11
N ASN A 124 -18.30 -31.51 -40.37
CA ASN A 124 -18.67 -31.09 -41.72
C ASN A 124 -18.51 -29.58 -41.77
N LYS A 125 -17.44 -29.11 -42.43
CA LYS A 125 -17.14 -27.68 -42.47
C LYS A 125 -17.98 -26.92 -43.49
N ASP A 126 -18.82 -27.60 -44.27
CA ASP A 126 -19.73 -26.91 -45.18
C ASP A 126 -21.07 -26.62 -44.51
N THR A 127 -21.64 -27.63 -43.85
CA THR A 127 -22.86 -27.44 -43.08
C THR A 127 -22.59 -26.94 -41.65
N LEU A 128 -21.32 -26.88 -41.24
CA LEU A 128 -20.94 -26.39 -39.92
C LEU A 128 -21.67 -27.17 -38.82
N SER A 129 -21.46 -28.48 -38.82
CA SER A 129 -22.14 -29.36 -37.89
C SER A 129 -21.26 -30.58 -37.62
N TRP A 130 -21.61 -31.31 -36.57
CA TRP A 130 -20.91 -32.52 -36.16
C TRP A 130 -21.82 -33.72 -36.32
N LEU A 131 -21.29 -34.78 -36.93
CA LEU A 131 -22.03 -36.04 -37.08
C LEU A 131 -21.69 -36.96 -35.91
N ALA A 132 -22.70 -37.39 -35.18
CA ALA A 132 -22.53 -38.24 -34.00
C ALA A 132 -22.92 -39.67 -34.33
N VAL A 133 -22.13 -40.62 -33.84
CA VAL A 133 -22.39 -42.03 -34.12
C VAL A 133 -23.31 -42.67 -33.09
N ASP A 134 -23.32 -42.17 -31.85
CA ASP A 134 -24.19 -42.70 -30.81
C ASP A 134 -24.65 -41.53 -29.94
N ASN A 135 -25.30 -41.85 -28.82
CA ASN A 135 -25.85 -40.82 -27.95
C ASN A 135 -24.81 -40.20 -27.03
N VAL A 136 -23.72 -40.90 -26.74
CA VAL A 136 -22.61 -40.26 -26.04
C VAL A 136 -21.99 -39.18 -26.92
N ALA A 137 -21.80 -39.48 -28.21
CA ALA A 137 -21.33 -38.47 -29.15
C ALA A 137 -22.40 -37.41 -29.41
N HIS A 138 -23.68 -37.80 -29.37
CA HIS A 138 -24.75 -36.82 -29.54
C HIS A 138 -24.72 -35.76 -28.46
N THR A 139 -24.38 -36.15 -27.23
CA THR A 139 -24.26 -35.17 -26.15
C THR A 139 -23.10 -34.20 -26.41
N ILE A 140 -21.97 -34.72 -26.87
CA ILE A 140 -20.83 -33.85 -27.18
C ILE A 140 -21.16 -32.96 -28.37
N LYS A 141 -21.88 -33.50 -29.36
CA LYS A 141 -22.28 -32.70 -30.52
C LYS A 141 -23.11 -31.50 -30.11
N GLN A 142 -24.03 -31.69 -29.16
CA GLN A 142 -24.87 -30.58 -28.71
C GLN A 142 -24.03 -29.47 -28.09
N ALA A 143 -23.05 -29.83 -27.25
CA ALA A 143 -22.24 -28.83 -26.57
C ALA A 143 -21.34 -28.11 -27.56
N TRP A 144 -20.76 -28.83 -28.52
CA TRP A 144 -19.85 -28.21 -29.47
C TRP A 144 -20.58 -27.30 -30.45
N GLU A 145 -21.78 -27.70 -30.88
CA GLU A 145 -22.53 -26.91 -31.84
C GLU A 145 -23.18 -25.68 -31.22
N ALA A 146 -23.28 -25.63 -29.88
CA ALA A 146 -23.75 -24.41 -29.23
C ALA A 146 -22.70 -23.32 -29.25
N ASN A 147 -21.44 -23.66 -29.53
CA ASN A 147 -20.35 -22.70 -29.64
C ASN A 147 -20.12 -22.45 -31.13
N GLN A 148 -20.95 -21.59 -31.70
CA GLN A 148 -20.94 -21.36 -33.14
C GLN A 148 -19.61 -20.76 -33.59
N HIS A 149 -19.01 -19.88 -32.77
CA HIS A 149 -17.75 -19.28 -33.14
C HIS A 149 -16.64 -20.32 -33.29
N GLU A 150 -16.70 -21.39 -32.51
CA GLU A 150 -15.66 -22.43 -32.61
C GLU A 150 -15.80 -23.23 -33.90
N LEU A 151 -17.04 -23.45 -34.35
CA LEU A 151 -17.25 -24.11 -35.64
C LEU A 151 -16.70 -23.27 -36.77
N LEU A 152 -16.94 -21.96 -36.73
CA LEU A 152 -16.40 -21.06 -37.75
C LEU A 152 -14.87 -21.03 -37.69
N TYR A 153 -14.32 -21.07 -36.48
CA TYR A 153 -12.86 -21.11 -36.33
C TYR A 153 -12.28 -22.36 -36.98
N GLN A 154 -12.93 -23.51 -36.79
CA GLN A 154 -12.42 -24.74 -37.39
CA GLN A 154 -12.45 -24.76 -37.38
C GLN A 154 -12.55 -24.73 -38.90
N LYS A 155 -13.60 -24.10 -39.43
CA LYS A 155 -13.72 -23.99 -40.89
C LYS A 155 -12.61 -23.14 -41.47
N ASN A 156 -12.27 -22.03 -40.80
CA ASN A 156 -11.20 -21.17 -41.31
C ASN A 156 -9.84 -21.84 -41.22
N TRP A 157 -9.57 -22.55 -40.12
CA TRP A 157 -8.27 -23.18 -39.98
C TRP A 157 -8.08 -24.29 -41.01
N LEU A 158 -9.13 -25.07 -41.28
CA LEU A 158 -9.01 -26.17 -42.24
C LEU A 158 -8.83 -25.65 -43.65
N GLU A 159 -9.54 -24.59 -44.02
CA GLU A 159 -9.52 -24.11 -45.39
C GLU A 159 -8.40 -23.11 -45.67
N GLU A 160 -7.94 -22.38 -44.66
CA GLU A 160 -6.94 -21.33 -44.86
C GLU A 160 -5.62 -21.65 -44.17
N GLU A 161 -5.64 -21.86 -42.85
CA GLU A 161 -4.39 -22.03 -42.11
C GLU A 161 -3.71 -23.35 -42.45
N CYS A 162 -4.49 -24.43 -42.51
CA CYS A 162 -3.90 -25.75 -42.80
C CYS A 162 -3.25 -25.77 -44.17
N ILE A 163 -3.93 -25.20 -45.18
CA ILE A 163 -3.35 -25.16 -46.52
C ILE A 163 -2.09 -24.30 -46.54
N ALA A 164 -2.08 -23.23 -45.75
CA ALA A 164 -0.91 -22.37 -45.70
C ALA A 164 0.26 -23.06 -45.01
N TRP A 165 -0.01 -23.79 -43.91
CA TRP A 165 1.03 -24.60 -43.29
C TRP A 165 1.57 -25.65 -44.26
N LEU A 166 0.68 -26.26 -45.05
CA LEU A 166 1.08 -27.31 -45.97
C LEU A 166 2.00 -26.78 -47.05
N LYS A 167 1.65 -25.64 -47.66
CA LYS A 167 2.53 -25.05 -48.67
C LYS A 167 3.87 -24.67 -48.07
N ARG A 168 3.89 -24.26 -46.81
CA ARG A 168 5.15 -23.91 -46.15
C ARG A 168 6.02 -25.14 -45.94
N PHE A 169 5.43 -26.24 -45.45
CA PHE A 169 6.20 -27.47 -45.26
C PHE A 169 6.59 -28.09 -46.59
N LEU A 170 5.76 -27.93 -47.62
CA LEU A 170 6.09 -28.47 -48.93
CA LEU A 170 6.08 -28.46 -48.94
C LEU A 170 7.36 -27.84 -49.48
N GLU A 171 7.56 -26.54 -49.23
CA GLU A 171 8.78 -25.88 -49.69
C GLU A 171 9.98 -26.28 -48.83
N TYR A 172 9.77 -26.48 -47.53
CA TYR A 172 10.85 -26.89 -46.65
C TYR A 172 11.48 -28.20 -47.11
N GLY A 173 10.65 -29.21 -47.38
CA GLY A 173 11.14 -30.50 -47.78
C GLY A 173 10.86 -30.86 -49.23
N LYS A 174 11.01 -29.89 -50.13
CA LYS A 174 10.74 -30.13 -51.54
C LYS A 174 11.69 -31.17 -52.14
N ASP A 175 12.92 -31.22 -51.66
CA ASP A 175 13.88 -32.22 -52.16
C ASP A 175 13.43 -33.64 -51.85
N THR A 176 12.63 -33.82 -50.80
CA THR A 176 12.08 -35.12 -50.45
C THR A 176 10.67 -35.32 -50.99
N LEU A 177 9.79 -34.34 -50.77
CA LEU A 177 8.37 -34.52 -51.04
C LEU A 177 8.04 -34.43 -52.53
N GLN A 178 8.82 -33.67 -53.30
CA GLN A 178 8.49 -33.40 -54.69
C GLN A 178 9.40 -34.12 -55.67
N ARG A 179 10.25 -35.03 -55.19
CA ARG A 179 11.10 -35.81 -56.07
C ARG A 179 10.31 -36.98 -56.66
N THR A 180 10.90 -37.62 -57.66
CA THR A 180 10.28 -38.77 -58.31
C THR A 180 11.33 -39.83 -58.53
N GLU A 181 11.13 -41.02 -57.96
CA GLU A 181 11.97 -42.18 -58.24
C GLU A 181 11.12 -43.22 -58.94
N PRO A 182 11.39 -43.52 -60.22
CA PRO A 182 10.52 -44.45 -60.94
C PRO A 182 10.67 -45.86 -60.39
N PRO A 183 9.63 -46.69 -60.52
CA PRO A 183 9.72 -48.07 -60.01
C PRO A 183 10.48 -48.99 -60.95
N LEU A 184 11.07 -50.02 -60.35
CA LEU A 184 11.67 -51.13 -61.09
C LEU A 184 10.65 -52.28 -61.07
N VAL A 185 10.09 -52.60 -62.23
CA VAL A 185 8.97 -53.53 -62.34
C VAL A 185 9.44 -54.79 -63.04
N ARG A 186 9.02 -55.95 -62.51
CA ARG A 186 9.35 -57.24 -63.07
C ARG A 186 8.15 -58.18 -62.92
N VAL A 187 8.20 -59.29 -63.64
CA VAL A 187 7.16 -60.31 -63.59
C VAL A 187 7.83 -61.67 -63.44
N ASN A 188 7.34 -62.47 -62.49
CA ASN A 188 7.82 -63.83 -62.30
C ASN A 188 6.65 -64.73 -61.96
N ARG A 189 6.91 -66.05 -61.98
CA ARG A 189 5.90 -67.05 -61.73
C ARG A 189 6.11 -67.68 -60.35
N LYS A 190 5.00 -67.98 -59.67
CA LYS A 190 5.05 -68.60 -58.36
C LYS A 190 3.75 -69.33 -58.05
N THR A 197 -0.60 -71.84 -59.95
CA THR A 197 0.38 -71.02 -60.66
C THR A 197 -0.17 -69.62 -60.91
N ALA A 198 0.57 -68.61 -60.47
CA ALA A 198 0.13 -67.22 -60.58
C ALA A 198 1.26 -66.36 -61.13
N LEU A 199 0.87 -65.29 -61.83
CA LEU A 199 1.82 -64.32 -62.34
C LEU A 199 1.93 -63.16 -61.36
N PHE A 200 3.12 -62.98 -60.78
CA PHE A 200 3.37 -61.92 -59.81
C PHE A 200 4.07 -60.75 -60.49
N CYS A 201 3.43 -59.59 -60.50
CA CYS A 201 4.03 -58.36 -60.99
C CYS A 201 4.52 -57.57 -59.78
N LYS A 202 5.82 -57.34 -59.71
CA LYS A 202 6.44 -56.72 -58.55
C LYS A 202 7.15 -55.44 -58.95
N ALA A 203 6.97 -54.39 -58.15
CA ALA A 203 7.65 -53.12 -58.31
C ALA A 203 8.32 -52.72 -57.00
N HIS A 204 9.43 -51.99 -57.11
CA HIS A 204 10.16 -51.58 -55.92
C HIS A 204 11.01 -50.39 -56.26
N GLY A 205 11.46 -49.69 -55.21
CA GLY A 205 12.37 -48.58 -55.40
C GLY A 205 11.73 -47.29 -55.83
N PHE A 206 10.41 -47.16 -55.72
CA PHE A 206 9.71 -46.00 -56.23
C PHE A 206 9.32 -45.04 -55.11
N TYR A 207 9.21 -43.76 -55.48
CA TYR A 207 8.69 -42.68 -54.66
C TYR A 207 8.09 -41.67 -55.62
N PRO A 208 6.91 -41.09 -55.32
CA PRO A 208 6.06 -41.26 -54.13
C PRO A 208 5.43 -42.65 -54.02
N PRO A 209 4.93 -43.01 -52.84
CA PRO A 209 4.36 -44.35 -52.65
C PRO A 209 3.09 -44.58 -53.45
N GLU A 210 2.41 -43.54 -53.92
CA GLU A 210 1.19 -43.73 -54.69
C GLU A 210 1.51 -44.38 -56.03
N ILE A 211 0.91 -45.55 -56.28
CA ILE A 211 1.17 -46.31 -57.49
C ILE A 211 -0.05 -47.17 -57.79
N TYR A 212 -0.28 -47.41 -59.08
CA TYR A 212 -1.43 -48.19 -59.54
C TYR A 212 -0.91 -49.39 -60.33
N MET A 213 -1.10 -50.59 -59.79
CA MET A 213 -0.69 -51.83 -60.43
C MET A 213 -1.92 -52.70 -60.65
N THR A 214 -2.04 -53.26 -61.85
CA THR A 214 -3.17 -54.12 -62.18
C THR A 214 -2.76 -55.07 -63.30
N TRP A 215 -3.59 -56.08 -63.50
CA TRP A 215 -3.39 -57.06 -64.56
C TRP A 215 -4.49 -56.94 -65.60
N MET A 216 -4.11 -57.19 -66.86
CA MET A 216 -5.03 -57.17 -67.99
C MET A 216 -4.96 -58.51 -68.70
N LYS A 217 -6.12 -59.09 -68.97
CA LYS A 217 -6.23 -60.37 -69.67
C LYS A 217 -6.80 -60.11 -71.06
N ASN A 218 -5.94 -60.21 -72.07
CA ASN A 218 -6.33 -59.95 -73.47
C ASN A 218 -6.90 -58.55 -73.63
N GLY A 219 -6.30 -57.58 -72.94
CA GLY A 219 -6.71 -56.20 -73.00
C GLY A 219 -7.90 -55.84 -72.12
N GLU A 220 -8.42 -56.78 -71.35
CA GLU A 220 -9.56 -56.55 -70.47
C GLU A 220 -9.12 -56.70 -69.02
N GLU A 221 -9.44 -55.70 -68.21
CA GLU A 221 -9.14 -55.73 -66.79
C GLU A 221 -10.25 -56.46 -66.04
N ILE A 222 -9.87 -57.48 -65.29
CA ILE A 222 -10.80 -58.26 -64.46
C ILE A 222 -10.34 -58.08 -63.03
N VAL A 223 -10.90 -57.06 -62.35
CA VAL A 223 -10.46 -56.73 -61.00
C VAL A 223 -10.83 -57.79 -59.98
N GLN A 224 -11.81 -58.64 -60.28
CA GLN A 224 -12.28 -59.61 -59.29
C GLN A 224 -11.25 -60.70 -59.02
N GLU A 225 -10.52 -61.10 -60.06
CA GLU A 225 -9.56 -62.20 -59.96
C GLU A 225 -8.13 -61.73 -59.75
N ILE A 226 -7.93 -60.45 -59.47
CA ILE A 226 -6.60 -59.89 -59.22
C ILE A 226 -6.40 -59.77 -57.72
N ASP A 227 -5.26 -60.26 -57.23
CA ASP A 227 -4.87 -60.10 -55.84
C ASP A 227 -3.92 -58.91 -55.74
N TYR A 228 -4.28 -57.91 -54.94
CA TYR A 228 -3.50 -56.71 -54.78
C TYR A 228 -2.69 -56.76 -53.48
N GLY A 229 -1.39 -56.52 -53.59
CA GLY A 229 -0.56 -56.38 -52.42
C GLY A 229 -0.48 -54.94 -51.94
N ASP A 230 -0.12 -54.78 -50.66
CA ASP A 230 -0.07 -53.45 -50.07
C ASP A 230 1.20 -52.72 -50.51
N ILE A 231 1.12 -51.40 -50.53
CA ILE A 231 2.27 -50.56 -50.80
C ILE A 231 3.09 -50.47 -49.51
N LEU A 232 4.24 -51.13 -49.50
CA LEU A 232 4.99 -51.30 -48.27
C LEU A 232 6.26 -50.46 -48.28
N PRO A 233 6.66 -49.92 -47.13
CA PRO A 233 7.93 -49.17 -47.07
C PRO A 233 9.11 -50.12 -47.10
N SER A 234 10.11 -49.77 -47.90
CA SER A 234 11.33 -50.57 -48.00
C SER A 234 12.36 -50.23 -46.94
N GLY A 235 12.21 -49.08 -46.27
CA GLY A 235 13.12 -48.68 -45.22
C GLY A 235 14.16 -47.67 -45.63
N ASP A 236 14.30 -47.39 -46.92
CA ASP A 236 15.29 -46.45 -47.42
C ASP A 236 14.67 -45.19 -48.00
N GLY A 237 13.38 -44.96 -47.77
CA GLY A 237 12.67 -43.84 -48.37
C GLY A 237 11.86 -44.19 -49.59
N THR A 238 12.03 -45.39 -50.14
CA THR A 238 11.27 -45.86 -51.29
C THR A 238 10.31 -46.95 -50.84
N TYR A 239 9.47 -47.39 -51.78
CA TYR A 239 8.39 -48.32 -51.48
C TYR A 239 8.37 -49.45 -52.50
N GLN A 240 7.61 -50.50 -52.17
CA GLN A 240 7.45 -51.65 -53.04
C GLN A 240 6.01 -52.15 -52.96
N ALA A 241 5.54 -52.74 -54.05
CA ALA A 241 4.19 -53.26 -54.12
C ALA A 241 4.16 -54.39 -55.15
N TRP A 242 3.03 -55.10 -55.18
CA TRP A 242 2.89 -56.21 -56.10
C TRP A 242 1.42 -56.46 -56.39
N ALA A 243 1.17 -57.31 -57.39
CA ALA A 243 -0.18 -57.71 -57.77
C ALA A 243 -0.08 -59.02 -58.53
N SER A 244 -0.90 -60.00 -58.14
CA SER A 244 -0.86 -61.32 -58.75
C SER A 244 -2.20 -61.65 -59.38
N ILE A 245 -2.16 -62.59 -60.34
CA ILE A 245 -3.35 -63.09 -61.00
C ILE A 245 -3.15 -64.57 -61.30
N GLU A 246 -4.22 -65.35 -61.21
CA GLU A 246 -4.13 -66.79 -61.39
C GLU A 246 -4.14 -67.17 -62.87
N LEU A 247 -3.25 -68.09 -63.23
CA LEU A 247 -3.11 -68.54 -64.61
C LEU A 247 -4.11 -69.65 -64.91
N ASP A 248 -4.72 -69.56 -66.10
CA ASP A 248 -5.63 -70.58 -66.60
C ASP A 248 -4.80 -71.73 -67.19
N PRO A 249 -4.82 -72.91 -66.56
CA PRO A 249 -4.04 -74.03 -67.12
C PRO A 249 -4.67 -74.64 -68.35
N GLN A 250 -5.95 -74.37 -68.62
CA GLN A 250 -6.63 -75.01 -69.73
C GLN A 250 -6.49 -74.23 -71.03
N SER A 251 -6.27 -72.92 -70.95
CA SER A 251 -6.19 -72.08 -72.14
C SER A 251 -5.14 -71.01 -71.95
N SER A 252 -4.45 -70.67 -73.03
CA SER A 252 -3.48 -69.57 -73.01
C SER A 252 -4.22 -68.24 -73.15
N ASN A 253 -3.64 -67.21 -72.54
CA ASN A 253 -4.20 -65.87 -72.62
C ASN A 253 -3.06 -64.87 -72.72
N LEU A 254 -3.41 -63.63 -73.07
CA LEU A 254 -2.44 -62.55 -73.22
C LEU A 254 -2.50 -61.70 -71.95
N TYR A 255 -1.64 -62.03 -70.99
CA TYR A 255 -1.57 -61.29 -69.74
C TYR A 255 -0.50 -60.21 -69.82
N SER A 256 -0.81 -59.05 -69.24
CA SER A 256 0.14 -57.93 -69.24
C SER A 256 -0.06 -57.12 -67.97
N CYS A 257 1.03 -56.83 -67.28
CA CYS A 257 0.98 -55.99 -66.09
C CYS A 257 1.00 -54.52 -66.47
N HIS A 258 0.14 -53.73 -65.83
CA HIS A 258 0.04 -52.30 -66.08
C HIS A 258 0.37 -51.57 -64.80
N VAL A 259 1.35 -50.66 -64.86
CA VAL A 259 1.80 -49.89 -63.71
C VAL A 259 1.79 -48.42 -64.10
N GLU A 260 1.14 -47.59 -63.27
CA GLU A 260 1.16 -46.16 -63.44
C GLU A 260 1.75 -45.51 -62.19
N HIS A 261 2.70 -44.60 -62.38
CA HIS A 261 3.36 -43.96 -61.26
C HIS A 261 3.82 -42.57 -61.69
N SER A 262 3.27 -41.54 -61.05
CA SER A 262 3.71 -40.15 -61.22
C SER A 262 3.65 -39.72 -62.69
N GLY A 263 2.50 -39.97 -63.33
CA GLY A 263 2.27 -39.51 -64.68
C GLY A 263 2.90 -40.32 -65.78
N VAL A 264 3.43 -41.52 -65.48
CA VAL A 264 4.05 -42.38 -66.47
C VAL A 264 3.39 -43.75 -66.38
N HIS A 265 2.99 -44.29 -67.53
CA HIS A 265 2.34 -45.59 -67.58
CA HIS A 265 2.34 -45.59 -67.60
C HIS A 265 3.32 -46.63 -68.13
N MET A 266 3.22 -47.85 -67.61
CA MET A 266 4.12 -48.93 -68.00
CA MET A 266 4.12 -48.93 -68.00
C MET A 266 3.30 -50.19 -68.29
N VAL A 267 3.74 -50.94 -69.29
CA VAL A 267 3.09 -52.19 -69.67
C VAL A 267 4.17 -53.27 -69.78
N LEU A 268 3.98 -54.38 -69.08
CA LEU A 268 4.88 -55.53 -69.15
C LEU A 268 4.09 -56.71 -69.71
N GLN A 269 4.24 -56.96 -71.01
CA GLN A 269 3.55 -58.07 -71.66
CA GLN A 269 3.54 -58.07 -71.65
C GLN A 269 4.27 -59.38 -71.34
N VAL A 270 3.49 -60.39 -70.95
CA VAL A 270 4.03 -61.71 -70.65
C VAL A 270 3.94 -62.56 -71.91
N PRO A 271 5.06 -63.07 -72.43
CA PRO A 271 5.05 -63.90 -73.64
C PRO A 271 4.34 -65.23 -73.44
N MET B 1 -16.28 -53.54 -27.52
CA MET B 1 -15.05 -52.98 -28.08
C MET B 1 -14.54 -53.83 -29.24
N ILE B 2 -14.14 -53.17 -30.32
CA ILE B 2 -13.63 -53.84 -31.51
C ILE B 2 -12.11 -53.74 -31.48
N GLN B 3 -11.46 -54.87 -31.26
CA GLN B 3 -10.01 -54.98 -31.34
C GLN B 3 -9.63 -55.61 -32.67
N ARG B 4 -8.66 -55.01 -33.35
CA ARG B 4 -8.24 -55.44 -34.68
C ARG B 4 -6.87 -56.08 -34.60
N THR B 5 -6.75 -57.29 -35.14
CA THR B 5 -5.51 -58.06 -35.09
C THR B 5 -4.49 -57.49 -36.09
N PRO B 6 -3.20 -57.58 -35.77
CA PRO B 6 -2.18 -57.03 -36.67
C PRO B 6 -2.05 -57.85 -37.94
N LYS B 7 -1.78 -57.15 -39.04
CA LYS B 7 -1.38 -57.77 -40.30
C LYS B 7 0.13 -57.74 -40.39
N ILE B 8 0.74 -58.91 -40.57
CA ILE B 8 2.18 -59.08 -40.52
C ILE B 8 2.68 -59.45 -41.91
N GLN B 9 3.64 -58.68 -42.41
CA GLN B 9 4.23 -58.92 -43.72
C GLN B 9 5.74 -58.84 -43.59
N VAL B 10 6.43 -59.91 -43.98
CA VAL B 10 7.88 -60.01 -43.90
C VAL B 10 8.44 -59.98 -45.31
N TYR B 11 9.44 -59.12 -45.53
CA TYR B 11 9.99 -58.93 -46.86
C TYR B 11 11.36 -58.27 -46.73
N SER B 12 12.11 -58.30 -47.82
CA SER B 12 13.42 -57.68 -47.88
C SER B 12 13.33 -56.31 -48.58
N ARG B 13 14.27 -55.43 -48.26
CA ARG B 13 14.29 -54.11 -48.86
C ARG B 13 14.47 -54.20 -50.38
N HIS B 14 15.52 -54.90 -50.81
CA HIS B 14 15.78 -55.16 -52.22
C HIS B 14 15.47 -56.62 -52.54
N PRO B 15 15.30 -56.95 -53.83
CA PRO B 15 15.24 -58.37 -54.21
C PRO B 15 16.45 -59.13 -53.69
N ALA B 16 16.22 -60.18 -52.93
CA ALA B 16 17.29 -60.83 -52.18
C ALA B 16 18.06 -61.81 -53.05
N GLU B 17 19.39 -61.73 -52.97
CA GLU B 17 20.29 -62.71 -53.56
C GLU B 17 21.27 -63.17 -52.49
N ASN B 18 21.59 -64.46 -52.49
CA ASN B 18 22.44 -65.01 -51.44
C ASN B 18 23.82 -64.38 -51.47
N GLY B 19 24.33 -64.06 -50.28
CA GLY B 19 25.65 -63.45 -50.15
C GLY B 19 25.69 -61.96 -50.38
N LYS B 20 24.56 -61.30 -50.56
CA LYS B 20 24.50 -59.87 -50.79
C LYS B 20 23.78 -59.20 -49.63
N SER B 21 24.36 -58.12 -49.11
CA SER B 21 23.81 -57.46 -47.94
C SER B 21 22.45 -56.85 -48.26
N ASN B 22 21.52 -56.99 -47.32
CA ASN B 22 20.14 -56.55 -47.53
C ASN B 22 19.56 -56.13 -46.18
N PHE B 23 18.26 -55.84 -46.17
CA PHE B 23 17.53 -55.47 -44.96
C PHE B 23 16.26 -56.29 -44.87
N LEU B 24 16.04 -56.95 -43.74
CA LEU B 24 14.84 -57.73 -43.51
C LEU B 24 13.80 -56.86 -42.82
N ASN B 25 12.66 -56.66 -43.47
CA ASN B 25 11.60 -55.81 -42.96
C ASN B 25 10.45 -56.65 -42.42
N CYS B 26 9.85 -56.18 -41.33
CA CYS B 26 8.59 -56.72 -40.81
C CYS B 26 7.63 -55.56 -40.61
N TYR B 27 6.67 -55.43 -41.51
CA TYR B 27 5.70 -54.33 -41.49
C TYR B 27 4.43 -54.82 -40.81
N VAL B 28 4.17 -54.30 -39.61
CA VAL B 28 3.00 -54.66 -38.82
C VAL B 28 2.03 -53.48 -38.88
N SER B 29 0.80 -53.76 -39.30
CA SER B 29 -0.15 -52.68 -39.59
C SER B 29 -1.56 -53.11 -39.24
N GLY B 30 -2.45 -52.12 -39.18
CA GLY B 30 -3.88 -52.35 -39.06
C GLY B 30 -4.37 -52.78 -37.69
N PHE B 31 -3.55 -52.72 -36.66
CA PHE B 31 -3.93 -53.22 -35.35
C PHE B 31 -4.43 -52.10 -34.45
N HIS B 32 -5.19 -52.49 -33.43
CA HIS B 32 -5.75 -51.58 -32.44
C HIS B 32 -6.17 -52.41 -31.22
N PRO B 33 -5.80 -52.00 -29.99
CA PRO B 33 -5.02 -50.81 -29.63
C PRO B 33 -3.53 -50.87 -29.96
N SER B 34 -2.75 -49.92 -29.43
CA SER B 34 -1.40 -49.67 -29.90
C SER B 34 -0.33 -50.54 -29.26
N ASP B 35 -0.59 -51.13 -28.09
CA ASP B 35 0.40 -51.98 -27.46
C ASP B 35 0.68 -53.20 -28.33
N ILE B 36 1.97 -53.47 -28.57
CA ILE B 36 2.36 -54.57 -29.45
C ILE B 36 3.82 -54.89 -29.19
N GLU B 37 4.18 -56.15 -29.38
CA GLU B 37 5.56 -56.64 -29.25
C GLU B 37 5.96 -57.32 -30.55
N VAL B 38 7.10 -56.92 -31.10
CA VAL B 38 7.57 -57.44 -32.38
C VAL B 38 9.01 -57.90 -32.22
N ASP B 39 9.33 -59.09 -32.74
CA ASP B 39 10.68 -59.60 -32.74
C ASP B 39 10.98 -60.21 -34.10
N LEU B 40 12.22 -60.04 -34.55
CA LEU B 40 12.71 -60.69 -35.77
C LEU B 40 13.50 -61.93 -35.37
N LEU B 41 13.26 -63.02 -36.08
CA LEU B 41 13.83 -64.32 -35.74
C LEU B 41 14.80 -64.77 -36.83
N LYS B 42 15.97 -65.23 -36.41
CA LYS B 42 16.94 -65.88 -37.30
C LYS B 42 17.09 -67.32 -36.83
N ASN B 43 16.55 -68.26 -37.62
CA ASN B 43 16.56 -69.68 -37.28
C ASN B 43 15.88 -69.96 -35.94
N GLY B 44 14.89 -69.13 -35.59
CA GLY B 44 14.14 -69.29 -34.36
C GLY B 44 14.66 -68.48 -33.18
N GLU B 45 15.79 -67.80 -33.32
CA GLU B 45 16.37 -67.01 -32.25
C GLU B 45 16.11 -65.53 -32.48
N ARG B 46 15.87 -64.80 -31.40
CA ARG B 46 15.59 -63.37 -31.50
C ARG B 46 16.84 -62.61 -31.88
N ILE B 47 16.75 -61.81 -32.94
CA ILE B 47 17.88 -61.00 -33.39
C ILE B 47 18.04 -59.81 -32.45
N GLU B 48 19.27 -59.57 -32.02
CA GLU B 48 19.55 -58.53 -31.02
C GLU B 48 19.37 -57.13 -31.60
N LYS B 49 20.27 -56.73 -32.50
CA LYS B 49 20.24 -55.38 -33.08
C LYS B 49 19.12 -55.29 -34.10
N VAL B 50 17.93 -54.94 -33.62
CA VAL B 50 16.74 -54.79 -34.46
C VAL B 50 16.19 -53.38 -34.25
N GLU B 51 16.02 -52.64 -35.34
CA GLU B 51 15.50 -51.29 -35.31
C GLU B 51 14.01 -51.28 -35.63
N HIS B 52 13.37 -50.15 -35.33
CA HIS B 52 11.96 -50.00 -35.61
C HIS B 52 11.60 -48.52 -35.65
N SER B 53 10.68 -48.17 -36.53
CA SER B 53 10.19 -46.81 -36.62
C SER B 53 9.28 -46.50 -35.41
N ASP B 54 8.94 -45.22 -35.28
CA ASP B 54 8.00 -44.83 -34.24
C ASP B 54 6.59 -45.31 -34.57
N LEU B 55 5.74 -45.37 -33.55
CA LEU B 55 4.35 -45.72 -33.76
C LEU B 55 3.70 -44.75 -34.75
N SER B 56 3.00 -45.30 -35.73
CA SER B 56 2.41 -44.50 -36.79
C SER B 56 0.90 -44.69 -36.80
N PHE B 57 0.20 -43.68 -37.33
CA PHE B 57 -1.25 -43.60 -37.29
C PHE B 57 -1.82 -43.65 -38.70
N SER B 58 -2.92 -44.38 -38.85
CA SER B 58 -3.61 -44.51 -40.13
C SER B 58 -4.95 -43.77 -40.07
N LYS B 59 -5.53 -43.55 -41.26
CA LYS B 59 -6.78 -42.83 -41.35
C LYS B 59 -7.92 -43.56 -40.66
N ASP B 60 -7.93 -44.90 -40.70
CA ASP B 60 -8.97 -45.69 -40.07
C ASP B 60 -8.74 -45.89 -38.58
N TRP B 61 -7.87 -45.08 -37.97
CA TRP B 61 -7.52 -45.07 -36.56
C TRP B 61 -6.67 -46.26 -36.13
N SER B 62 -6.31 -47.15 -37.06
CA SER B 62 -5.40 -48.23 -36.73
C SER B 62 -3.96 -47.72 -36.74
N PHE B 63 -3.05 -48.55 -36.26
CA PHE B 63 -1.65 -48.19 -36.13
C PHE B 63 -0.79 -49.10 -37.00
N TYR B 64 0.44 -48.66 -37.25
CA TYR B 64 1.38 -49.49 -38.00
C TYR B 64 2.81 -49.15 -37.60
N LEU B 65 3.69 -50.13 -37.79
CA LEU B 65 5.09 -50.04 -37.43
C LEU B 65 5.93 -50.79 -38.46
N LEU B 66 7.21 -50.45 -38.51
CA LEU B 66 8.17 -51.12 -39.40
C LEU B 66 9.37 -51.54 -38.58
N TYR B 67 9.56 -52.85 -38.41
CA TYR B 67 10.72 -53.42 -37.76
C TYR B 67 11.68 -53.94 -38.82
N TYR B 68 12.97 -53.62 -38.66
CA TYR B 68 13.95 -53.98 -39.67
C TYR B 68 15.31 -54.23 -39.03
N THR B 69 16.10 -55.06 -39.69
CA THR B 69 17.48 -55.31 -39.30
C THR B 69 18.30 -55.62 -40.55
N GLU B 70 19.57 -55.26 -40.52
CA GLU B 70 20.46 -55.55 -41.63
C GLU B 70 20.96 -56.98 -41.55
N PHE B 71 21.00 -57.65 -42.70
CA PHE B 71 21.39 -59.06 -42.74
C PHE B 71 21.90 -59.40 -44.12
N THR B 72 22.55 -60.56 -44.21
CA THR B 72 22.97 -61.14 -45.49
C THR B 72 22.29 -62.49 -45.64
N PRO B 73 21.34 -62.63 -46.56
CA PRO B 73 20.61 -63.90 -46.67
C PRO B 73 21.51 -65.02 -47.20
N THR B 74 21.44 -66.17 -46.53
CA THR B 74 22.12 -67.37 -46.96
C THR B 74 21.08 -68.44 -47.28
N GLU B 75 21.53 -69.52 -47.92
CA GLU B 75 20.60 -70.57 -48.31
C GLU B 75 20.07 -71.34 -47.10
N LYS B 76 20.88 -71.49 -46.06
CA LYS B 76 20.47 -72.27 -44.90
C LYS B 76 19.64 -71.47 -43.91
N ASP B 77 19.95 -70.19 -43.74
CA ASP B 77 19.30 -69.39 -42.72
C ASP B 77 17.86 -69.04 -43.11
N GLU B 78 16.94 -69.30 -42.20
CA GLU B 78 15.54 -68.92 -42.36
C GLU B 78 15.21 -67.79 -41.39
N TYR B 79 14.34 -66.89 -41.82
CA TYR B 79 14.01 -65.70 -41.07
C TYR B 79 12.50 -65.61 -40.87
N ALA B 80 12.10 -64.98 -39.75
CA ALA B 80 10.70 -64.87 -39.40
C ALA B 80 10.48 -63.61 -38.58
N CYS B 81 9.21 -63.34 -38.29
CA CYS B 81 8.82 -62.19 -37.47
C CYS B 81 7.75 -62.66 -36.48
N ARG B 82 8.00 -62.40 -35.20
CA ARG B 82 7.11 -62.84 -34.13
C ARG B 82 6.42 -61.62 -33.54
N VAL B 83 5.09 -61.62 -33.54
CA VAL B 83 4.29 -60.49 -33.09
C VAL B 83 3.28 -60.97 -32.07
N ASN B 84 3.17 -60.26 -30.95
CA ASN B 84 2.17 -60.54 -29.93
C ASN B 84 1.29 -59.31 -29.75
N HIS B 85 0.00 -59.56 -29.52
CA HIS B 85 -0.98 -58.49 -29.41
C HIS B 85 -2.13 -58.97 -28.53
N VAL B 86 -2.92 -58.02 -28.05
CA VAL B 86 -4.07 -58.38 -27.21
C VAL B 86 -5.09 -59.19 -28.00
N THR B 87 -5.06 -59.10 -29.32
CA THR B 87 -5.94 -59.90 -30.18
C THR B 87 -5.41 -61.31 -30.41
N LEU B 88 -4.23 -61.64 -29.92
CA LEU B 88 -3.59 -62.92 -30.18
C LEU B 88 -3.51 -63.73 -28.89
N SER B 89 -3.98 -64.98 -28.96
CA SER B 89 -3.91 -65.86 -27.79
C SER B 89 -2.46 -66.17 -27.43
N GLN B 90 -1.62 -66.41 -28.43
CA GLN B 90 -0.19 -66.61 -28.28
C GLN B 90 0.50 -65.91 -29.44
N PRO B 91 1.81 -65.68 -29.32
CA PRO B 91 2.52 -64.99 -30.41
C PRO B 91 2.34 -65.69 -31.75
N LYS B 92 2.18 -64.90 -32.80
CA LYS B 92 2.08 -65.39 -34.17
C LYS B 92 3.39 -65.18 -34.90
N ILE B 93 3.86 -66.22 -35.57
CA ILE B 93 5.15 -66.19 -36.27
C ILE B 93 4.88 -66.24 -37.78
N VAL B 94 5.45 -65.28 -38.49
CA VAL B 94 5.35 -65.20 -39.95
C VAL B 94 6.76 -65.31 -40.51
N LYS B 95 6.98 -66.28 -41.39
CA LYS B 95 8.30 -66.55 -41.93
C LYS B 95 8.53 -65.79 -43.23
N TRP B 96 9.80 -65.44 -43.46
CA TRP B 96 10.19 -64.77 -44.71
C TRP B 96 10.07 -65.76 -45.87
N ASP B 97 9.28 -65.39 -46.88
CA ASP B 97 8.97 -66.31 -47.96
C ASP B 97 10.12 -66.41 -48.95
N ARG B 98 10.60 -65.27 -49.44
CA ARG B 98 11.65 -65.17 -50.46
C ARG B 98 11.46 -66.16 -51.61
N MET C 1 -21.61 1.94 13.91
CA MET C 1 -21.62 3.03 14.88
C MET C 1 -21.76 4.38 14.19
N ARG C 2 -22.46 5.31 14.84
CA ARG C 2 -22.71 6.62 14.25
C ARG C 2 -21.46 7.50 14.36
N THR C 3 -21.56 8.70 13.78
CA THR C 3 -20.45 9.64 13.82
C THR C 3 -20.36 10.29 15.19
N HIS C 4 -19.16 10.31 15.76
CA HIS C 4 -18.91 10.94 17.04
C HIS C 4 -17.73 11.89 16.92
N SER C 5 -17.66 12.84 17.85
CA SER C 5 -16.61 13.85 17.80
C SER C 5 -16.22 14.26 19.21
N LEU C 6 -14.94 14.61 19.35
CA LEU C 6 -14.39 15.20 20.56
C LEU C 6 -13.73 16.52 20.18
N ARG C 7 -13.98 17.57 20.98
CA ARG C 7 -13.41 18.87 20.69
CA ARG C 7 -13.44 18.88 20.68
C ARG C 7 -13.32 19.68 21.97
N TYR C 8 -12.33 20.57 22.02
CA TYR C 8 -12.08 21.46 23.15
C TYR C 8 -12.05 22.89 22.67
N PHE C 9 -12.70 23.78 23.42
CA PHE C 9 -12.73 25.20 23.12
C PHE C 9 -11.97 25.98 24.17
N ARG C 10 -11.39 27.10 23.75
CA ARG C 10 -10.76 28.05 24.65
C ARG C 10 -11.26 29.45 24.32
N LEU C 11 -11.56 30.23 25.35
CA LEU C 11 -12.02 31.60 25.19
C LEU C 11 -11.19 32.50 26.08
N GLY C 12 -10.48 33.45 25.47
CA GLY C 12 -9.73 34.46 26.19
C GLY C 12 -10.34 35.83 25.97
N VAL C 13 -10.62 36.52 27.07
CA VAL C 13 -11.21 37.85 27.05
C VAL C 13 -10.25 38.81 27.74
N SER C 14 -9.77 39.81 27.00
CA SER C 14 -8.91 40.83 27.58
C SER C 14 -9.76 41.92 28.24
N ASP C 15 -9.28 42.41 29.38
CA ASP C 15 -9.99 43.42 30.17
C ASP C 15 -11.46 43.07 30.37
N PRO C 16 -11.76 41.89 30.91
CA PRO C 16 -13.16 41.51 31.09
C PRO C 16 -13.81 42.35 32.16
N ILE C 17 -15.07 42.74 31.93
CA ILE C 17 -15.82 43.50 32.92
C ILE C 17 -16.36 42.55 33.98
N HIS C 18 -17.10 43.08 34.94
CA HIS C 18 -17.55 42.28 36.09
C HIS C 18 -18.42 41.11 35.64
N GLY C 19 -18.04 39.91 36.07
CA GLY C 19 -18.81 38.71 35.84
C GLY C 19 -18.30 37.83 34.71
N VAL C 20 -17.34 38.30 33.93
CA VAL C 20 -16.82 37.55 32.79
C VAL C 20 -15.44 37.03 33.15
N PRO C 21 -15.21 35.72 33.11
CA PRO C 21 -13.86 35.20 33.36
C PRO C 21 -12.91 35.62 32.26
N GLU C 22 -11.63 35.75 32.63
CA GLU C 22 -10.61 36.11 31.65
C GLU C 22 -10.32 34.96 30.70
N PHE C 23 -10.51 33.72 31.15
CA PHE C 23 -10.18 32.54 30.37
C PHE C 23 -11.19 31.44 30.68
N ILE C 24 -11.67 30.76 29.64
CA ILE C 24 -12.63 29.67 29.78
C ILE C 24 -12.22 28.56 28.82
N SER C 25 -12.29 27.32 29.30
CA SER C 25 -12.02 26.16 28.48
C SER C 25 -13.07 25.08 28.77
N VAL C 26 -13.69 24.57 27.71
CA VAL C 26 -14.74 23.56 27.82
C VAL C 26 -14.51 22.49 26.77
N GLY C 27 -14.72 21.23 27.16
CA GLY C 27 -14.60 20.10 26.26
C GLY C 27 -15.96 19.48 26.00
N TYR C 28 -16.12 18.93 24.79
CA TYR C 28 -17.39 18.32 24.37
C TYR C 28 -17.12 16.96 23.74
N VAL C 29 -18.02 16.02 24.00
CA VAL C 29 -18.15 14.80 23.21
C VAL C 29 -19.52 14.85 22.57
N ASP C 30 -19.55 14.99 21.24
CA ASP C 30 -20.76 15.32 20.48
C ASP C 30 -21.28 16.64 21.04
N SER C 31 -22.55 16.75 21.41
CA SER C 31 -23.09 17.98 21.98
C SER C 31 -23.13 17.95 23.51
N HIS C 32 -22.41 17.02 24.13
CA HIS C 32 -22.44 16.88 25.57
C HIS C 32 -21.20 17.50 26.19
N PRO C 33 -21.32 18.43 27.13
CA PRO C 33 -20.13 18.92 27.84
C PRO C 33 -19.55 17.82 28.72
N ILE C 34 -18.22 17.75 28.76
CA ILE C 34 -17.51 16.74 29.53
C ILE C 34 -16.57 17.35 30.55
N THR C 35 -15.90 18.45 30.21
CA THR C 35 -14.95 19.10 31.09
C THR C 35 -15.14 20.61 31.03
N THR C 36 -14.67 21.28 32.08
CA THR C 36 -14.72 22.74 32.12
C THR C 36 -13.58 23.27 32.96
N TYR C 37 -13.17 24.50 32.65
CA TYR C 37 -12.15 25.21 33.40
C TYR C 37 -12.31 26.69 33.12
N ASP C 38 -12.10 27.52 34.13
CA ASP C 38 -12.09 28.96 33.94
C ASP C 38 -11.11 29.59 34.92
N SER C 39 -10.80 30.85 34.67
CA SER C 39 -9.80 31.59 35.45
C SER C 39 -10.29 31.97 36.84
N VAL C 40 -11.56 31.73 37.17
CA VAL C 40 -12.06 31.99 38.51
C VAL C 40 -11.91 30.78 39.41
N THR C 41 -12.36 29.61 38.94
CA THR C 41 -12.20 28.39 39.72
C THR C 41 -10.75 27.90 39.71
N ARG C 42 -10.05 28.09 38.59
CA ARG C 42 -8.68 27.59 38.41
C ARG C 42 -8.59 26.09 38.64
N GLN C 43 -9.67 25.37 38.34
CA GLN C 43 -9.74 23.93 38.51
C GLN C 43 -10.44 23.32 37.29
N LYS C 44 -9.94 22.17 36.84
CA LYS C 44 -10.62 21.41 35.80
C LYS C 44 -11.61 20.45 36.45
N GLU C 45 -12.86 20.52 36.00
CA GLU C 45 -13.94 19.77 36.62
C GLU C 45 -14.70 18.97 35.57
N PRO C 46 -15.21 17.79 35.95
CA PRO C 46 -16.07 17.04 35.03
C PRO C 46 -17.42 17.72 34.87
N ARG C 47 -17.99 17.60 33.67
CA ARG C 47 -19.30 18.17 33.37
C ARG C 47 -20.30 17.10 32.95
N ALA C 48 -19.93 15.82 33.06
CA ALA C 48 -20.83 14.71 32.80
C ALA C 48 -20.58 13.66 33.87
N PRO C 49 -21.63 12.99 34.34
CA PRO C 49 -21.43 11.99 35.41
C PRO C 49 -20.51 10.86 35.00
N TRP C 50 -20.61 10.38 33.76
CA TRP C 50 -19.76 9.28 33.32
C TRP C 50 -18.30 9.70 33.16
N MET C 51 -18.02 10.99 33.11
CA MET C 51 -16.63 11.45 33.14
C MET C 51 -16.07 11.45 34.56
N ALA C 52 -16.87 11.88 35.53
CA ALA C 52 -16.41 11.92 36.92
C ALA C 52 -16.21 10.53 37.49
N GLU C 53 -17.01 9.56 37.06
CA GLU C 53 -16.94 8.22 37.62
C GLU C 53 -15.81 7.38 37.04
N ASN C 54 -15.30 7.74 35.87
CA ASN C 54 -14.31 6.91 35.18
C ASN C 54 -12.93 7.54 35.10
N LEU C 55 -12.73 8.72 35.68
CA LEU C 55 -11.44 9.39 35.67
C LEU C 55 -11.03 9.71 37.10
N ALA C 56 -9.93 9.12 37.54
CA ALA C 56 -9.45 9.30 38.91
C ALA C 56 -9.03 10.75 39.15
N PRO C 57 -8.95 11.17 40.42
CA PRO C 57 -8.50 12.55 40.70
C PRO C 57 -7.12 12.88 40.15
N ASP C 58 -6.29 11.86 39.85
CA ASP C 58 -5.01 12.12 39.20
C ASP C 58 -5.20 12.83 37.86
N HIS C 59 -6.25 12.46 37.13
CA HIS C 59 -6.50 13.08 35.83
C HIS C 59 -6.86 14.55 35.99
N TRP C 60 -7.73 14.87 36.94
CA TRP C 60 -8.17 16.25 37.10
C TRP C 60 -7.08 17.13 37.71
N GLU C 61 -6.29 16.56 38.63
CA GLU C 61 -5.18 17.31 39.21
C GLU C 61 -4.13 17.65 38.17
N ARG C 62 -3.86 16.73 37.24
CA ARG C 62 -2.83 16.96 36.23
C ARG C 62 -3.24 18.05 35.25
N TYR C 63 -4.45 17.93 34.68
CA TYR C 63 -4.88 18.89 33.67
C TYR C 63 -5.26 20.23 34.27
N THR C 64 -5.52 20.30 35.57
CA THR C 64 -5.65 21.59 36.23
C THR C 64 -4.35 22.38 36.10
N GLN C 65 -3.21 21.73 36.29
CA GLN C 65 -1.93 22.40 36.14
C GLN C 65 -1.69 22.81 34.69
N LEU C 66 -2.06 21.96 33.74
CA LEU C 66 -1.86 22.28 32.33
C LEU C 66 -2.70 23.48 31.91
N LEU C 67 -3.97 23.51 32.33
CA LEU C 67 -4.86 24.60 31.93
C LEU C 67 -4.45 25.92 32.56
N ARG C 68 -3.87 25.89 33.76
CA ARG C 68 -3.33 27.11 34.34
C ARG C 68 -2.20 27.67 33.49
N GLY C 69 -1.34 26.79 32.96
CA GLY C 69 -0.33 27.24 32.01
C GLY C 69 -0.93 27.68 30.69
N TRP C 70 -1.91 26.92 30.18
CA TRP C 70 -2.57 27.30 28.94
C TRP C 70 -3.33 28.61 29.08
N GLN C 71 -3.87 28.88 30.28
CA GLN C 71 -4.49 30.17 30.54
C GLN C 71 -3.48 31.30 30.38
N GLN C 72 -2.27 31.11 30.90
CA GLN C 72 -1.24 32.13 30.75
C GLN C 72 -0.79 32.27 29.30
N MET C 73 -0.73 31.15 28.56
CA MET C 73 -0.44 31.21 27.13
C MET C 73 -1.43 32.11 26.41
N PHE C 74 -2.72 31.87 26.64
CA PHE C 74 -3.76 32.61 25.91
C PHE C 74 -3.69 34.10 26.22
N LYS C 75 -3.39 34.46 27.47
CA LYS C 75 -3.33 35.87 27.83
C LYS C 75 -2.20 36.59 27.10
N VAL C 76 -1.04 35.93 26.98
CA VAL C 76 0.09 36.54 26.29
C VAL C 76 -0.19 36.68 24.80
N GLU C 77 -0.73 35.61 24.19
CA GLU C 77 -1.00 35.66 22.75
C GLU C 77 -2.04 36.72 22.42
N LEU C 78 -3.06 36.87 23.26
CA LEU C 78 -4.06 37.91 23.02
C LEU C 78 -3.46 39.31 23.14
N LYS C 79 -2.50 39.49 24.04
CA LYS C 79 -1.82 40.78 24.15
C LYS C 79 -1.07 41.12 22.86
N ARG C 80 -0.34 40.14 22.32
CA ARG C 80 0.43 40.38 21.10
C ARG C 80 -0.47 40.61 19.90
N LEU C 81 -1.63 39.96 19.86
CA LEU C 81 -2.56 40.18 18.76
C LEU C 81 -3.11 41.60 18.77
N GLN C 82 -3.47 42.11 19.95
CA GLN C 82 -3.97 43.47 20.04
C GLN C 82 -2.88 44.47 19.65
N ARG C 83 -1.62 44.19 20.01
CA ARG C 83 -0.53 45.06 19.60
C ARG C 83 -0.34 45.03 18.09
N HIS C 84 -0.49 43.86 17.47
CA HIS C 84 -0.39 43.78 16.01
C HIS C 84 -1.47 44.62 15.33
N TYR C 85 -2.71 44.54 15.83
CA TYR C 85 -3.83 45.27 15.26
C TYR C 85 -3.93 46.70 15.76
N ASN C 86 -3.09 47.11 16.70
CA ASN C 86 -3.21 48.40 17.38
C ASN C 86 -4.63 48.54 17.97
N HIS C 87 -4.99 47.55 18.77
CA HIS C 87 -6.33 47.47 19.36
C HIS C 87 -6.26 47.72 20.86
N SER C 88 -7.21 48.52 21.35
CA SER C 88 -7.39 48.75 22.78
C SER C 88 -8.78 48.27 23.18
N GLY C 89 -9.02 48.24 24.48
CA GLY C 89 -10.30 47.77 24.98
C GLY C 89 -10.34 46.25 25.09
N SER C 90 -11.58 45.73 25.14
CA SER C 90 -11.81 44.32 25.35
C SER C 90 -11.91 43.60 24.01
N HIS C 91 -11.11 42.55 23.83
CA HIS C 91 -11.13 41.73 22.64
C HIS C 91 -11.09 40.27 23.05
N THR C 92 -11.47 39.39 22.12
CA THR C 92 -11.60 37.97 22.39
C THR C 92 -10.63 37.16 21.53
N TYR C 93 -10.18 36.05 22.09
CA TYR C 93 -9.30 35.10 21.42
C TYR C 93 -9.88 33.71 21.65
N GLN C 94 -10.01 32.93 20.59
CA GLN C 94 -10.69 31.64 20.67
C GLN C 94 -9.89 30.56 19.95
N ARG C 95 -10.00 29.34 20.46
CA ARG C 95 -9.29 28.18 19.93
C ARG C 95 -10.23 26.99 19.92
N MET C 96 -10.23 26.25 18.82
CA MET C 96 -11.02 25.02 18.69
C MET C 96 -10.14 23.94 18.10
N ILE C 97 -9.95 22.86 18.85
CA ILE C 97 -9.24 21.68 18.38
C ILE C 97 -10.15 20.48 18.61
N GLY C 98 -10.03 19.48 17.73
CA GLY C 98 -10.85 18.30 17.89
C GLY C 98 -10.70 17.35 16.73
N CYS C 99 -11.48 16.27 16.80
CA CYS C 99 -11.43 15.19 15.82
C CYS C 99 -12.79 14.53 15.73
N GLU C 100 -13.01 13.81 14.63
CA GLU C 100 -14.24 13.07 14.41
C GLU C 100 -13.92 11.65 14.02
N LEU C 101 -14.67 10.70 14.60
CA LEU C 101 -14.61 9.30 14.21
C LEU C 101 -15.85 9.02 13.38
N LEU C 102 -15.68 8.93 12.05
CA LEU C 102 -16.80 8.84 11.15
C LEU C 102 -17.43 7.45 11.18
N GLU C 103 -18.58 7.33 10.50
CA GLU C 103 -19.34 6.10 10.52
CA GLU C 103 -19.34 6.09 10.52
C GLU C 103 -18.62 4.97 9.77
N ASP C 104 -17.82 5.31 8.77
CA ASP C 104 -17.12 4.31 7.97
C ASP C 104 -15.75 3.95 8.53
N GLY C 105 -15.41 4.46 9.72
CA GLY C 105 -14.12 4.22 10.32
C GLY C 105 -13.07 5.29 10.02
N SER C 106 -13.30 6.12 9.01
CA SER C 106 -12.36 7.20 8.71
C SER C 106 -12.44 8.28 9.77
N THR C 107 -11.41 9.13 9.79
CA THR C 107 -11.28 10.15 10.82
C THR C 107 -11.04 11.51 10.18
N THR C 108 -11.39 12.56 10.92
CA THR C 108 -11.08 13.93 10.56
C THR C 108 -10.44 14.62 11.76
N GLY C 109 -9.79 15.74 11.49
CA GLY C 109 -9.16 16.53 12.54
C GLY C 109 -9.12 17.99 12.15
N PHE C 110 -9.16 18.85 13.16
CA PHE C 110 -9.20 20.28 12.92
C PHE C 110 -8.61 21.04 14.10
N LEU C 111 -7.97 22.16 13.80
CA LEU C 111 -7.41 23.05 14.81
C LEU C 111 -7.48 24.46 14.26
N GLN C 112 -8.23 25.34 14.92
CA GLN C 112 -8.50 26.67 14.42
C GLN C 112 -8.39 27.69 15.53
N TYR C 113 -8.05 28.92 15.15
CA TYR C 113 -7.99 30.05 16.06
C TYR C 113 -8.86 31.18 15.52
N ALA C 114 -9.36 32.01 16.43
CA ALA C 114 -10.22 33.12 16.06
C ALA C 114 -9.90 34.35 16.90
N TYR C 115 -9.98 35.52 16.28
CA TYR C 115 -9.80 36.80 16.94
C TYR C 115 -11.07 37.62 16.76
N ASP C 116 -11.70 37.99 17.88
CA ASP C 116 -12.97 38.72 17.88
C ASP C 116 -14.05 37.95 17.12
N GLY C 117 -14.08 36.63 17.32
CA GLY C 117 -15.13 35.80 16.74
C GLY C 117 -15.02 35.58 15.25
N GLN C 118 -13.90 35.91 14.63
CA GLN C 118 -13.70 35.74 13.19
C GLN C 118 -12.49 34.84 12.97
N ASP C 119 -12.52 34.11 11.85
CA ASP C 119 -11.43 33.18 11.53
C ASP C 119 -10.09 33.91 11.50
N PHE C 120 -9.08 33.29 12.12
CA PHE C 120 -7.75 33.87 12.20
C PHE C 120 -6.69 32.94 11.63
N LEU C 121 -6.61 31.71 12.12
CA LEU C 121 -5.63 30.73 11.64
C LEU C 121 -6.28 29.36 11.59
N ILE C 122 -6.10 28.67 10.46
CA ILE C 122 -6.66 27.34 10.25
C ILE C 122 -5.50 26.39 9.96
N PHE C 123 -5.39 25.32 10.75
CA PHE C 123 -4.30 24.38 10.60
C PHE C 123 -4.60 23.37 9.50
N ASN C 124 -3.59 23.07 8.69
CA ASN C 124 -3.67 22.08 7.62
C ASN C 124 -2.74 20.93 7.99
N LYS C 125 -3.29 19.86 8.56
CA LYS C 125 -2.47 18.75 9.03
C LYS C 125 -1.99 17.84 7.89
N ASP C 126 -2.41 18.09 6.66
CA ASP C 126 -1.95 17.29 5.53
C ASP C 126 -0.71 17.89 4.87
N THR C 127 -0.53 19.21 4.97
CA THR C 127 0.66 19.87 4.49
C THR C 127 1.49 20.47 5.62
N LEU C 128 1.05 20.34 6.87
CA LEU C 128 1.74 20.92 8.03
C LEU C 128 1.94 22.42 7.85
N SER C 129 0.86 23.12 7.50
CA SER C 129 0.90 24.55 7.26
C SER C 129 -0.29 25.21 7.93
N TRP C 130 -0.18 26.52 8.12
CA TRP C 130 -1.24 27.33 8.71
C TRP C 130 -1.79 28.29 7.67
N LEU C 131 -3.11 28.35 7.57
CA LEU C 131 -3.76 29.28 6.65
C LEU C 131 -4.11 30.56 7.41
N ALA C 132 -3.60 31.69 6.91
CA ALA C 132 -3.76 32.98 7.56
C ALA C 132 -4.78 33.83 6.80
N VAL C 133 -5.57 34.59 7.55
CA VAL C 133 -6.61 35.42 6.94
C VAL C 133 -6.11 36.82 6.59
N ASP C 134 -5.10 37.32 7.29
CA ASP C 134 -4.59 38.66 7.03
C ASP C 134 -3.09 38.71 7.34
N ASN C 135 -2.53 39.91 7.24
CA ASN C 135 -1.09 40.08 7.45
C ASN C 135 -0.71 39.75 8.89
N VAL C 136 -1.56 40.09 9.85
CA VAL C 136 -1.28 39.80 11.25
C VAL C 136 -1.20 38.30 11.48
N ALA C 137 -2.19 37.56 10.97
CA ALA C 137 -2.16 36.11 11.09
C ALA C 137 -0.98 35.50 10.33
N HIS C 138 -0.58 36.13 9.23
CA HIS C 138 0.57 35.62 8.47
C HIS C 138 1.85 35.74 9.29
N THR C 139 1.97 36.78 10.10
CA THR C 139 3.13 36.93 10.97
C THR C 139 3.19 35.78 11.99
N ILE C 140 2.06 35.47 12.61
CA ILE C 140 2.01 34.34 13.54
C ILE C 140 2.22 33.02 12.80
N LYS C 141 1.75 32.93 11.56
CA LYS C 141 1.89 31.71 10.78
C LYS C 141 3.36 31.35 10.57
N GLN C 142 4.19 32.35 10.22
CA GLN C 142 5.59 32.07 9.93
C GLN C 142 6.33 31.57 11.17
N ALA C 143 5.96 32.07 12.35
CA ALA C 143 6.61 31.62 13.57
C ALA C 143 6.25 30.16 13.89
N TRP C 144 4.98 29.79 13.70
CA TRP C 144 4.55 28.43 14.01
C TRP C 144 5.08 27.44 12.99
N GLU C 145 5.10 27.83 11.71
CA GLU C 145 5.59 26.93 10.66
C GLU C 145 7.09 26.72 10.72
N ALA C 146 7.83 27.54 11.47
CA ALA C 146 9.26 27.34 11.62
C ALA C 146 9.60 26.19 12.56
N ASN C 147 8.66 25.79 13.42
CA ASN C 147 8.87 24.68 14.36
C ASN C 147 8.30 23.43 13.72
N GLN C 148 9.16 22.69 13.01
CA GLN C 148 8.71 21.52 12.27
C GLN C 148 8.24 20.41 13.22
N HIS C 149 8.91 20.25 14.36
CA HIS C 149 8.55 19.18 15.28
C HIS C 149 7.18 19.43 15.92
N GLU C 150 6.86 20.69 16.21
CA GLU C 150 5.56 21.00 16.81
C GLU C 150 4.43 20.75 15.82
N LEU C 151 4.67 21.02 14.53
CA LEU C 151 3.68 20.68 13.51
C LEU C 151 3.45 19.17 13.45
N LEU C 152 4.52 18.38 13.54
CA LEU C 152 4.38 16.93 13.54
C LEU C 152 3.66 16.46 14.80
N TYR C 153 3.96 17.06 15.95
CA TYR C 153 3.25 16.72 17.17
C TYR C 153 1.76 17.03 17.05
N GLN C 154 1.43 18.15 16.43
N GLN C 154 1.42 18.14 16.41
CA GLN C 154 0.03 18.53 16.28
CA GLN C 154 0.01 18.51 16.31
C GLN C 154 -0.71 17.56 15.38
C GLN C 154 -0.74 17.59 15.36
N LYS C 155 -0.07 17.12 14.30
CA LYS C 155 -0.70 16.15 13.40
C LYS C 155 -0.93 14.83 14.12
N ASN C 156 0.05 14.40 14.93
CA ASN C 156 -0.10 13.13 15.64
C ASN C 156 -1.21 13.20 16.68
N TRP C 157 -1.34 14.32 17.38
CA TRP C 157 -2.38 14.42 18.40
C TRP C 157 -3.78 14.42 17.78
N LEU C 158 -3.93 15.07 16.63
CA LEU C 158 -5.23 15.13 15.98
C LEU C 158 -5.66 13.76 15.45
N GLU C 159 -4.72 13.03 14.86
CA GLU C 159 -5.06 11.79 14.15
C GLU C 159 -5.00 10.55 15.04
N GLU C 160 -4.17 10.56 16.08
CA GLU C 160 -3.99 9.40 16.93
C GLU C 160 -4.49 9.62 18.35
N GLU C 161 -3.97 10.64 19.05
CA GLU C 161 -4.30 10.82 20.46
CA GLU C 161 -4.31 10.81 20.45
C GLU C 161 -5.75 11.28 20.63
N CYS C 162 -6.20 12.23 19.81
CA CYS C 162 -7.57 12.72 19.93
C CYS C 162 -8.57 11.61 19.69
N ILE C 163 -8.33 10.77 18.68
CA ILE C 163 -9.22 9.65 18.39
C ILE C 163 -9.23 8.66 19.55
N ALA C 164 -8.06 8.46 20.17
CA ALA C 164 -7.99 7.53 21.30
C ALA C 164 -8.75 8.07 22.50
N TRP C 165 -8.63 9.37 22.78
CA TRP C 165 -9.43 9.97 23.85
C TRP C 165 -10.92 9.83 23.57
N LEU C 166 -11.32 10.04 22.31
CA LEU C 166 -12.74 9.98 21.96
C LEU C 166 -13.28 8.56 22.13
N LYS C 167 -12.54 7.55 21.65
CA LYS C 167 -12.98 6.17 21.82
C LYS C 167 -13.11 5.82 23.30
N ARG C 168 -12.22 6.36 24.13
CA ARG C 168 -12.29 6.09 25.57
C ARG C 168 -13.51 6.76 26.19
N PHE C 169 -13.74 8.04 25.87
CA PHE C 169 -14.91 8.74 26.39
C PHE C 169 -16.21 8.13 25.87
N LEU C 170 -16.20 7.65 24.63
CA LEU C 170 -17.39 7.02 24.06
CA LEU C 170 -17.39 7.02 24.06
C LEU C 170 -17.80 5.79 24.87
N GLU C 171 -16.81 5.04 25.36
CA GLU C 171 -17.11 3.87 26.17
C GLU C 171 -17.59 4.27 27.57
N TYR C 172 -17.04 5.35 28.12
CA TYR C 172 -17.44 5.80 29.44
C TYR C 172 -18.91 6.17 29.48
N GLY C 173 -19.38 6.90 28.48
CA GLY C 173 -20.77 7.32 28.44
C GLY C 173 -21.57 6.67 27.34
N LYS C 174 -21.38 5.37 27.15
CA LYS C 174 -22.06 4.68 26.06
C LYS C 174 -23.57 4.63 26.27
N ASP C 175 -24.02 4.54 27.52
CA ASP C 175 -25.46 4.50 27.78
C ASP C 175 -26.14 5.79 27.38
N THR C 176 -25.40 6.89 27.29
CA THR C 176 -25.94 8.18 26.86
C THR C 176 -25.65 8.47 25.40
N LEU C 177 -24.39 8.30 24.98
CA LEU C 177 -23.97 8.74 23.65
C LEU C 177 -24.44 7.81 22.55
N GLN C 178 -24.55 6.51 22.82
CA GLN C 178 -24.89 5.53 21.80
C GLN C 178 -26.34 5.07 21.88
N ARG C 179 -27.15 5.70 22.72
CA ARG C 179 -28.56 5.34 22.81
C ARG C 179 -29.32 5.93 21.62
N THR C 180 -30.57 5.51 21.47
CA THR C 180 -31.43 6.02 20.41
C THR C 180 -32.83 6.22 20.96
N GLU C 181 -33.33 7.45 20.87
CA GLU C 181 -34.72 7.72 21.21
C GLU C 181 -35.43 8.15 19.94
N PRO C 182 -36.38 7.37 19.40
CA PRO C 182 -36.97 7.74 18.11
C PRO C 182 -37.81 8.99 18.24
N PRO C 183 -38.00 9.73 17.14
CA PRO C 183 -38.78 10.96 17.22
C PRO C 183 -40.28 10.70 17.22
N LEU C 184 -41.00 11.62 17.88
CA LEU C 184 -42.45 11.71 17.77
C LEU C 184 -42.76 12.77 16.73
N VAL C 185 -43.38 12.36 15.63
CA VAL C 185 -43.59 13.22 14.47
C VAL C 185 -45.09 13.35 14.22
N ARG C 186 -45.53 14.58 13.97
CA ARG C 186 -46.92 14.87 13.65
C ARG C 186 -46.98 15.92 12.56
N VAL C 187 -48.09 15.93 11.83
CA VAL C 187 -48.32 16.89 10.76
C VAL C 187 -49.52 17.76 11.13
N ASN C 188 -49.33 19.07 11.12
CA ASN C 188 -50.39 20.02 11.41
C ASN C 188 -50.77 20.76 10.13
N ARG C 189 -52.08 20.94 9.95
CA ARG C 189 -52.64 21.63 8.80
C ARG C 189 -53.52 22.78 9.27
N LYS C 190 -53.39 23.93 8.60
CA LYS C 190 -54.18 25.09 8.97
C LYS C 190 -54.18 26.09 7.82
N GLU C 191 -55.35 26.70 7.59
CA GLU C 191 -55.43 27.82 6.66
C GLU C 191 -55.01 29.10 7.39
N THR C 192 -53.98 29.76 6.87
CA THR C 192 -53.46 30.96 7.50
C THR C 192 -54.04 32.21 6.85
N PHE C 193 -53.24 32.89 6.04
CA PHE C 193 -53.77 33.98 5.22
C PHE C 193 -54.87 33.43 4.32
N PRO C 194 -55.94 34.19 4.07
CA PRO C 194 -57.05 33.69 3.24
C PRO C 194 -56.59 33.06 1.93
N GLY C 195 -56.81 31.75 1.79
CA GLY C 195 -56.37 31.01 0.62
C GLY C 195 -55.03 30.33 0.74
N VAL C 196 -54.34 30.51 1.86
CA VAL C 196 -53.00 29.95 2.07
C VAL C 196 -53.09 28.90 3.17
N THR C 197 -52.71 27.67 2.84
CA THR C 197 -52.73 26.55 3.77
C THR C 197 -51.29 26.20 4.13
N ALA C 198 -51.01 26.14 5.43
CA ALA C 198 -49.67 25.86 5.94
C ALA C 198 -49.63 24.45 6.51
N LEU C 199 -48.64 23.67 6.08
CA LEU C 199 -48.39 22.33 6.60
C LEU C 199 -47.14 22.37 7.46
N PHE C 200 -47.26 21.96 8.71
CA PHE C 200 -46.13 21.90 9.64
C PHE C 200 -45.87 20.45 10.01
N CYS C 201 -44.64 20.00 9.78
CA CYS C 201 -44.19 18.68 10.19
C CYS C 201 -43.25 18.85 11.37
N LYS C 202 -43.71 18.49 12.56
CA LYS C 202 -43.00 18.76 13.80
C LYS C 202 -42.55 17.46 14.45
N ALA C 203 -41.30 17.44 14.92
CA ALA C 203 -40.73 16.28 15.58
C ALA C 203 -40.16 16.70 16.94
N HIS C 204 -40.27 15.80 17.91
CA HIS C 204 -39.73 16.09 19.24
C HIS C 204 -39.44 14.77 19.95
N GLY C 205 -38.63 14.86 20.99
CA GLY C 205 -38.33 13.70 21.81
C GLY C 205 -37.30 12.75 21.25
N PHE C 206 -36.45 13.20 20.33
CA PHE C 206 -35.50 12.32 19.67
C PHE C 206 -34.08 12.60 20.13
N TYR C 207 -33.26 11.55 20.12
CA TYR C 207 -31.83 11.60 20.37
C TYR C 207 -31.22 10.48 19.53
N PRO C 208 -30.08 10.73 18.85
CA PRO C 208 -29.26 11.94 18.80
C PRO C 208 -29.95 13.11 18.09
N PRO C 209 -29.41 14.33 18.24
CA PRO C 209 -30.06 15.49 17.61
C PRO C 209 -30.05 15.46 16.09
N GLU C 210 -29.15 14.70 15.47
CA GLU C 210 -29.09 14.66 14.02
C GLU C 210 -30.34 14.00 13.45
N ILE C 211 -31.07 14.76 12.63
CA ILE C 211 -32.32 14.27 12.04
C ILE C 211 -32.49 14.91 10.68
N TYR C 212 -33.15 14.19 9.77
CA TYR C 212 -33.43 14.67 8.42
CA TYR C 212 -33.43 14.67 8.43
C TYR C 212 -34.94 14.79 8.24
N MET C 213 -35.39 15.96 7.83
CA MET C 213 -36.80 16.22 7.59
C MET C 213 -36.96 16.93 6.25
N THR C 214 -37.95 16.52 5.47
CA THR C 214 -38.19 17.16 4.18
C THR C 214 -39.64 16.97 3.79
N TRP C 215 -40.12 17.87 2.94
CA TRP C 215 -41.47 17.78 2.38
C TRP C 215 -41.38 17.32 0.94
N MET C 216 -42.26 16.39 0.55
CA MET C 216 -42.24 15.77 -0.76
CA MET C 216 -42.22 15.85 -0.80
C MET C 216 -43.62 15.87 -1.41
N LYS C 217 -43.65 16.13 -2.71
CA LYS C 217 -44.90 16.24 -3.46
C LYS C 217 -44.97 15.13 -4.48
N ASN C 218 -46.00 14.29 -4.36
CA ASN C 218 -46.21 13.15 -5.26
C ASN C 218 -44.97 12.26 -5.31
N GLY C 219 -44.30 12.10 -4.17
CA GLY C 219 -43.13 11.23 -4.15
C GLY C 219 -41.88 11.85 -4.73
N GLU C 220 -41.87 13.16 -4.95
CA GLU C 220 -40.70 13.83 -5.50
C GLU C 220 -40.50 15.16 -4.78
N GLU C 221 -39.28 15.67 -4.84
CA GLU C 221 -38.96 16.92 -4.18
C GLU C 221 -39.85 18.06 -4.70
N ILE C 222 -40.03 19.07 -3.86
CA ILE C 222 -41.10 20.07 -4.01
C ILE C 222 -40.69 21.25 -4.91
N VAL C 223 -39.46 21.75 -4.79
CA VAL C 223 -38.95 22.93 -5.51
C VAL C 223 -39.59 24.22 -4.97
N GLN C 224 -40.59 24.07 -4.10
CA GLN C 224 -41.22 25.21 -3.43
C GLN C 224 -40.32 25.67 -2.28
N GLU C 225 -40.83 26.58 -1.46
CA GLU C 225 -40.07 27.09 -0.32
C GLU C 225 -40.38 26.24 0.91
N ILE C 226 -39.35 25.68 1.52
CA ILE C 226 -39.48 24.96 2.78
C ILE C 226 -38.85 25.81 3.87
N ASP C 227 -39.57 26.01 4.96
CA ASP C 227 -39.04 26.68 6.14
CA ASP C 227 -39.04 26.68 6.14
C ASP C 227 -38.60 25.62 7.15
N TYR C 228 -37.38 25.77 7.66
CA TYR C 228 -36.83 24.82 8.62
C TYR C 228 -36.66 25.45 9.98
N GLY C 229 -37.06 24.72 11.02
CA GLY C 229 -36.80 25.14 12.38
C GLY C 229 -35.52 24.50 12.90
N ASP C 230 -34.82 25.25 13.77
CA ASP C 230 -33.57 24.75 14.32
C ASP C 230 -33.80 23.54 15.19
N ILE C 231 -32.79 22.67 15.25
CA ILE C 231 -32.80 21.53 16.16
C ILE C 231 -32.52 22.06 17.56
N LEU C 232 -33.55 22.09 18.40
CA LEU C 232 -33.44 22.76 19.69
C LEU C 232 -33.45 21.76 20.83
N PRO C 233 -32.66 22.00 21.89
CA PRO C 233 -32.69 21.11 23.05
C PRO C 233 -33.97 21.32 23.85
N SER C 234 -34.61 20.22 24.21
CA SER C 234 -35.85 20.26 24.98
C SER C 234 -35.62 20.33 26.48
N GLY C 235 -34.37 20.17 26.94
CA GLY C 235 -34.04 20.25 28.34
C GLY C 235 -33.95 18.90 29.04
N ASP C 236 -34.51 17.85 28.46
CA ASP C 236 -34.51 16.52 29.07
C ASP C 236 -33.53 15.56 28.37
N GLY C 237 -32.62 16.10 27.56
CA GLY C 237 -31.70 15.28 26.79
C GLY C 237 -32.13 14.99 25.38
N THR C 238 -33.38 15.28 25.02
CA THR C 238 -33.88 15.08 23.68
C THR C 238 -33.99 16.42 22.96
N TYR C 239 -34.34 16.36 21.67
CA TYR C 239 -34.35 17.53 20.81
C TYR C 239 -35.66 17.60 20.04
N GLN C 240 -35.88 18.73 19.37
CA GLN C 240 -37.09 18.96 18.60
C GLN C 240 -36.76 19.82 17.40
N ALA C 241 -37.55 19.67 16.34
CA ALA C 241 -37.36 20.41 15.10
C ALA C 241 -38.64 20.33 14.28
N TRP C 242 -38.67 21.07 13.18
CA TRP C 242 -39.84 21.09 12.32
C TRP C 242 -39.46 21.56 10.92
N ALA C 243 -40.40 21.41 10.00
CA ALA C 243 -40.26 21.88 8.62
C ALA C 243 -41.66 22.14 8.07
N SER C 244 -41.82 23.25 7.35
CA SER C 244 -43.14 23.69 6.92
C SER C 244 -43.12 24.13 5.46
N ILE C 245 -44.28 24.02 4.82
CA ILE C 245 -44.48 24.41 3.42
C ILE C 245 -45.87 25.00 3.27
N GLU C 246 -46.20 25.39 2.05
CA GLU C 246 -47.53 25.86 1.68
C GLU C 246 -48.15 24.88 0.67
N LEU C 247 -49.46 25.00 0.50
CA LEU C 247 -50.18 24.17 -0.46
C LEU C 247 -50.47 24.92 -1.76
N ASN C 253 -52.67 17.49 -5.85
CA ASN C 253 -51.32 17.19 -5.38
C ASN C 253 -51.34 16.58 -3.98
N LEU C 254 -50.48 15.60 -3.75
CA LEU C 254 -50.40 14.90 -2.48
C LEU C 254 -49.05 15.21 -1.83
N TYR C 255 -49.10 15.75 -0.61
CA TYR C 255 -47.89 16.09 0.12
C TYR C 255 -47.66 15.08 1.24
N SER C 256 -46.39 14.88 1.59
CA SER C 256 -46.02 13.96 2.64
C SER C 256 -44.70 14.41 3.26
N CYS C 257 -44.62 14.30 4.58
CA CYS C 257 -43.39 14.64 5.30
C CYS C 257 -42.53 13.38 5.43
N HIS C 258 -41.24 13.52 5.16
CA HIS C 258 -40.29 12.42 5.27
C HIS C 258 -39.30 12.73 6.37
N VAL C 259 -39.14 11.78 7.30
CA VAL C 259 -38.26 11.94 8.45
C VAL C 259 -37.30 10.76 8.50
N GLU C 260 -36.01 11.06 8.66
CA GLU C 260 -34.98 10.03 8.77
C GLU C 260 -34.21 10.26 10.07
N HIS C 261 -34.11 9.21 10.89
CA HIS C 261 -33.42 9.32 12.17
C HIS C 261 -32.84 7.97 12.55
N SER C 262 -31.52 7.92 12.69
CA SER C 262 -30.80 6.74 13.18
C SER C 262 -31.18 5.48 12.39
N GLY C 263 -31.16 5.61 11.07
CA GLY C 263 -31.40 4.45 10.22
C GLY C 263 -32.85 4.01 10.12
N VAL C 264 -33.79 4.88 10.50
CA VAL C 264 -35.21 4.58 10.41
C VAL C 264 -35.87 5.69 9.61
N HIS C 265 -36.54 5.32 8.51
CA HIS C 265 -37.24 6.27 7.67
CA HIS C 265 -37.24 6.26 7.65
C HIS C 265 -38.72 6.29 8.04
N MET C 266 -39.31 7.48 8.01
CA MET C 266 -40.70 7.66 8.39
C MET C 266 -41.38 8.58 7.37
N VAL C 267 -42.60 8.21 6.99
CA VAL C 267 -43.39 8.97 6.02
C VAL C 267 -44.73 9.30 6.64
N LEU C 268 -45.16 10.55 6.50
CA LEU C 268 -46.46 11.01 7.00
C LEU C 268 -47.22 11.65 5.85
N GLN C 269 -48.12 10.89 5.25
CA GLN C 269 -48.93 11.38 4.15
CA GLN C 269 -48.92 11.39 4.15
C GLN C 269 -50.01 12.32 4.66
N VAL C 270 -50.23 13.42 3.93
CA VAL C 270 -51.24 14.41 4.28
C VAL C 270 -52.53 14.02 3.57
N PRO C 271 -53.65 13.84 4.30
CA PRO C 271 -54.95 13.45 3.74
C PRO C 271 -55.46 14.44 2.69
N GLY D 2 1.92 -1.04 34.48
CA GLY D 2 2.06 0.40 34.41
C GLY D 2 2.73 0.86 33.13
N GLN D 3 3.37 2.03 33.18
CA GLN D 3 4.10 2.57 32.04
C GLN D 3 5.58 2.27 32.20
N ASN D 4 6.19 1.71 31.16
CA ASN D 4 7.56 1.22 31.22
CA ASN D 4 7.55 1.23 31.22
C ASN D 4 8.35 1.73 30.02
N ILE D 5 9.61 2.06 30.26
CA ILE D 5 10.56 2.47 29.23
C ILE D 5 11.80 1.61 29.41
N ASP D 6 12.20 0.89 28.35
CA ASP D 6 13.30 -0.06 28.42
C ASP D 6 14.36 0.30 27.39
N GLN D 7 15.58 0.47 27.87
CA GLN D 7 16.78 0.64 27.06
C GLN D 7 17.91 -0.12 27.73
N PRO D 8 18.87 -0.63 26.95
CA PRO D 8 19.94 -1.43 27.55
C PRO D 8 20.74 -0.63 28.57
N THR D 9 21.20 -1.34 29.61
CA THR D 9 21.96 -0.67 30.67
C THR D 9 23.29 -0.15 30.16
N GLU D 10 23.93 -0.89 29.26
CA GLU D 10 25.28 -0.55 28.81
C GLU D 10 25.51 -1.15 27.44
N MET D 11 26.24 -0.41 26.59
CA MET D 11 26.64 -0.90 25.28
C MET D 11 28.09 -0.52 25.03
N THR D 12 28.82 -1.40 24.35
CA THR D 12 30.22 -1.18 24.03
C THR D 12 30.43 -1.42 22.54
N ALA D 13 31.09 -0.47 21.88
CA ALA D 13 31.39 -0.58 20.46
C ALA D 13 32.78 -0.01 20.20
N THR D 14 33.26 -0.19 18.98
CA THR D 14 34.62 0.17 18.60
C THR D 14 34.64 1.57 17.97
N GLU D 15 35.72 2.31 18.24
CA GLU D 15 35.90 3.63 17.65
C GLU D 15 35.87 3.55 16.13
N GLY D 16 35.12 4.47 15.52
CA GLY D 16 34.98 4.49 14.07
C GLY D 16 33.91 3.59 13.52
N ALA D 17 33.25 2.79 14.35
CA ALA D 17 32.22 1.88 13.92
C ALA D 17 30.84 2.50 14.14
N ILE D 18 29.80 1.68 14.22
CA ILE D 18 28.42 2.12 14.34
C ILE D 18 27.77 1.42 15.52
N VAL D 19 26.99 2.17 16.30
CA VAL D 19 26.23 1.61 17.41
C VAL D 19 24.78 2.08 17.30
N GLN D 20 23.85 1.22 17.70
CA GLN D 20 22.43 1.52 17.67
C GLN D 20 21.84 1.25 19.05
N ILE D 21 21.33 2.29 19.70
CA ILE D 21 20.79 2.20 21.06
C ILE D 21 19.27 2.15 20.95
N ASN D 22 18.68 1.03 21.37
CA ASN D 22 17.24 0.84 21.26
C ASN D 22 16.52 1.36 22.51
N CYS D 23 15.27 1.77 22.32
CA CYS D 23 14.41 2.22 23.41
C CYS D 23 12.98 1.80 23.09
N THR D 24 12.46 0.85 23.86
CA THR D 24 11.08 0.42 23.73
C THR D 24 10.23 1.04 24.84
N TYR D 25 8.98 1.33 24.52
CA TYR D 25 8.08 1.99 25.47
C TYR D 25 6.72 1.34 25.44
N GLN D 26 6.13 1.18 26.63
CA GLN D 26 4.74 0.76 26.80
C GLN D 26 4.07 1.83 27.67
N THR D 27 3.42 2.79 27.04
CA THR D 27 2.80 3.90 27.74
C THR D 27 1.34 4.02 27.32
N SER D 28 0.55 4.65 28.20
CA SER D 28 -0.83 4.98 27.90
C SER D 28 -0.84 6.29 27.13
N GLY D 29 -0.80 6.18 25.81
CA GLY D 29 -0.74 7.34 24.95
C GLY D 29 0.69 7.74 24.63
N PHE D 30 0.82 8.51 23.55
CA PHE D 30 2.13 8.87 23.03
C PHE D 30 2.06 10.27 22.44
N ASN D 31 2.97 11.14 22.88
CA ASN D 31 3.09 12.48 22.34
C ASN D 31 4.52 12.82 21.94
N GLY D 32 5.37 11.82 21.74
CA GLY D 32 6.74 12.08 21.32
C GLY D 32 7.78 11.31 22.13
N LEU D 33 8.93 11.04 21.50
CA LEU D 33 10.03 10.36 22.16
C LEU D 33 11.28 11.21 22.04
N PHE D 34 11.95 11.44 23.17
CA PHE D 34 13.15 12.27 23.22
C PHE D 34 14.38 11.41 23.46
N TRP D 35 15.52 11.89 22.95
CA TRP D 35 16.82 11.34 23.28
C TRP D 35 17.69 12.45 23.86
N TYR D 36 18.37 12.15 24.96
CA TYR D 36 19.27 13.09 25.61
C TYR D 36 20.65 12.46 25.74
N GLN D 37 21.68 13.30 25.66
CA GLN D 37 23.05 12.90 25.90
C GLN D 37 23.51 13.51 27.22
N GLN D 38 24.15 12.69 28.06
CA GLN D 38 24.65 13.15 29.36
C GLN D 38 26.04 12.57 29.57
N HIS D 39 27.06 13.40 29.40
CA HIS D 39 28.41 13.00 29.74
C HIS D 39 28.56 12.85 31.25
N ALA D 40 29.59 12.10 31.65
CA ALA D 40 29.80 11.81 33.06
C ALA D 40 29.99 13.08 33.86
N GLY D 41 29.18 13.26 34.90
CA GLY D 41 29.28 14.44 35.72
C GLY D 41 28.69 15.69 35.12
N GLU D 42 28.08 15.60 33.94
CA GLU D 42 27.51 16.74 33.24
C GLU D 42 25.99 16.67 33.29
N ALA D 43 25.36 17.69 32.71
CA ALA D 43 23.92 17.79 32.60
C ALA D 43 23.44 17.15 31.30
N PRO D 44 22.21 16.64 31.28
CA PRO D 44 21.66 16.10 30.03
C PRO D 44 21.41 17.22 29.03
N THR D 45 21.66 16.92 27.75
CA THR D 45 21.43 17.86 26.67
C THR D 45 20.55 17.20 25.61
N PHE D 46 19.62 17.98 25.08
CA PHE D 46 18.65 17.47 24.11
C PHE D 46 19.36 17.05 22.82
N LEU D 47 19.03 15.86 22.33
CA LEU D 47 19.56 15.34 21.08
C LEU D 47 18.54 15.31 19.96
N SER D 48 17.37 14.71 20.19
CA SER D 48 16.43 14.50 19.11
C SER D 48 15.01 14.33 19.66
N TYR D 49 14.04 14.46 18.76
CA TYR D 49 12.64 14.28 19.07
C TYR D 49 11.95 13.62 17.88
N ASN D 50 11.16 12.57 18.15
CA ASN D 50 10.38 11.88 17.14
C ASN D 50 8.96 11.69 17.66
N VAL D 51 7.99 11.85 16.76
CA VAL D 51 6.59 11.67 17.13
C VAL D 51 5.86 10.92 16.02
N LEU D 52 6.32 11.06 14.79
CA LEU D 52 5.80 10.31 13.66
C LEU D 52 6.84 9.33 13.16
N ASP D 53 6.40 8.40 12.30
CA ASP D 53 7.28 7.36 11.78
C ASP D 53 8.30 7.94 10.82
N GLY D 54 9.54 7.52 10.96
CA GLY D 54 10.59 7.93 10.05
C GLY D 54 11.93 8.01 10.76
N LEU D 55 12.95 8.31 9.98
CA LEU D 55 14.31 8.47 10.46
C LEU D 55 14.74 9.91 10.25
N GLU D 56 15.30 10.52 11.29
CA GLU D 56 15.74 11.91 11.26
C GLU D 56 17.22 11.97 11.60
N GLU D 57 18.00 12.66 10.77
CA GLU D 57 19.45 12.69 10.88
C GLU D 57 19.92 14.08 11.28
N LYS D 58 20.85 14.13 12.24
CA LYS D 58 21.47 15.37 12.70
C LYS D 58 22.97 15.10 12.85
N GLY D 59 23.71 15.37 11.79
CA GLY D 59 25.15 15.11 11.82
C GLY D 59 25.42 13.62 11.79
N ARG D 60 26.25 13.17 12.74
CA ARG D 60 26.54 11.74 12.87
C ARG D 60 25.45 10.99 13.62
N PHE D 61 24.47 11.69 14.17
CA PHE D 61 23.42 11.07 14.99
C PHE D 61 22.12 10.99 14.20
N SER D 62 21.46 9.84 14.27
CA SER D 62 20.16 9.65 13.64
C SER D 62 19.22 9.03 14.67
N SER D 63 17.95 9.42 14.60
CA SER D 63 16.92 8.92 15.52
CA SER D 63 16.92 8.92 15.52
C SER D 63 15.74 8.41 14.72
N PHE D 64 15.35 7.16 14.97
CA PHE D 64 14.26 6.50 14.28
C PHE D 64 13.12 6.26 15.26
N LEU D 65 11.90 6.21 14.72
CA LEU D 65 10.72 5.91 15.53
C LEU D 65 9.76 5.03 14.73
N SER D 66 9.25 3.99 15.39
CA SER D 66 8.21 3.13 14.84
C SER D 66 7.05 3.13 15.82
N ARG D 67 5.92 3.73 15.41
CA ARG D 67 4.76 3.82 16.28
CA ARG D 67 4.76 3.82 16.28
C ARG D 67 4.07 2.47 16.43
N SER D 68 4.00 1.69 15.34
CA SER D 68 3.31 0.40 15.41
C SER D 68 4.07 -0.58 16.31
N LYS D 69 5.40 -0.55 16.27
CA LYS D 69 6.22 -1.42 17.10
C LYS D 69 6.57 -0.81 18.44
N GLY D 70 6.20 0.45 18.67
CA GLY D 70 6.44 1.12 19.95
C GLY D 70 7.89 1.08 20.39
N TYR D 71 8.81 1.47 19.49
CA TYR D 71 10.23 1.44 19.81
CA TYR D 71 10.23 1.43 19.81
C TYR D 71 10.95 2.46 18.96
N SER D 72 12.10 2.91 19.46
CA SER D 72 12.94 3.88 18.80
C SER D 72 14.39 3.47 18.94
N TYR D 73 15.25 4.04 18.10
CA TYR D 73 16.68 3.83 18.28
C TYR D 73 17.43 5.11 17.95
N LEU D 74 18.57 5.28 18.62
CA LEU D 74 19.52 6.36 18.35
C LEU D 74 20.73 5.76 17.66
N LEU D 75 21.00 6.21 16.45
CA LEU D 75 22.07 5.66 15.63
C LEU D 75 23.26 6.61 15.63
N LEU D 76 24.43 6.08 16.00
CA LEU D 76 25.67 6.85 16.02
C LEU D 76 26.63 6.25 15.00
N LYS D 77 27.02 7.04 14.01
CA LYS D 77 27.94 6.62 12.97
C LYS D 77 29.30 7.26 13.22
N GLU D 78 30.35 6.58 12.75
CA GLU D 78 31.72 7.07 12.87
C GLU D 78 32.05 7.41 14.33
N LEU D 79 31.95 6.38 15.17
CA LEU D 79 32.06 6.57 16.61
C LEU D 79 33.40 7.18 17.00
N GLN D 80 33.35 8.21 17.83
CA GLN D 80 34.53 8.84 18.39
C GLN D 80 34.58 8.59 19.89
N MET D 81 35.77 8.81 20.46
CA MET D 81 35.93 8.61 21.91
C MET D 81 35.06 9.57 22.70
N LYS D 82 34.81 10.77 22.15
CA LYS D 82 33.99 11.75 22.85
C LYS D 82 32.52 11.35 22.88
N ASP D 83 32.11 10.34 22.12
CA ASP D 83 30.74 9.84 22.19
C ASP D 83 30.50 8.99 23.43
N SER D 84 31.54 8.70 24.21
CA SER D 84 31.38 7.98 25.47
C SER D 84 30.55 8.81 26.44
N ALA D 85 29.32 8.38 26.70
CA ALA D 85 28.40 9.09 27.57
C ALA D 85 27.19 8.19 27.81
N SER D 86 26.29 8.65 28.67
CA SER D 86 25.00 8.01 28.85
C SER D 86 23.98 8.66 27.93
N TYR D 87 23.08 7.85 27.38
CA TYR D 87 22.05 8.33 26.46
C TYR D 87 20.69 7.97 27.02
N LEU D 88 19.90 9.00 27.32
CA LEU D 88 18.62 8.83 28.00
C LEU D 88 17.49 8.95 26.99
N CYS D 89 16.52 8.05 27.07
CA CYS D 89 15.33 8.06 26.24
CA CYS D 89 15.33 8.11 26.24
C CYS D 89 14.11 8.35 27.12
N ALA D 90 13.25 9.25 26.68
CA ALA D 90 12.08 9.64 27.45
C ALA D 90 10.88 9.80 26.52
N VAL D 91 9.71 9.41 27.03
CA VAL D 91 8.47 9.43 26.26
C VAL D 91 7.44 10.29 27.00
N LYS D 92 6.75 11.15 26.25
CA LYS D 92 5.63 11.91 26.78
C LYS D 92 4.36 11.09 26.59
N ASP D 93 3.60 10.92 27.68
CA ASP D 93 2.39 10.11 27.63
C ASP D 93 1.19 10.98 27.26
N SER D 94 -0.02 10.43 27.43
CA SER D 94 -1.23 11.18 27.07
CA SER D 94 -1.21 11.18 27.06
C SER D 94 -1.36 12.47 27.87
N ASN D 95 -0.89 12.48 29.11
CA ASN D 95 -0.96 13.64 29.97
C ASN D 95 0.31 14.48 29.93
N TYR D 96 1.13 14.30 28.89
CA TYR D 96 2.33 15.12 28.65
C TYR D 96 3.35 14.99 29.77
N GLN D 97 3.37 13.84 30.44
CA GLN D 97 4.35 13.53 31.46
C GLN D 97 5.51 12.75 30.86
N LEU D 98 6.72 13.12 31.24
CA LEU D 98 7.92 12.48 30.71
C LEU D 98 8.22 11.21 31.51
N ILE D 99 8.23 10.07 30.83
CA ILE D 99 8.64 8.80 31.42
C ILE D 99 10.08 8.55 30.98
N TRP D 100 11.00 8.56 31.94
CA TRP D 100 12.43 8.49 31.65
C TRP D 100 12.92 7.06 31.72
N GLY D 101 13.70 6.65 30.72
CA GLY D 101 14.41 5.39 30.81
C GLY D 101 15.61 5.49 31.72
N ALA D 102 16.09 4.32 32.15
CA ALA D 102 17.21 4.27 33.09
C ALA D 102 18.53 4.68 32.46
N GLY D 103 18.57 4.88 31.15
CA GLY D 103 19.79 5.34 30.50
C GLY D 103 20.64 4.21 29.99
N THR D 104 21.39 4.48 28.93
CA THR D 104 22.32 3.54 28.34
C THR D 104 23.72 4.16 28.37
N LYS D 105 24.63 3.55 29.12
CA LYS D 105 26.02 4.00 29.13
C LYS D 105 26.74 3.42 27.94
N LEU D 106 27.24 4.28 27.06
CA LEU D 106 27.97 3.86 25.86
C LEU D 106 29.47 3.93 26.12
N ILE D 107 30.15 2.82 25.88
CA ILE D 107 31.60 2.72 26.06
C ILE D 107 32.23 2.50 24.69
N ILE D 108 33.19 3.36 24.34
CA ILE D 108 33.86 3.31 23.05
C ILE D 108 35.25 2.72 23.24
N LYS D 109 35.56 1.67 22.50
CA LYS D 109 36.89 1.08 22.61
C LYS D 109 37.82 1.68 21.58
N PRO D 110 38.99 2.19 21.99
CA PRO D 110 39.91 2.80 21.02
C PRO D 110 40.58 1.75 20.15
N ASP D 111 40.80 2.10 18.89
CA ASP D 111 41.49 1.23 17.95
C ASP D 111 42.98 1.32 18.19
N ILE D 112 43.51 0.40 18.99
CA ILE D 112 44.93 0.41 19.34
C ILE D 112 45.72 -0.08 18.12
N GLN D 113 46.49 0.83 17.50
CA GLN D 113 47.21 0.47 16.28
C GLN D 113 48.37 -0.46 16.58
N ASN D 114 49.20 -0.10 17.55
CA ASN D 114 50.40 -0.86 17.90
C ASN D 114 50.38 -1.17 19.39
N PRO D 115 49.76 -2.28 19.78
CA PRO D 115 49.74 -2.64 21.21
C PRO D 115 51.12 -3.03 21.71
N ASP D 116 51.38 -2.69 22.97
CA ASP D 116 52.65 -2.98 23.60
C ASP D 116 52.42 -3.26 25.09
N PRO D 117 51.73 -4.34 25.42
CA PRO D 117 51.29 -4.55 26.81
C PRO D 117 52.47 -4.66 27.76
N ALA D 118 52.37 -3.95 28.89
CA ALA D 118 53.45 -3.91 29.87
C ALA D 118 52.89 -3.48 31.22
N VAL D 119 53.63 -3.81 32.27
CA VAL D 119 53.28 -3.43 33.64
C VAL D 119 54.52 -2.78 34.25
N TYR D 120 54.47 -1.47 34.45
CA TYR D 120 55.58 -0.71 35.01
C TYR D 120 55.33 -0.40 36.48
N GLN D 121 56.41 -0.05 37.17
CA GLN D 121 56.35 0.35 38.57
C GLN D 121 56.77 1.81 38.70
N LEU D 122 55.91 2.62 39.31
CA LEU D 122 56.18 4.03 39.56
C LEU D 122 56.50 4.23 41.03
N ARG D 123 57.33 5.22 41.31
CA ARG D 123 57.76 5.53 42.67
C ARG D 123 57.26 6.91 43.08
N ASP D 124 56.97 7.05 44.37
CA ASP D 124 56.49 8.31 44.91
C ASP D 124 57.55 9.39 44.82
N SER D 131 54.12 1.78 46.63
CA SER D 131 54.29 2.31 45.28
C SER D 131 53.05 2.02 44.43
N VAL D 132 53.16 2.30 43.13
CA VAL D 132 52.05 2.18 42.20
C VAL D 132 52.50 1.38 40.98
N CYS D 133 51.62 0.52 40.47
CA CYS D 133 51.87 -0.27 39.27
C CYS D 133 50.92 0.17 38.17
N LEU D 134 51.41 0.15 36.93
CA LEU D 134 50.65 0.66 35.78
C LEU D 134 50.62 -0.40 34.68
N PHE D 135 49.44 -0.95 34.44
CA PHE D 135 49.19 -1.80 33.28
C PHE D 135 48.74 -0.92 32.13
N THR D 136 49.53 -0.87 31.05
CA THR D 136 49.28 0.09 29.98
C THR D 136 49.61 -0.52 28.63
N ASP D 137 49.19 0.19 27.59
CA ASP D 137 49.55 -0.10 26.19
C ASP D 137 49.06 -1.46 25.73
N PHE D 138 47.93 -1.93 26.27
CA PHE D 138 47.34 -3.20 25.84
C PHE D 138 46.20 -2.95 24.87
N ASP D 139 45.85 -4.00 24.12
CA ASP D 139 44.77 -3.91 23.15
C ASP D 139 43.43 -3.73 23.86
N SER D 140 42.48 -3.14 23.14
CA SER D 140 41.16 -2.85 23.72
C SER D 140 40.36 -4.10 24.02
N GLN D 141 40.76 -5.26 23.50
CA GLN D 141 40.09 -6.51 23.84
C GLN D 141 40.36 -6.94 25.27
N THR D 142 41.48 -6.51 25.85
CA THR D 142 41.83 -6.89 27.22
C THR D 142 40.87 -6.25 28.22
N ASN D 143 40.40 -7.05 29.16
CA ASN D 143 39.51 -6.58 30.23
C ASN D 143 40.23 -6.69 31.56
N VAL D 144 40.24 -5.60 32.32
CA VAL D 144 40.89 -5.56 33.62
C VAL D 144 39.86 -5.95 34.69
N SER D 145 40.14 -7.02 35.42
CA SER D 145 39.26 -7.51 36.45
C SER D 145 39.53 -6.80 37.77
N GLN D 146 38.55 -6.85 38.67
CA GLN D 146 38.64 -6.19 39.95
C GLN D 146 39.58 -6.95 40.88
N SER D 147 39.81 -6.37 42.07
CA SER D 147 40.72 -6.94 43.05
C SER D 147 39.99 -7.96 43.92
N LYS D 148 40.78 -8.83 44.55
CA LYS D 148 40.26 -9.87 45.45
C LYS D 148 40.89 -9.76 46.83
N ASP D 149 41.18 -8.54 47.27
CA ASP D 149 41.79 -8.30 48.57
C ASP D 149 41.33 -6.95 49.09
N SER D 150 41.17 -6.85 50.41
CA SER D 150 40.61 -5.65 51.01
C SER D 150 41.54 -4.45 50.91
N ASP D 151 42.85 -4.68 50.75
CA ASP D 151 43.83 -3.60 50.81
C ASP D 151 44.59 -3.41 49.49
N VAL D 152 44.17 -4.07 48.41
CA VAL D 152 44.72 -3.81 47.08
C VAL D 152 43.61 -3.18 46.24
N TYR D 153 43.97 -2.15 45.48
CA TYR D 153 43.00 -1.36 44.73
C TYR D 153 43.41 -1.32 43.27
N ILE D 154 42.49 -1.72 42.39
CA ILE D 154 42.69 -1.71 40.94
C ILE D 154 41.61 -0.85 40.32
N THR D 155 42.01 0.14 39.52
CA THR D 155 41.05 0.99 38.84
C THR D 155 40.60 0.35 37.53
N ASP D 156 39.53 0.88 36.96
CA ASP D 156 39.11 0.44 35.64
C ASP D 156 40.05 0.99 34.59
N LYS D 157 40.01 0.40 33.40
CA LYS D 157 40.91 0.82 32.34
C LYS D 157 40.50 2.18 31.80
N CYS D 158 41.49 3.03 31.54
CA CYS D 158 41.31 4.41 31.12
C CYS D 158 41.93 4.61 29.75
N VAL D 159 41.28 5.43 28.91
CA VAL D 159 41.73 5.68 27.55
C VAL D 159 42.37 7.05 27.49
N LEU D 160 43.66 7.08 27.14
CA LEU D 160 44.45 8.29 27.10
C LEU D 160 44.69 8.68 25.64
N ASP D 161 44.72 9.98 25.38
CA ASP D 161 44.91 10.49 24.02
C ASP D 161 45.93 11.62 24.04
N MET D 162 47.07 11.39 23.38
CA MET D 162 48.08 12.44 23.16
C MET D 162 47.80 13.07 21.81
N ARG D 163 47.16 14.25 21.83
CA ARG D 163 46.63 14.84 20.60
C ARG D 163 47.74 15.21 19.62
N SER D 164 48.88 15.69 20.12
CA SER D 164 49.94 16.13 19.22
C SER D 164 50.54 14.97 18.43
N MET D 165 50.60 13.78 19.02
CA MET D 165 51.20 12.62 18.36
C MET D 165 50.18 11.69 17.74
N ASP D 166 48.89 12.01 17.85
CA ASP D 166 47.81 11.17 17.30
C ASP D 166 47.94 9.73 17.80
N PHE D 167 48.08 9.60 19.12
CA PHE D 167 48.36 8.32 19.75
C PHE D 167 47.44 8.13 20.94
N LYS D 168 46.75 6.98 20.98
CA LYS D 168 45.90 6.60 22.09
C LYS D 168 46.48 5.37 22.79
N SER D 169 46.12 5.20 24.06
CA SER D 169 46.62 4.09 24.84
C SER D 169 45.71 3.83 26.02
N ASN D 170 45.49 2.55 26.32
CA ASN D 170 44.76 2.12 27.50
C ASN D 170 45.69 1.99 28.69
N SER D 171 45.13 2.09 29.88
CA SER D 171 45.93 1.95 31.10
C SER D 171 45.01 1.66 32.28
N ALA D 172 45.55 0.93 33.26
CA ALA D 172 44.88 0.65 34.51
C ALA D 172 45.90 0.71 35.64
N VAL D 173 45.48 1.27 36.77
CA VAL D 173 46.38 1.51 37.90
C VAL D 173 46.04 0.53 39.03
N ALA D 174 47.09 0.02 39.68
CA ALA D 174 46.94 -0.86 40.83
C ALA D 174 47.93 -0.44 41.91
N TRP D 175 47.46 -0.43 43.16
CA TRP D 175 48.32 -0.06 44.28
C TRP D 175 47.77 -0.72 45.55
N SER D 176 48.63 -0.82 46.55
CA SER D 176 48.26 -1.47 47.80
C SER D 176 49.24 -1.09 48.89
N ASN D 177 48.78 -1.19 50.13
CA ASN D 177 49.62 -0.98 51.30
C ASN D 177 50.22 -2.28 51.81
N LYS D 178 49.51 -3.40 51.66
CA LYS D 178 50.00 -4.70 52.10
C LYS D 178 51.11 -5.20 51.19
N ASP D 180 53.11 -8.54 51.35
CA ASP D 180 53.57 -7.53 50.41
C ASP D 180 53.34 -7.97 48.97
N PHE D 181 52.85 -7.05 48.14
CA PHE D 181 52.54 -7.33 46.74
C PHE D 181 53.47 -6.53 45.84
N ALA D 182 53.63 -7.03 44.62
CA ALA D 182 54.46 -6.38 43.61
C ALA D 182 53.67 -6.26 42.32
N CYS D 183 54.25 -5.54 41.35
CA CYS D 183 53.59 -5.36 40.07
C CYS D 183 53.47 -6.65 39.28
N ALA D 184 54.33 -7.63 39.54
CA ALA D 184 54.29 -8.87 38.77
C ALA D 184 53.02 -9.67 39.04
N ASN D 185 52.45 -9.56 40.24
CA ASN D 185 51.25 -10.29 40.60
C ASN D 185 50.05 -9.38 40.82
N ALA D 186 50.16 -8.10 40.44
CA ALA D 186 49.08 -7.16 40.70
C ALA D 186 47.83 -7.50 39.91
N PHE D 187 47.98 -7.79 38.62
CA PHE D 187 46.85 -8.07 37.73
C PHE D 187 46.69 -9.57 37.48
N ASN D 188 46.83 -10.39 38.51
CA ASN D 188 46.70 -11.83 38.35
C ASN D 188 45.27 -12.23 38.06
N ASN D 189 44.29 -11.54 38.67
CA ASN D 189 42.89 -11.88 38.43
C ASN D 189 42.48 -11.57 37.00
N SER D 190 42.97 -10.46 36.45
CA SER D 190 42.68 -10.14 35.06
C SER D 190 43.47 -11.06 34.13
N ILE D 191 42.83 -11.48 33.04
CA ILE D 191 43.47 -12.33 32.05
C ILE D 191 44.18 -11.43 31.05
N ILE D 192 45.49 -11.29 31.22
CA ILE D 192 46.29 -10.31 30.49
C ILE D 192 47.00 -10.99 29.32
N PRO D 193 47.52 -10.24 28.35
CA PRO D 193 48.23 -10.88 27.23
C PRO D 193 49.42 -11.69 27.71
N GLU D 194 49.75 -12.73 26.94
CA GLU D 194 50.87 -13.59 27.28
C GLU D 194 52.21 -12.91 27.01
N ASP D 195 52.24 -11.93 26.11
CA ASP D 195 53.46 -11.21 25.76
C ASP D 195 53.60 -9.90 26.52
N THR D 196 53.02 -9.82 27.72
CA THR D 196 53.09 -8.60 28.50
C THR D 196 54.49 -8.39 29.05
N PHE D 197 55.01 -7.17 28.90
CA PHE D 197 56.37 -6.83 29.28
C PHE D 197 56.42 -6.55 30.78
N PHE D 198 57.10 -7.41 31.53
CA PHE D 198 57.31 -7.22 32.96
C PHE D 198 58.77 -6.90 33.24
N PRO D 199 59.12 -5.63 33.43
CA PRO D 199 60.51 -5.30 33.77
C PRO D 199 60.90 -5.80 35.15
N SER D 200 62.19 -6.00 35.33
CA SER D 200 62.72 -6.47 36.62
C SER D 200 63.09 -5.29 37.52
N GLY E 4 21.96 29.53 30.41
CA GLY E 4 20.56 29.12 30.30
C GLY E 4 19.91 28.90 31.65
N VAL E 5 20.15 27.75 32.25
CA VAL E 5 19.61 27.39 33.55
C VAL E 5 20.75 27.41 34.55
N THR E 6 20.65 28.28 35.55
CA THR E 6 21.67 28.43 36.59
C THR E 6 21.10 27.89 37.89
N GLN E 7 21.80 26.90 38.47
CA GLN E 7 21.40 26.32 39.74
C GLN E 7 22.60 26.25 40.67
N THR E 8 22.33 26.40 41.96
CA THR E 8 23.35 26.40 43.01
C THR E 8 22.79 25.69 44.23
N PRO E 9 23.65 25.07 45.05
CA PRO E 9 25.10 24.95 44.87
C PRO E 9 25.50 23.71 44.08
N LYS E 10 26.73 23.69 43.56
CA LYS E 10 27.19 22.50 42.84
C LYS E 10 27.44 21.34 43.79
N PHE E 11 27.91 21.63 45.00
CA PHE E 11 28.17 20.60 46.01
C PHE E 11 27.64 21.09 47.35
N GLN E 12 27.23 20.13 48.19
CA GLN E 12 26.73 20.45 49.52
C GLN E 12 26.77 19.20 50.38
N VAL E 13 27.30 19.35 51.60
CA VAL E 13 27.28 18.30 52.60
C VAL E 13 26.33 18.73 53.71
N LEU E 14 25.45 17.82 54.11
CA LEU E 14 24.44 18.11 55.13
C LEU E 14 24.44 17.05 56.21
N LYS E 15 24.12 17.48 57.43
CA LYS E 15 23.83 16.56 58.51
C LYS E 15 22.33 16.27 58.52
N THR E 16 21.98 15.06 58.98
CA THR E 16 20.58 14.66 59.06
C THR E 16 19.81 15.65 59.94
N GLY E 17 18.67 16.12 59.43
CA GLY E 17 17.84 17.07 60.13
C GLY E 17 18.02 18.51 59.68
N GLN E 18 19.09 18.82 58.96
CA GLN E 18 19.30 20.17 58.46
C GLN E 18 18.25 20.54 57.43
N SER E 19 18.04 21.85 57.27
CA SER E 19 17.22 22.39 56.20
C SER E 19 18.13 22.84 55.07
N MET E 20 17.61 22.78 53.85
CA MET E 20 18.40 23.09 52.67
C MET E 20 17.49 23.70 51.61
N THR E 21 18.00 24.71 50.92
CA THR E 21 17.30 25.33 49.80
C THR E 21 18.24 25.36 48.59
N LEU E 22 17.77 24.79 47.48
CA LEU E 22 18.51 24.79 46.23
C LEU E 22 17.96 25.87 45.31
N GLN E 23 18.85 26.68 44.74
CA GLN E 23 18.45 27.77 43.87
C GLN E 23 18.45 27.31 42.42
N CYS E 24 17.53 27.90 41.64
CA CYS E 24 17.49 27.66 40.21
C CYS E 24 16.87 28.86 39.53
N ALA E 25 17.54 29.38 38.51
CA ALA E 25 17.06 30.52 37.75
C ALA E 25 17.34 30.30 36.27
N GLN E 26 16.36 30.66 35.43
CA GLN E 26 16.51 30.62 33.99
C GLN E 26 16.14 31.98 33.41
N ASP E 27 16.94 32.44 32.46
CA ASP E 27 16.72 33.72 31.80
C ASP E 27 16.36 33.54 30.33
N MET E 28 15.64 32.47 30.01
CA MET E 28 15.15 32.20 28.67
C MET E 28 13.66 32.50 28.52
N ASN E 29 13.06 33.16 29.52
CA ASN E 29 11.62 33.45 29.55
C ASN E 29 10.79 32.19 29.41
N HIS E 30 11.29 31.08 29.95
CA HIS E 30 10.54 29.84 29.98
C HIS E 30 9.48 29.89 31.07
N ASN E 31 8.38 29.19 30.84
CA ASN E 31 7.25 29.19 31.77
C ASN E 31 7.21 27.97 32.67
N SER E 32 7.65 26.82 32.19
CA SER E 32 7.64 25.58 32.97
C SER E 32 9.03 25.32 33.53
N MET E 33 9.08 24.91 34.80
CA MET E 33 10.32 24.59 35.46
C MET E 33 10.13 23.30 36.25
N TYR E 34 11.22 22.55 36.43
CA TYR E 34 11.15 21.21 36.98
C TYR E 34 12.32 20.99 37.95
N TRP E 35 12.12 20.05 38.86
CA TRP E 35 13.18 19.60 39.77
C TRP E 35 13.25 18.08 39.72
N TYR E 36 14.38 17.56 39.28
CA TYR E 36 14.63 16.13 39.19
C TYR E 36 15.74 15.73 40.15
N ARG E 37 15.71 14.46 40.56
CA ARG E 37 16.83 13.83 41.23
C ARG E 37 17.28 12.64 40.41
N GLN E 38 18.59 12.43 40.33
CA GLN E 38 19.17 11.34 39.54
C GLN E 38 19.88 10.39 40.48
N ASP E 39 19.46 9.13 40.47
CA ASP E 39 20.03 8.08 41.29
C ASP E 39 20.47 6.92 40.41
N PRO E 40 21.53 6.21 40.80
CA PRO E 40 22.05 5.14 39.95
C PRO E 40 21.03 4.02 39.75
N GLY E 41 20.96 3.53 38.52
CA GLY E 41 20.12 2.39 38.21
C GLY E 41 18.67 2.70 37.96
N MET E 42 18.33 3.96 37.70
CA MET E 42 16.94 4.33 37.44
C MET E 42 16.90 5.63 36.68
N GLY E 43 15.78 5.87 36.01
CA GLY E 43 15.61 7.10 35.25
C GLY E 43 15.38 8.29 36.16
N LEU E 44 15.38 9.47 35.53
CA LEU E 44 15.11 10.71 36.27
C LEU E 44 13.72 10.64 36.90
N ARG E 45 13.63 11.08 38.15
CA ARG E 45 12.38 11.10 38.89
C ARG E 45 12.02 12.53 39.24
N LEU E 46 10.80 12.92 38.88
CA LEU E 46 10.34 14.28 39.10
C LEU E 46 9.94 14.47 40.57
N ILE E 47 10.51 15.48 41.22
CA ILE E 47 10.20 15.80 42.60
C ILE E 47 8.99 16.73 42.62
N TYR E 48 9.16 17.93 42.08
CA TYR E 48 8.08 18.88 41.89
C TYR E 48 8.28 19.56 40.54
N TYR E 49 7.20 20.16 40.03
CA TYR E 49 7.28 20.94 38.81
C TYR E 49 6.34 22.14 38.94
N SER E 50 6.54 23.11 38.04
CA SER E 50 5.73 24.32 37.99
C SER E 50 5.35 24.55 36.53
N ALA E 51 4.11 24.21 36.18
CA ALA E 51 3.67 24.32 34.79
C ALA E 51 3.72 25.75 34.28
N SER E 52 3.51 26.72 35.18
CA SER E 52 3.55 28.13 34.80
C SER E 52 3.81 28.95 36.05
N GLU E 53 4.01 30.25 35.85
CA GLU E 53 4.17 31.16 36.97
C GLU E 53 2.86 31.25 37.74
N GLY E 54 2.91 30.94 39.03
CA GLY E 54 1.74 30.98 39.87
C GLY E 54 1.10 29.65 40.18
N THR E 55 1.74 28.54 39.83
CA THR E 55 1.21 27.23 40.18
C THR E 55 2.35 26.23 40.25
N THR E 56 2.24 25.32 41.22
CA THR E 56 3.17 24.21 41.38
C THR E 56 2.37 22.96 41.72
N ASP E 57 3.00 21.80 41.57
CA ASP E 57 2.29 20.55 41.87
C ASP E 57 3.30 19.46 42.18
N LYS E 58 2.81 18.41 42.85
CA LYS E 58 3.62 17.26 43.19
C LYS E 58 4.17 16.59 41.92
N GLY E 59 5.31 15.92 42.07
CA GLY E 59 5.86 15.08 41.03
C GLY E 59 5.70 13.61 41.37
N GLU E 60 6.76 12.83 41.19
CA GLU E 60 6.72 11.42 41.53
C GLU E 60 7.22 11.15 42.95
N VAL E 61 8.26 11.87 43.37
CA VAL E 61 8.85 11.66 44.70
C VAL E 61 8.85 12.97 45.48
N PRO E 62 7.68 13.47 45.89
CA PRO E 62 7.64 14.79 46.55
C PRO E 62 7.91 14.77 48.04
N ASN E 63 7.77 13.62 48.71
CA ASN E 63 7.87 13.58 50.16
C ASN E 63 9.27 13.98 50.62
N GLY E 64 9.32 14.83 51.64
CA GLY E 64 10.56 15.38 52.12
C GLY E 64 11.00 16.65 51.44
N TYR E 65 10.24 17.13 50.44
CA TYR E 65 10.58 18.33 49.70
C TYR E 65 9.39 19.26 49.63
N ASN E 66 9.68 20.51 49.26
CA ASN E 66 8.65 21.46 48.86
C ASN E 66 9.33 22.50 47.98
N VAL E 67 8.54 23.18 47.15
CA VAL E 67 9.06 24.12 46.19
C VAL E 67 8.31 25.45 46.26
N SER E 68 8.92 26.47 45.67
CA SER E 68 8.32 27.79 45.57
C SER E 68 8.68 28.38 44.22
N ARG E 69 7.66 28.60 43.38
CA ARG E 69 7.84 29.33 42.13
C ARG E 69 7.79 30.82 42.49
N LEU E 70 8.95 31.36 42.88
CA LEU E 70 9.01 32.73 43.36
C LEU E 70 8.57 33.72 42.28
N ASN E 71 9.01 33.51 41.05
CA ASN E 71 8.61 34.35 39.94
C ASN E 71 8.75 33.51 38.67
N LYS E 72 8.73 34.15 37.50
CA LYS E 72 8.85 33.41 36.25
C LYS E 72 10.27 32.87 36.05
N ARG E 73 11.27 33.48 36.68
CA ARG E 73 12.66 33.08 36.49
C ARG E 73 13.10 32.00 37.47
N GLU E 74 12.64 32.06 38.72
CA GLU E 74 13.22 31.28 39.80
C GLU E 74 12.26 30.18 40.27
N PHE E 75 12.84 29.05 40.64
CA PHE E 75 12.08 27.89 41.12
C PHE E 75 12.94 27.18 42.15
N SER E 76 12.63 27.40 43.43
CA SER E 76 13.46 26.90 44.53
C SER E 76 12.99 25.52 44.98
N LEU E 77 13.96 24.70 45.41
CA LEU E 77 13.70 23.38 45.97
C LEU E 77 14.17 23.38 47.42
N ARG E 78 13.30 22.95 48.33
CA ARG E 78 13.57 23.03 49.76
C ARG E 78 13.61 21.62 50.35
N LEU E 79 14.67 21.32 51.10
CA LEU E 79 14.77 20.10 51.89
C LEU E 79 14.38 20.44 53.32
N GLU E 80 13.24 19.90 53.76
CA GLU E 80 12.67 20.20 55.06
C GLU E 80 13.59 19.74 56.19
N SER E 81 13.63 18.42 56.40
CA SER E 81 14.53 17.79 57.37
C SER E 81 15.36 16.78 56.59
N ALA E 82 16.60 17.14 56.28
CA ALA E 82 17.43 16.34 55.40
C ALA E 82 17.61 14.94 55.94
N ALA E 83 17.36 13.95 55.08
CA ALA E 83 17.51 12.54 55.40
C ALA E 83 18.61 11.92 54.53
N PRO E 84 19.28 10.88 55.04
CA PRO E 84 20.33 10.23 54.23
C PRO E 84 19.84 9.70 52.91
N SER E 85 18.56 9.32 52.80
CA SER E 85 18.03 8.85 51.54
C SER E 85 17.95 9.95 50.49
N GLN E 86 18.03 11.21 50.90
CA GLN E 86 18.01 12.33 49.98
C GLN E 86 19.37 12.63 49.37
N THR E 87 20.40 11.85 49.71
CA THR E 87 21.70 11.94 49.05
C THR E 87 21.53 11.57 47.58
N SER E 88 21.68 12.54 46.69
CA SER E 88 21.45 12.33 45.27
C SER E 88 22.07 13.47 44.48
N VAL E 89 21.88 13.42 43.16
CA VAL E 89 22.26 14.51 42.26
C VAL E 89 20.98 15.15 41.76
N TYR E 90 20.79 16.42 42.09
CA TYR E 90 19.57 17.14 41.76
C TYR E 90 19.77 18.00 40.53
N PHE E 91 18.80 17.96 39.62
CA PHE E 91 18.83 18.71 38.38
C PHE E 91 17.59 19.59 38.28
N CYS E 92 17.80 20.86 37.95
CA CYS E 92 16.72 21.77 37.62
C CYS E 92 16.61 21.87 36.11
N ALA E 93 15.38 21.96 35.61
CA ALA E 93 15.13 22.03 34.18
C ALA E 93 14.01 23.02 33.89
N SER E 94 13.98 23.51 32.66
CA SER E 94 12.95 24.43 32.23
C SER E 94 12.64 24.19 30.76
N SER E 95 11.41 24.51 30.38
CA SER E 95 10.97 24.42 29.00
C SER E 95 10.10 25.63 28.69
N VAL E 96 9.99 25.96 27.39
CA VAL E 96 9.22 27.12 26.96
C VAL E 96 7.80 27.05 27.51
N TRP E 97 7.13 25.93 27.28
CA TRP E 97 5.83 25.65 27.88
C TRP E 97 5.75 24.16 28.18
N THR E 98 4.83 23.80 29.07
CA THR E 98 4.44 22.41 29.25
C THR E 98 3.09 22.19 28.60
N GLY E 99 2.84 20.94 28.23
CA GLY E 99 1.69 20.61 27.43
C GLY E 99 1.90 20.72 25.94
N GLU E 100 3.05 21.22 25.50
CA GLU E 100 3.43 21.18 24.09
C GLU E 100 4.31 19.96 23.89
N GLY E 101 4.14 19.30 22.74
CA GLY E 101 4.67 17.96 22.57
C GLY E 101 6.15 17.95 22.33
N SER E 102 6.61 18.83 21.46
CA SER E 102 7.98 18.77 20.98
C SER E 102 8.96 19.55 21.85
N GLY E 103 8.46 20.40 22.76
CA GLY E 103 9.34 21.19 23.60
C GLY E 103 10.25 20.36 24.48
N GLU E 104 11.56 20.59 24.40
CA GLU E 104 12.53 19.82 25.16
C GLU E 104 12.91 20.54 26.44
N LEU E 105 13.64 19.83 27.29
CA LEU E 105 14.09 20.36 28.57
C LEU E 105 15.50 20.95 28.45
N PHE E 106 15.73 22.01 29.20
CA PHE E 106 17.05 22.62 29.34
C PHE E 106 17.48 22.45 30.79
N PHE E 107 18.52 21.67 31.01
CA PHE E 107 18.91 21.26 32.36
C PHE E 107 19.97 22.19 32.94
N GLY E 108 19.90 22.37 34.27
CA GLY E 108 20.98 23.01 34.99
C GLY E 108 22.15 22.08 35.19
N GLU E 109 23.25 22.63 35.72
CA GLU E 109 24.49 21.87 35.82
C GLU E 109 24.46 20.79 36.89
N GLY E 110 23.45 20.80 37.76
CA GLY E 110 23.29 19.75 38.75
C GLY E 110 23.83 20.16 40.11
N SER E 111 23.31 19.48 41.14
CA SER E 111 23.68 19.76 42.53
C SER E 111 23.91 18.44 43.25
N ARG E 112 25.13 18.20 43.70
CA ARG E 112 25.49 16.99 44.42
C ARG E 112 25.24 17.24 45.92
N LEU E 113 24.29 16.51 46.49
CA LEU E 113 23.95 16.63 47.91
C LEU E 113 24.25 15.31 48.60
N THR E 114 25.00 15.39 49.70
CA THR E 114 25.36 14.23 50.51
C THR E 114 24.90 14.49 51.94
N VAL E 115 23.93 13.71 52.41
CA VAL E 115 23.39 13.84 53.76
C VAL E 115 24.00 12.74 54.62
N LEU E 116 24.52 13.13 55.78
CA LEU E 116 25.20 12.21 56.68
C LEU E 116 24.61 12.32 58.08
N GLU E 117 24.70 11.23 58.84
CA GLU E 117 24.26 11.26 60.23
C GLU E 117 25.13 12.21 61.05
N ASP E 118 26.44 12.17 60.84
CA ASP E 118 27.37 13.11 61.45
C ASP E 118 28.47 13.43 60.45
N LEU E 119 29.13 14.56 60.66
CA LEU E 119 30.15 15.06 59.75
C LEU E 119 31.55 14.59 60.13
N LYS E 120 31.67 13.63 61.06
CA LYS E 120 32.98 13.21 61.53
C LYS E 120 33.72 12.35 60.52
N ASN E 121 33.03 11.75 59.56
CA ASN E 121 33.67 10.93 58.54
C ASN E 121 34.08 11.73 57.31
N VAL E 122 33.84 13.04 57.30
CA VAL E 122 34.25 13.86 56.17
C VAL E 122 35.75 14.06 56.22
N PHE E 123 36.44 13.69 55.14
CA PHE E 123 37.90 13.78 55.07
C PHE E 123 38.32 14.35 53.73
N PRO E 124 39.32 15.23 53.71
CA PRO E 124 39.91 15.67 52.45
C PRO E 124 40.83 14.59 51.88
N PRO E 125 41.15 14.65 50.60
CA PRO E 125 42.02 13.63 50.02
C PRO E 125 43.49 13.89 50.31
N GLU E 126 44.26 12.81 50.30
CA GLU E 126 45.72 12.88 50.29
C GLU E 126 46.21 12.63 48.87
N VAL E 127 47.00 13.56 48.34
CA VAL E 127 47.38 13.57 46.94
C VAL E 127 48.88 13.26 46.84
N ALA E 128 49.24 12.37 45.91
CA ALA E 128 50.63 11.98 45.71
C ALA E 128 50.85 11.73 44.23
N VAL E 129 51.95 12.26 43.70
CA VAL E 129 52.36 12.03 42.31
C VAL E 129 53.40 10.92 42.30
N PHE E 130 53.28 10.01 41.35
CA PHE E 130 54.23 8.92 41.16
C PHE E 130 54.92 9.12 39.82
N GLU E 131 56.25 9.18 39.86
CA GLU E 131 57.05 9.57 38.70
C GLU E 131 57.14 8.44 37.69
N PRO E 132 57.33 8.78 36.41
CA PRO E 132 57.34 7.74 35.36
C PRO E 132 58.45 6.73 35.57
N SER E 133 58.15 5.48 35.21
CA SER E 133 59.12 4.41 35.32
C SER E 133 60.22 4.57 34.28
N GLU E 134 61.46 4.27 34.70
CA GLU E 134 62.58 4.35 33.76
C GLU E 134 62.47 3.28 32.68
N ALA E 135 61.81 2.17 32.97
CA ALA E 135 61.63 1.12 31.96
C ALA E 135 60.67 1.59 30.87
N GLU E 136 59.61 2.31 31.24
CA GLU E 136 58.68 2.81 30.24
C GLU E 136 59.33 3.84 29.33
N ILE E 137 60.25 4.65 29.88
CA ILE E 137 60.90 5.69 29.09
C ILE E 137 61.81 5.07 28.03
N SER E 138 62.46 3.96 28.36
CA SER E 138 63.36 3.30 27.42
C SER E 138 62.67 2.28 26.54
N HIS E 139 61.43 1.88 26.87
CA HIS E 139 60.70 0.91 26.07
C HIS E 139 59.73 1.54 25.10
N THR E 140 59.20 2.72 25.41
CA THR E 140 58.24 3.39 24.55
C THR E 140 58.60 4.84 24.22
N GLN E 141 59.66 5.39 24.80
CA GLN E 141 60.01 6.81 24.67
C GLN E 141 58.86 7.71 25.16
N LYS E 142 58.04 7.18 26.05
CA LYS E 142 56.92 7.90 26.63
C LYS E 142 56.96 7.75 28.14
N ALA E 143 56.51 8.80 28.84
CA ALA E 143 56.56 8.85 30.30
C ALA E 143 55.17 9.12 30.85
N THR E 144 54.71 8.28 31.76
CA THR E 144 53.39 8.38 32.35
C THR E 144 53.49 8.75 33.82
N LEU E 145 52.78 9.81 34.21
CA LEU E 145 52.68 10.23 35.60
C LEU E 145 51.31 9.85 36.14
N VAL E 146 51.27 9.35 37.37
CA VAL E 146 50.04 8.87 37.99
C VAL E 146 49.81 9.65 39.28
N CYS E 147 48.62 10.24 39.39
CA CYS E 147 48.21 11.01 40.56
C CYS E 147 47.18 10.21 41.33
N LEU E 148 47.36 10.11 42.64
CA LEU E 148 46.49 9.33 43.51
C LEU E 148 45.89 10.23 44.58
N ALA E 149 44.55 10.33 44.59
CA ALA E 149 43.80 11.02 45.62
C ALA E 149 43.07 9.96 46.45
N THR E 150 43.46 9.82 47.71
CA THR E 150 43.00 8.71 48.54
C THR E 150 42.43 9.21 49.85
N GLY E 151 41.55 8.41 50.43
CA GLY E 151 41.04 8.62 51.77
C GLY E 151 40.02 9.73 51.93
N PHE E 152 39.49 10.27 50.85
CA PHE E 152 38.55 11.38 50.96
C PHE E 152 37.12 10.88 51.09
N TYR E 153 36.28 11.73 51.71
CA TYR E 153 34.87 11.47 51.91
C TYR E 153 34.16 12.79 52.18
N PRO E 154 33.03 13.08 51.52
CA PRO E 154 32.38 12.21 50.53
C PRO E 154 33.02 12.30 49.15
N ASP E 155 32.33 11.76 48.14
CA ASP E 155 32.84 11.73 46.76
C ASP E 155 32.53 13.06 46.07
N HIS E 156 33.25 14.10 46.51
CA HIS E 156 33.11 15.47 46.00
C HIS E 156 34.49 15.96 45.58
N VAL E 157 34.99 15.49 44.45
CA VAL E 157 36.34 15.83 44.01
C VAL E 157 36.35 16.15 42.52
N GLU E 158 37.30 17.01 42.13
CA GLU E 158 37.60 17.32 40.75
C GLU E 158 39.11 17.34 40.59
N LEU E 159 39.64 16.52 39.68
CA LEU E 159 41.08 16.37 39.50
C LEU E 159 41.51 17.04 38.20
N SER E 160 42.69 17.65 38.22
CA SER E 160 43.24 18.31 37.05
C SER E 160 44.76 18.24 37.12
N TRP E 161 45.39 18.33 35.94
CA TRP E 161 46.84 18.34 35.82
C TRP E 161 47.29 19.73 35.39
N TRP E 162 48.40 20.20 35.97
CA TRP E 162 48.95 21.51 35.69
C TRP E 162 50.42 21.38 35.37
N VAL E 163 50.82 21.86 34.19
CA VAL E 163 52.20 21.81 33.72
C VAL E 163 52.69 23.23 33.55
N ASN E 164 53.72 23.60 34.31
CA ASN E 164 54.34 24.93 34.24
C ASN E 164 53.32 26.03 34.48
N GLY E 165 52.43 25.80 35.46
CA GLY E 165 51.44 26.78 35.84
C GLY E 165 50.21 26.84 34.95
N LYS E 166 50.10 25.95 33.96
CA LYS E 166 48.98 25.92 33.04
C LYS E 166 48.34 24.55 33.04
N GLU E 167 47.01 24.51 33.03
CA GLU E 167 46.29 23.25 33.03
C GLU E 167 46.40 22.56 31.67
N VAL E 168 46.60 21.25 31.70
CA VAL E 168 46.77 20.44 30.50
C VAL E 168 45.67 19.39 30.45
N HIS E 169 45.10 19.21 29.25
CA HIS E 169 44.11 18.16 29.02
C HIS E 169 44.60 17.06 28.10
N SER E 170 45.60 17.32 27.26
CA SER E 170 46.14 16.30 26.37
C SER E 170 46.99 15.31 27.15
N GLY E 171 46.84 14.04 26.82
CA GLY E 171 47.57 13.00 27.52
C GLY E 171 47.06 12.69 28.91
N VAL E 172 45.82 13.07 29.22
CA VAL E 172 45.26 12.92 30.56
C VAL E 172 44.08 11.96 30.48
N CYS E 173 44.03 11.01 31.41
CA CYS E 173 42.84 10.19 31.63
C CYS E 173 42.64 10.04 33.13
N THR E 174 41.50 10.49 33.61
CA THR E 174 41.14 10.39 35.02
C THR E 174 39.97 9.43 35.16
N ASP E 175 39.99 8.63 36.23
CA ASP E 175 38.92 7.67 36.47
C ASP E 175 37.58 8.41 36.54
N PRO E 176 36.57 7.96 35.78
CA PRO E 176 35.27 8.65 35.84
C PRO E 176 34.55 8.48 37.17
N GLN E 177 34.81 7.38 37.88
CA GLN E 177 34.18 7.12 39.17
C GLN E 177 35.23 6.64 40.15
N PRO E 178 35.29 7.19 41.36
CA PRO E 178 36.22 6.68 42.37
C PRO E 178 35.78 5.32 42.88
N LEU E 179 36.74 4.60 43.43
CA LEU E 179 36.49 3.29 44.03
C LEU E 179 36.44 3.42 45.55
N LYS E 180 35.79 2.45 46.18
CA LYS E 180 35.62 2.43 47.63
C LYS E 180 36.81 1.75 48.29
N GLU E 181 37.43 2.43 49.26
CA GLU E 181 38.55 1.83 49.97
C GLU E 181 38.10 0.76 50.94
N GLN E 182 36.85 0.84 51.41
CA GLN E 182 36.28 -0.18 52.30
C GLN E 182 34.94 -0.61 51.70
N PRO E 183 34.97 -1.44 50.65
CA PRO E 183 33.73 -1.71 49.90
C PRO E 183 32.61 -2.31 50.73
N ALA E 184 32.92 -2.94 51.87
CA ALA E 184 31.85 -3.51 52.69
C ALA E 184 31.13 -2.46 53.51
N LEU E 185 31.83 -1.42 53.94
CA LEU E 185 31.23 -0.42 54.83
C LEU E 185 30.27 0.48 54.06
N ASN E 186 29.27 1.00 54.79
CA ASN E 186 28.30 1.90 54.17
C ASN E 186 28.89 3.30 53.95
N ASP E 187 29.79 3.74 54.84
CA ASP E 187 30.40 5.06 54.73
C ASP E 187 31.86 4.92 54.32
N SER E 188 32.13 4.09 53.31
CA SER E 188 33.49 3.89 52.84
C SER E 188 34.08 5.18 52.29
N ARG E 189 35.38 5.36 52.53
CA ARG E 189 36.09 6.47 51.90
C ARG E 189 36.52 6.07 50.49
N TYR E 190 36.92 7.07 49.71
CA TYR E 190 37.12 6.89 48.28
C TYR E 190 38.57 7.14 47.89
N ALA E 191 38.94 6.58 46.74
CA ALA E 191 40.25 6.78 46.13
C ALA E 191 40.05 7.04 44.65
N LEU E 192 40.85 7.96 44.10
CA LEU E 192 40.76 8.32 42.70
C LEU E 192 42.16 8.39 42.11
N SER E 193 42.30 7.90 40.87
CA SER E 193 43.57 7.90 40.17
C SER E 193 43.43 8.60 38.83
N SER E 194 44.53 9.15 38.35
CA SER E 194 44.58 9.81 37.05
C SER E 194 45.98 9.65 36.48
N ARG E 195 46.07 9.70 35.15
CA ARG E 195 47.33 9.55 34.45
C ARG E 195 47.58 10.73 33.54
N LEU E 196 48.82 11.21 33.52
CA LEU E 196 49.29 12.20 32.56
C LEU E 196 50.49 11.62 31.84
N ARG E 197 50.35 11.36 30.54
CA ARG E 197 51.44 10.80 29.74
C ARG E 197 52.05 11.89 28.88
N VAL E 198 53.39 11.88 28.82
CA VAL E 198 54.14 12.87 28.07
C VAL E 198 55.33 12.18 27.43
N SER E 199 55.92 12.84 26.44
CA SER E 199 57.12 12.31 25.81
C SER E 199 58.27 12.30 26.81
N ALA E 200 59.18 11.33 26.64
CA ALA E 200 60.32 11.23 27.54
C ALA E 200 61.19 12.46 27.50
N THR E 201 61.29 13.11 26.33
CA THR E 201 62.11 14.31 26.22
C THR E 201 61.53 15.46 27.05
N PHE E 202 60.21 15.64 27.00
CA PHE E 202 59.57 16.66 27.82
C PHE E 202 59.75 16.36 29.30
N TRP E 203 59.69 15.08 29.67
CA TRP E 203 59.88 14.71 31.08
C TRP E 203 61.32 14.93 31.53
N GLN E 204 62.29 14.79 30.62
CA GLN E 204 63.69 14.95 31.01
C GLN E 204 64.10 16.40 31.13
N ASN E 205 63.23 17.36 30.80
CA ASN E 205 63.53 18.77 30.96
C ASN E 205 63.28 19.17 32.41
N PRO E 206 64.32 19.55 33.16
CA PRO E 206 64.11 19.93 34.56
C PRO E 206 63.41 21.27 34.74
N ARG E 207 63.21 22.02 33.66
CA ARG E 207 62.46 23.27 33.72
C ARG E 207 60.97 23.06 33.55
N ASN E 208 60.51 21.82 33.55
CA ASN E 208 59.09 21.48 33.43
C ASN E 208 58.58 21.03 34.79
N HIS E 209 57.62 21.77 35.33
CA HIS E 209 57.02 21.48 36.63
C HIS E 209 55.68 20.80 36.44
N PHE E 210 55.52 19.63 37.04
CA PHE E 210 54.28 18.85 36.98
C PHE E 210 53.61 18.89 38.34
N ARG E 211 52.32 19.21 38.34
CA ARG E 211 51.52 19.28 39.56
C ARG E 211 50.11 18.83 39.27
N CYS E 212 49.61 17.88 40.06
CA CYS E 212 48.24 17.41 39.96
CA CYS E 212 48.22 17.43 39.94
C CYS E 212 47.41 18.04 41.07
N GLN E 213 46.27 18.62 40.71
CA GLN E 213 45.43 19.38 41.63
C GLN E 213 44.11 18.67 41.83
N VAL E 214 43.68 18.57 43.09
CA VAL E 214 42.42 17.94 43.46
C VAL E 214 41.62 18.95 44.26
N GLN E 215 40.49 19.38 43.71
CA GLN E 215 39.55 20.25 44.42
C GLN E 215 38.58 19.37 45.21
N PHE E 216 38.56 19.55 46.53
CA PHE E 216 37.70 18.80 47.41
C PHE E 216 36.57 19.70 47.92
N TYR E 217 35.34 19.18 47.90
CA TYR E 217 34.17 19.90 48.37
C TYR E 217 33.69 19.24 49.66
N GLY E 218 33.91 19.90 50.79
CA GLY E 218 33.53 19.35 52.07
C GLY E 218 32.69 20.28 52.91
N LEU E 219 33.19 20.62 54.09
CA LEU E 219 32.44 21.44 55.03
C LEU E 219 32.51 22.92 54.67
N SER E 220 31.48 23.65 55.05
CA SER E 220 31.45 25.10 54.93
C SER E 220 31.90 25.73 56.25
N GLU E 221 32.00 27.05 56.27
CA GLU E 221 32.44 27.73 57.49
C GLU E 221 31.35 27.75 58.55
N ASN E 222 30.09 27.65 58.14
CA ASN E 222 29.00 27.65 59.11
C ASN E 222 28.96 26.36 59.92
N ASP E 223 29.47 25.26 59.36
CA ASP E 223 29.48 23.99 60.07
C ASP E 223 30.38 24.06 61.28
N GLU E 224 29.90 23.52 62.40
CA GLU E 224 30.68 23.50 63.63
C GLU E 224 31.64 22.31 63.62
N TRP E 225 32.86 22.54 64.12
CA TRP E 225 33.88 21.51 64.15
C TRP E 225 34.63 21.60 65.47
N THR E 226 34.63 20.50 66.23
CA THR E 226 35.31 20.45 67.51
C THR E 226 36.35 19.32 67.59
N GLN E 227 36.55 18.56 66.52
CA GLN E 227 37.50 17.47 66.54
C GLN E 227 38.93 18.00 66.57
N ASP E 228 39.86 17.11 66.94
CA ASP E 228 41.26 17.51 67.06
C ASP E 228 41.87 17.80 65.69
N ARG E 229 41.60 16.95 64.70
CA ARG E 229 42.14 17.17 63.37
C ARG E 229 41.50 18.41 62.74
N ALA E 230 42.18 18.95 61.73
CA ALA E 230 41.73 20.18 61.09
C ALA E 230 40.36 19.98 60.45
N LYS E 231 39.58 21.06 60.43
CA LYS E 231 38.22 21.02 59.89
C LYS E 231 38.27 20.69 58.41
N PRO E 232 37.63 19.60 57.95
CA PRO E 232 37.70 19.25 56.52
C PRO E 232 36.87 20.18 55.64
N VAL E 233 37.31 21.42 55.48
CA VAL E 233 36.60 22.41 54.68
C VAL E 233 36.85 22.16 53.19
N THR E 234 36.11 22.87 52.34
CA THR E 234 36.42 22.88 50.91
C THR E 234 37.83 23.40 50.70
N GLN E 235 38.64 22.64 49.98
CA GLN E 235 40.07 22.94 49.88
C GLN E 235 40.65 22.28 48.64
N ILE E 236 41.82 22.76 48.24
CA ILE E 236 42.61 22.18 47.17
C ILE E 236 43.82 21.50 47.79
N VAL E 237 44.03 20.23 47.44
CA VAL E 237 45.20 19.48 47.86
C VAL E 237 45.96 19.07 46.60
N SER E 238 47.28 19.29 46.61
CA SER E 238 48.09 19.07 45.44
C SER E 238 49.36 18.31 45.79
N ALA E 239 49.88 17.60 44.79
CA ALA E 239 51.22 17.01 44.83
C ALA E 239 51.90 17.34 43.50
N GLU E 240 53.22 17.43 43.54
CA GLU E 240 53.97 17.90 42.38
C GLU E 240 55.22 17.05 42.18
N ALA E 241 55.87 17.27 41.04
CA ALA E 241 57.09 16.57 40.69
C ALA E 241 57.81 17.35 39.60
N TRP E 242 59.13 17.39 39.69
CA TRP E 242 59.96 18.01 38.67
C TRP E 242 60.57 16.95 37.76
N GLY E 243 60.73 17.30 36.50
CA GLY E 243 61.19 16.35 35.50
C GLY E 243 62.67 16.02 35.56
N ARG E 244 62.99 14.78 35.93
CA ARG E 244 64.38 14.34 35.99
C ARG E 244 64.77 13.63 34.70
N MET F 1 -14.47 45.25 13.97
CA MET F 1 -14.97 44.19 14.83
C MET F 1 -16.45 43.94 14.55
N ILE F 2 -16.82 42.65 14.46
CA ILE F 2 -18.18 42.24 14.13
C ILE F 2 -18.83 41.65 15.38
N GLN F 3 -19.88 42.30 15.85
CA GLN F 3 -20.69 41.80 16.96
C GLN F 3 -21.98 41.21 16.39
N ARG F 4 -22.41 40.10 16.98
CA ARG F 4 -23.60 39.39 16.52
C ARG F 4 -24.63 39.35 17.64
N THR F 5 -25.84 39.84 17.35
CA THR F 5 -26.89 39.90 18.36
C THR F 5 -27.48 38.50 18.59
N PRO F 6 -27.90 38.21 19.82
CA PRO F 6 -28.36 36.85 20.13
C PRO F 6 -29.70 36.52 19.48
N LYS F 7 -29.77 35.31 18.91
CA LYS F 7 -31.05 34.75 18.50
C LYS F 7 -31.74 34.16 19.72
N ILE F 8 -33.02 34.47 19.88
CA ILE F 8 -33.76 34.12 21.08
C ILE F 8 -34.99 33.31 20.66
N GLN F 9 -35.10 32.09 21.16
CA GLN F 9 -36.19 31.19 20.83
C GLN F 9 -36.81 30.64 22.11
N VAL F 10 -38.13 30.82 22.24
CA VAL F 10 -38.87 30.43 23.44
C VAL F 10 -39.86 29.34 23.04
N TYR F 11 -39.82 28.22 23.77
CA TYR F 11 -40.60 27.05 23.38
C TYR F 11 -40.72 26.13 24.57
N SER F 12 -41.78 25.31 24.56
CA SER F 12 -42.01 24.35 25.62
C SER F 12 -41.32 23.02 25.32
N ARG F 13 -41.00 22.28 26.37
CA ARG F 13 -40.35 20.99 26.21
C ARG F 13 -41.24 20.00 25.45
N HIS F 14 -42.50 19.89 25.88
CA HIS F 14 -43.48 19.04 25.24
C HIS F 14 -44.55 19.89 24.56
N PRO F 15 -45.34 19.31 23.64
CA PRO F 15 -46.49 20.04 23.09
C PRO F 15 -47.39 20.59 24.20
N ALA F 16 -47.53 21.91 24.25
CA ALA F 16 -48.17 22.56 25.39
C ALA F 16 -49.68 22.37 25.38
N GLU F 17 -50.22 22.12 26.57
CA GLU F 17 -51.66 22.04 26.78
C GLU F 17 -51.97 22.73 28.10
N ASN F 18 -53.00 23.58 28.09
CA ASN F 18 -53.33 24.35 29.29
C ASN F 18 -53.72 23.43 30.45
N GLY F 19 -53.13 23.71 31.62
CA GLY F 19 -53.43 22.95 32.82
C GLY F 19 -52.53 21.76 33.06
N LYS F 20 -51.57 21.48 32.17
CA LYS F 20 -50.69 20.33 32.30
C LYS F 20 -49.25 20.80 32.52
N SER F 21 -48.56 20.14 33.45
CA SER F 21 -47.18 20.52 33.77
C SER F 21 -46.28 20.37 32.56
N ASN F 22 -45.32 21.28 32.44
CA ASN F 22 -44.44 21.32 31.28
C ASN F 22 -43.17 22.07 31.68
N PHE F 23 -42.28 22.26 30.72
CA PHE F 23 -41.05 23.03 30.90
C PHE F 23 -40.96 24.08 29.80
N LEU F 24 -40.68 25.32 30.17
CA LEU F 24 -40.53 26.41 29.23
C LEU F 24 -39.05 26.67 29.01
N ASN F 25 -38.62 26.61 27.76
CA ASN F 25 -37.22 26.78 27.41
C ASN F 25 -37.00 28.13 26.72
N CYS F 26 -35.84 28.73 26.98
CA CYS F 26 -35.36 29.88 26.23
C CYS F 26 -33.96 29.55 25.72
N TYR F 27 -33.83 29.43 24.41
CA TYR F 27 -32.57 29.08 23.76
C TYR F 27 -31.98 30.34 23.15
N VAL F 28 -30.85 30.80 23.70
CA VAL F 28 -30.20 32.03 23.27
C VAL F 28 -28.89 31.63 22.59
N SER F 29 -28.76 31.90 21.30
CA SER F 29 -27.66 31.36 20.51
C SER F 29 -27.18 32.40 19.51
N GLY F 30 -25.99 32.15 18.97
CA GLY F 30 -25.52 32.94 17.85
C GLY F 30 -24.96 34.31 18.20
N PHE F 31 -24.70 34.56 19.47
CA PHE F 31 -24.24 35.88 19.90
C PHE F 31 -22.74 35.90 20.11
N HIS F 32 -22.17 37.09 19.99
CA HIS F 32 -20.77 37.38 20.25
C HIS F 32 -20.62 38.86 20.50
N PRO F 33 -19.90 39.29 21.57
CA PRO F 33 -19.16 38.48 22.54
C PRO F 33 -20.03 37.70 23.52
N SER F 34 -19.40 37.12 24.56
CA SER F 34 -20.04 36.11 25.39
C SER F 34 -20.85 36.69 26.54
N ASP F 35 -20.56 37.90 26.99
CA ASP F 35 -21.27 38.48 28.13
C ASP F 35 -22.74 38.69 27.76
N ILE F 36 -23.64 38.11 28.56
CA ILE F 36 -25.06 38.15 28.26
C ILE F 36 -25.83 37.95 29.56
N GLU F 37 -27.07 38.45 29.59
CA GLU F 37 -27.95 38.31 30.73
C GLU F 37 -29.30 37.81 30.25
N VAL F 38 -29.80 36.74 30.86
CA VAL F 38 -31.05 36.11 30.47
C VAL F 38 -31.92 35.92 31.71
N ASP F 39 -33.20 36.22 31.59
CA ASP F 39 -34.18 35.99 32.63
C ASP F 39 -35.49 35.52 32.01
N LEU F 40 -36.17 34.61 32.70
CA LEU F 40 -37.49 34.16 32.29
C LEU F 40 -38.56 34.92 33.06
N LEU F 41 -39.60 35.35 32.36
CA LEU F 41 -40.62 36.23 32.91
C LEU F 41 -41.98 35.55 32.90
N LYS F 42 -42.74 35.75 33.97
CA LYS F 42 -44.14 35.33 34.06
C LYS F 42 -44.96 36.58 34.35
N ASN F 43 -45.75 37.03 33.37
CA ASN F 43 -46.55 38.24 33.47
C ASN F 43 -45.68 39.45 33.81
N GLY F 44 -44.50 39.52 33.18
CA GLY F 44 -43.58 40.62 33.37
C GLY F 44 -42.66 40.50 34.56
N GLU F 45 -42.97 39.63 35.52
CA GLU F 45 -42.14 39.47 36.71
C GLU F 45 -41.13 38.35 36.50
N ARG F 46 -39.91 38.58 36.98
CA ARG F 46 -38.85 37.59 36.84
C ARG F 46 -39.16 36.33 37.64
N ILE F 47 -38.96 35.18 37.01
CA ILE F 47 -39.16 33.90 37.68
C ILE F 47 -37.91 33.54 38.47
N GLU F 48 -38.11 33.08 39.71
CA GLU F 48 -36.99 32.86 40.62
C GLU F 48 -36.29 31.53 40.33
N LYS F 49 -37.03 30.43 40.35
CA LYS F 49 -36.45 29.10 40.17
C LYS F 49 -36.25 28.84 38.68
N VAL F 50 -35.09 29.24 38.18
CA VAL F 50 -34.74 29.10 36.77
C VAL F 50 -33.39 28.39 36.66
N GLU F 51 -33.36 27.29 35.91
CA GLU F 51 -32.14 26.56 35.66
C GLU F 51 -31.56 26.95 34.30
N HIS F 52 -30.25 26.80 34.16
CA HIS F 52 -29.60 27.15 32.91
C HIS F 52 -28.30 26.37 32.77
N SER F 53 -27.94 26.11 31.51
CA SER F 53 -26.68 25.46 31.21
C SER F 53 -25.54 26.47 31.23
N ASP F 54 -24.31 25.96 31.27
CA ASP F 54 -23.15 26.82 31.20
C ASP F 54 -23.00 27.40 29.79
N LEU F 55 -22.18 28.44 29.70
CA LEU F 55 -21.89 29.04 28.40
C LEU F 55 -21.30 28.00 27.47
N SER F 56 -21.85 27.90 26.26
CA SER F 56 -21.46 26.89 25.30
C SER F 56 -20.87 27.53 24.05
N PHE F 57 -20.13 26.73 23.29
CA PHE F 57 -19.34 27.22 22.17
C PHE F 57 -19.79 26.56 20.87
N SER F 58 -19.96 27.37 19.83
CA SER F 58 -20.28 26.86 18.50
C SER F 58 -19.05 26.92 17.61
N LYS F 59 -19.09 26.12 16.53
CA LYS F 59 -17.96 26.06 15.61
C LYS F 59 -17.74 27.37 14.86
N ASP F 60 -18.76 28.21 14.73
CA ASP F 60 -18.63 29.50 14.08
C ASP F 60 -18.16 30.59 15.03
N TRP F 61 -17.67 30.22 16.22
CA TRP F 61 -17.10 31.06 17.26
C TRP F 61 -18.16 31.84 18.04
N SER F 62 -19.44 31.67 17.73
CA SER F 62 -20.48 32.26 18.55
C SER F 62 -20.77 31.36 19.75
N PHE F 63 -21.66 31.82 20.64
CA PHE F 63 -21.98 31.11 21.86
C PHE F 63 -23.49 30.86 21.93
N TYR F 64 -23.88 29.89 22.73
CA TYR F 64 -25.30 29.60 22.93
C TYR F 64 -25.55 29.21 24.38
N LEU F 65 -26.82 29.27 24.76
CA LEU F 65 -27.24 29.14 26.15
C LEU F 65 -28.66 28.63 26.20
N LEU F 66 -28.99 27.90 27.26
CA LEU F 66 -30.34 27.37 27.45
C LEU F 66 -30.81 27.66 28.88
N TYR F 67 -31.88 28.44 28.98
CA TYR F 67 -32.56 28.69 30.25
C TYR F 67 -33.92 28.00 30.23
N TYR F 68 -34.32 27.43 31.37
CA TYR F 68 -35.61 26.75 31.43
C TYR F 68 -36.13 26.75 32.86
N THR F 69 -37.44 26.60 32.97
CA THR F 69 -38.11 26.50 34.27
C THR F 69 -39.34 25.61 34.11
N GLU F 70 -39.72 24.97 35.21
CA GLU F 70 -40.93 24.15 35.22
C GLU F 70 -42.15 25.05 35.39
N PHE F 71 -43.17 24.84 34.56
CA PHE F 71 -44.35 25.68 34.60
C PHE F 71 -45.56 24.89 34.14
N THR F 72 -46.73 25.44 34.43
CA THR F 72 -48.01 24.90 33.94
C THR F 72 -48.71 25.98 33.15
N PRO F 73 -48.76 25.89 31.82
CA PRO F 73 -49.35 26.98 31.04
C PRO F 73 -50.85 27.10 31.24
N THR F 74 -51.29 28.35 31.40
CA THR F 74 -52.71 28.67 31.46
C THR F 74 -53.03 29.70 30.39
N GLU F 75 -54.33 29.87 30.10
CA GLU F 75 -54.74 30.81 29.07
C GLU F 75 -54.48 32.25 29.45
N LYS F 76 -54.34 32.54 30.75
CA LYS F 76 -54.18 33.92 31.19
C LYS F 76 -52.73 34.32 31.40
N ASP F 77 -51.86 33.36 31.74
CA ASP F 77 -50.48 33.68 32.06
C ASP F 77 -49.66 33.90 30.80
N GLU F 78 -48.96 35.03 30.74
CA GLU F 78 -48.05 35.34 29.64
C GLU F 78 -46.62 35.09 30.09
N TYR F 79 -45.87 34.34 29.28
CA TYR F 79 -44.48 34.03 29.57
C TYR F 79 -43.58 34.64 28.51
N ALA F 80 -42.38 35.04 28.92
CA ALA F 80 -41.44 35.68 28.02
C ALA F 80 -40.02 35.41 28.48
N CYS F 81 -39.07 35.71 27.59
CA CYS F 81 -37.65 35.58 27.87
C CYS F 81 -37.00 36.94 27.62
N ARG F 82 -36.33 37.47 28.65
CA ARG F 82 -35.71 38.79 28.58
C ARG F 82 -34.20 38.60 28.50
N VAL F 83 -33.59 39.17 27.46
CA VAL F 83 -32.16 39.01 27.19
C VAL F 83 -31.54 40.38 27.01
N ASN F 84 -30.36 40.58 27.58
CA ASN F 84 -29.57 41.79 27.37
C ASN F 84 -28.20 41.41 26.84
N HIS F 85 -27.71 42.22 25.90
CA HIS F 85 -26.44 41.96 25.23
C HIS F 85 -25.88 43.29 24.75
N VAL F 86 -24.56 43.32 24.53
CA VAL F 86 -23.89 44.57 24.16
C VAL F 86 -24.45 45.11 22.85
N THR F 87 -24.96 44.23 21.99
CA THR F 87 -25.58 44.66 20.74
C THR F 87 -26.97 45.27 20.94
N LEU F 88 -27.53 45.18 22.14
CA LEU F 88 -28.86 45.67 22.43
C LEU F 88 -28.77 46.93 23.29
N SER F 89 -29.44 48.00 22.85
CA SER F 89 -29.47 49.23 23.63
C SER F 89 -30.28 49.06 24.91
N GLN F 90 -31.23 48.14 24.90
CA GLN F 90 -32.08 47.88 26.06
C GLN F 90 -32.42 46.39 26.06
N PRO F 91 -32.82 45.84 27.21
CA PRO F 91 -33.18 44.42 27.24
C PRO F 91 -34.33 44.11 26.29
N LYS F 92 -34.19 43.01 25.56
CA LYS F 92 -35.20 42.56 24.61
C LYS F 92 -36.08 41.50 25.28
N ILE F 93 -37.39 41.74 25.28
CA ILE F 93 -38.36 40.83 25.86
C ILE F 93 -39.03 40.06 24.72
N VAL F 94 -38.83 38.75 24.69
CA VAL F 94 -39.38 37.90 23.63
C VAL F 94 -40.46 37.02 24.25
N LYS F 95 -41.69 37.15 23.75
CA LYS F 95 -42.83 36.44 24.31
C LYS F 95 -42.89 35.01 23.78
N TRP F 96 -43.39 34.12 24.62
CA TRP F 96 -43.65 32.74 24.21
C TRP F 96 -44.92 32.71 23.35
N ASP F 97 -44.85 32.01 22.23
CA ASP F 97 -45.95 31.96 21.27
C ASP F 97 -47.03 30.94 21.64
N ARG F 98 -46.98 30.39 22.86
CA ARG F 98 -47.98 29.44 23.35
C ARG F 98 -48.07 28.21 22.43
N ASP F 99 -46.92 27.78 21.91
CA ASP F 99 -46.83 26.61 21.04
C ASP F 99 -47.73 26.75 19.82
N MET F 100 -47.81 27.96 19.28
CA MET F 100 -48.63 28.24 18.11
C MET F 100 -48.05 27.56 16.86
N GLY G 2 7.23 -7.77 -37.58
CA GLY G 2 6.60 -8.34 -38.76
C GLY G 2 5.08 -8.33 -38.68
N GLN G 3 4.56 -8.45 -37.46
CA GLN G 3 3.12 -8.44 -37.22
C GLN G 3 2.72 -7.07 -36.67
N ASN G 4 1.66 -6.50 -37.23
CA ASN G 4 1.26 -5.14 -36.92
CA ASN G 4 1.26 -5.14 -36.92
C ASN G 4 -0.25 -5.03 -36.84
N ILE G 5 -0.74 -4.31 -35.83
CA ILE G 5 -2.16 -3.99 -35.67
C ILE G 5 -2.27 -2.47 -35.62
N ASP G 6 -3.28 -1.93 -36.29
CA ASP G 6 -3.45 -0.49 -36.36
C ASP G 6 -4.91 -0.10 -36.21
N GLN G 7 -5.18 0.79 -35.25
CA GLN G 7 -6.49 1.38 -35.05
C GLN G 7 -6.29 2.83 -34.64
N PRO G 8 -7.25 3.71 -34.95
CA PRO G 8 -7.07 5.13 -34.64
C PRO G 8 -6.92 5.35 -33.13
N THR G 9 -6.20 6.41 -32.79
CA THR G 9 -5.93 6.69 -31.38
C THR G 9 -7.19 7.15 -30.66
N GLU G 10 -7.99 8.00 -31.29
CA GLU G 10 -9.12 8.62 -30.64
C GLU G 10 -10.20 8.91 -31.67
N MET G 11 -11.45 8.77 -31.24
CA MET G 11 -12.60 9.13 -32.06
C MET G 11 -13.62 9.86 -31.21
N THR G 12 -14.24 10.90 -31.76
CA THR G 12 -15.24 11.69 -31.07
C THR G 12 -16.52 11.71 -31.90
N ALA G 13 -17.63 11.34 -31.28
CA ALA G 13 -18.93 11.33 -31.94
C ALA G 13 -19.97 11.89 -31.00
N THR G 14 -21.15 12.16 -31.54
CA THR G 14 -22.25 12.75 -30.78
C THR G 14 -23.18 11.66 -30.25
N GLU G 15 -23.74 11.91 -29.07
CA GLU G 15 -24.70 10.99 -28.48
C GLU G 15 -25.87 10.73 -29.43
N GLY G 16 -26.23 9.47 -29.57
CA GLY G 16 -27.32 9.07 -30.44
C GLY G 16 -26.93 8.78 -31.88
N ALA G 17 -25.69 9.06 -32.27
CA ALA G 17 -25.25 8.88 -33.63
C ALA G 17 -24.63 7.49 -33.79
N ILE G 18 -23.94 7.27 -34.92
CA ILE G 18 -23.29 6.00 -35.22
C ILE G 18 -21.79 6.27 -35.39
N VAL G 19 -20.97 5.35 -34.88
CA VAL G 19 -19.53 5.45 -34.99
C VAL G 19 -18.99 4.10 -35.46
N GLN G 20 -17.93 4.14 -36.28
CA GLN G 20 -17.30 2.95 -36.82
C GLN G 20 -15.82 2.99 -36.51
N ILE G 21 -15.36 2.04 -35.70
CA ILE G 21 -13.97 2.00 -35.24
C ILE G 21 -13.23 0.95 -36.06
N ASN G 22 -12.24 1.39 -36.83
CA ASN G 22 -11.53 0.53 -37.75
C ASN G 22 -10.36 -0.17 -37.08
N CYS G 23 -10.02 -1.35 -37.61
CA CYS G 23 -8.85 -2.11 -37.15
C CYS G 23 -8.29 -2.85 -38.35
N THR G 24 -7.07 -2.49 -38.77
CA THR G 24 -6.35 -3.20 -39.82
C THR G 24 -5.21 -3.98 -39.20
N TYR G 25 -4.90 -5.13 -39.79
CA TYR G 25 -3.87 -6.01 -39.24
C TYR G 25 -3.04 -6.59 -40.36
N GLN G 26 -1.75 -6.77 -40.08
CA GLN G 26 -0.80 -7.45 -40.96
C GLN G 26 -0.10 -8.50 -40.10
N THR G 27 -0.53 -9.76 -40.23
CA THR G 27 -0.04 -10.82 -39.37
C THR G 27 0.37 -12.02 -40.21
N SER G 28 1.18 -12.89 -39.58
CA SER G 28 1.57 -14.16 -40.18
CA SER G 28 1.57 -14.16 -40.18
C SER G 28 0.51 -15.19 -39.82
N GLY G 29 -0.48 -15.33 -40.68
CA GLY G 29 -1.61 -16.19 -40.42
C GLY G 29 -2.70 -15.48 -39.63
N PHE G 30 -3.87 -16.11 -39.58
CA PHE G 30 -5.05 -15.49 -38.98
C PHE G 30 -5.93 -16.57 -38.39
N ASN G 31 -6.20 -16.47 -37.07
CA ASN G 31 -7.08 -17.40 -36.39
C ASN G 31 -8.23 -16.67 -35.67
N GLY G 32 -8.50 -15.42 -36.05
CA GLY G 32 -9.62 -14.70 -35.48
C GLY G 32 -9.25 -13.31 -34.99
N LEU G 33 -10.24 -12.42 -34.99
CA LEU G 33 -10.07 -11.05 -34.54
C LEU G 33 -11.07 -10.78 -33.41
N PHE G 34 -10.56 -10.25 -32.29
CA PHE G 34 -11.37 -9.96 -31.12
C PHE G 34 -11.53 -8.46 -30.95
N TRP G 35 -12.68 -8.06 -30.40
CA TRP G 35 -12.90 -6.69 -29.96
C TRP G 35 -13.18 -6.71 -28.46
N TYR G 36 -12.53 -5.80 -27.73
CA TYR G 36 -12.69 -5.69 -26.29
C TYR G 36 -13.05 -4.25 -25.93
N GLN G 37 -13.88 -4.10 -24.90
CA GLN G 37 -14.22 -2.80 -24.35
C GLN G 37 -13.53 -2.63 -23.01
N GLN G 38 -12.91 -1.48 -22.81
CA GLN G 38 -12.22 -1.16 -21.55
C GLN G 38 -12.60 0.25 -21.13
N HIS G 39 -13.43 0.35 -20.09
CA HIS G 39 -13.69 1.64 -19.49
C HIS G 39 -12.45 2.12 -18.74
N ALA G 40 -12.35 3.44 -18.58
CA ALA G 40 -11.18 4.04 -17.96
C ALA G 40 -10.99 3.52 -16.54
N GLY G 41 -9.79 3.03 -16.25
CA GLY G 41 -9.47 2.51 -14.94
C GLY G 41 -10.04 1.14 -14.63
N GLU G 42 -10.62 0.46 -15.61
CA GLU G 42 -11.25 -0.84 -15.42
C GLU G 42 -10.61 -1.87 -16.36
N ALA G 43 -11.11 -3.10 -16.28
CA ALA G 43 -10.61 -4.24 -17.03
C ALA G 43 -11.26 -4.33 -18.40
N PRO G 44 -10.54 -4.81 -19.40
CA PRO G 44 -11.15 -5.07 -20.70
C PRO G 44 -12.16 -6.21 -20.59
N THR G 45 -13.25 -6.09 -21.35
CA THR G 45 -14.28 -7.11 -21.40
C THR G 45 -14.54 -7.50 -22.85
N PHE G 46 -14.78 -8.79 -23.07
CA PHE G 46 -14.96 -9.31 -24.42
C PHE G 46 -16.23 -8.74 -25.06
N LEU G 47 -16.11 -8.30 -26.31
CA LEU G 47 -17.23 -7.78 -27.07
C LEU G 47 -17.65 -8.69 -28.22
N SER G 48 -16.72 -9.05 -29.11
CA SER G 48 -17.10 -9.79 -30.30
C SER G 48 -15.90 -10.59 -30.81
N TYR G 49 -16.20 -11.55 -31.68
CA TYR G 49 -15.19 -12.38 -32.33
C TYR G 49 -15.61 -12.62 -33.76
N ASN G 50 -14.67 -12.44 -34.70
CA ASN G 50 -14.88 -12.72 -36.11
C ASN G 50 -13.70 -13.53 -36.63
N VAL G 51 -13.98 -14.51 -37.49
CA VAL G 51 -12.94 -15.34 -38.06
C VAL G 51 -13.24 -15.58 -39.53
N LEU G 52 -14.52 -15.53 -39.91
CA LEU G 52 -14.93 -15.59 -41.30
C LEU G 52 -15.43 -14.22 -41.74
N ASP G 53 -15.50 -14.02 -43.05
CA ASP G 53 -15.94 -12.75 -43.60
C ASP G 53 -17.42 -12.53 -43.32
N GLY G 54 -17.79 -11.28 -43.08
CA GLY G 54 -19.18 -10.93 -42.90
C GLY G 54 -19.37 -10.02 -41.71
N LEU G 55 -20.64 -9.86 -41.33
CA LEU G 55 -21.05 -8.93 -40.27
C LEU G 55 -21.86 -9.70 -39.23
N GLU G 56 -21.47 -9.59 -37.97
CA GLU G 56 -22.19 -10.19 -36.86
C GLU G 56 -22.75 -9.10 -35.95
N GLU G 57 -24.00 -9.26 -35.54
CA GLU G 57 -24.70 -8.29 -34.73
C GLU G 57 -24.86 -8.80 -33.31
N LYS G 58 -24.72 -7.89 -32.34
CA LYS G 58 -24.95 -8.21 -30.92
C LYS G 58 -25.45 -6.92 -30.25
N GLY G 59 -26.78 -6.77 -30.20
CA GLY G 59 -27.36 -5.57 -29.63
C GLY G 59 -27.08 -4.36 -30.50
N ARG G 60 -26.68 -3.26 -29.87
CA ARG G 60 -26.32 -2.05 -30.60
C ARG G 60 -24.95 -2.16 -31.26
N PHE G 61 -24.17 -3.18 -30.93
CA PHE G 61 -22.83 -3.35 -31.48
C PHE G 61 -22.83 -4.40 -32.58
N SER G 62 -22.06 -4.13 -33.64
CA SER G 62 -21.87 -5.09 -34.71
CA SER G 62 -21.87 -5.08 -34.72
C SER G 62 -20.42 -5.05 -35.16
N SER G 63 -19.89 -6.21 -35.50
CA SER G 63 -18.48 -6.35 -35.90
CA SER G 63 -18.48 -6.35 -35.90
C SER G 63 -18.41 -6.97 -37.29
N PHE G 64 -17.56 -6.39 -38.13
CA PHE G 64 -17.38 -6.83 -39.51
C PHE G 64 -15.95 -7.30 -39.70
N LEU G 65 -15.74 -8.22 -40.63
CA LEU G 65 -14.41 -8.73 -40.92
C LEU G 65 -14.26 -9.00 -42.42
N SER G 66 -13.10 -8.61 -42.95
CA SER G 66 -12.71 -8.94 -44.32
C SER G 66 -11.30 -9.53 -44.25
N ARG G 67 -11.20 -10.85 -44.41
CA ARG G 67 -9.90 -11.51 -44.32
C ARG G 67 -8.98 -11.08 -45.46
N SER G 68 -9.51 -10.95 -46.67
CA SER G 68 -8.67 -10.61 -47.81
C SER G 68 -8.05 -9.23 -47.67
N LYS G 69 -8.83 -8.27 -47.16
CA LYS G 69 -8.32 -6.92 -46.92
C LYS G 69 -7.62 -6.79 -45.58
N GLY G 70 -7.75 -7.78 -44.70
CA GLY G 70 -7.14 -7.70 -43.38
C GLY G 70 -7.61 -6.50 -42.59
N TYR G 71 -8.92 -6.31 -42.51
CA TYR G 71 -9.47 -5.15 -41.81
CA TYR G 71 -9.49 -5.13 -41.86
C TYR G 71 -10.81 -5.51 -41.21
N SER G 72 -11.09 -4.90 -40.06
CA SER G 72 -12.32 -5.12 -39.32
C SER G 72 -12.78 -3.80 -38.73
N TYR G 73 -14.10 -3.68 -38.51
CA TYR G 73 -14.62 -2.51 -37.83
C TYR G 73 -15.64 -2.93 -36.79
N LEU G 74 -15.70 -2.16 -35.71
CA LEU G 74 -16.71 -2.30 -34.67
C LEU G 74 -17.69 -1.15 -34.82
N LEU G 75 -18.95 -1.49 -35.09
CA LEU G 75 -19.98 -0.50 -35.37
C LEU G 75 -20.84 -0.30 -34.12
N LEU G 76 -20.93 0.93 -33.65
CA LEU G 76 -21.74 1.28 -32.49
C LEU G 76 -22.86 2.21 -32.93
N LYS G 77 -24.10 1.75 -32.79
CA LYS G 77 -25.27 2.52 -33.19
C LYS G 77 -25.97 3.08 -31.96
N GLU G 78 -26.65 4.22 -32.16
CA GLU G 78 -27.42 4.89 -31.12
C GLU G 78 -26.55 5.12 -29.88
N LEU G 79 -25.50 5.91 -30.08
CA LEU G 79 -24.48 6.07 -29.05
C LEU G 79 -25.04 6.66 -27.77
N GLN G 80 -24.60 6.11 -26.64
CA GLN G 80 -24.94 6.60 -25.32
C GLN G 80 -23.66 7.03 -24.61
N MET G 81 -23.83 7.78 -23.52
CA MET G 81 -22.66 8.25 -22.77
C MET G 81 -21.88 7.09 -22.17
N LYS G 82 -22.55 6.01 -21.80
CA LYS G 82 -21.86 4.86 -21.21
C LYS G 82 -20.99 4.13 -22.23
N ASP G 83 -21.14 4.41 -23.52
CA ASP G 83 -20.26 3.83 -24.52
C ASP G 83 -18.87 4.46 -24.51
N SER G 84 -18.66 5.54 -23.75
CA SER G 84 -17.36 6.17 -23.65
CA SER G 84 -17.35 6.17 -23.65
C SER G 84 -16.37 5.22 -22.99
N ALA G 85 -15.40 4.73 -23.77
CA ALA G 85 -14.39 3.80 -23.30
C ALA G 85 -13.35 3.64 -24.39
N SER G 86 -12.30 2.87 -24.09
CA SER G 86 -11.34 2.44 -25.09
C SER G 86 -11.77 1.09 -25.64
N TYR G 87 -11.62 0.94 -26.96
CA TYR G 87 -12.01 -0.29 -27.64
C TYR G 87 -10.76 -0.90 -28.26
N LEU G 88 -10.41 -2.09 -27.80
CA LEU G 88 -9.17 -2.76 -28.19
C LEU G 88 -9.47 -3.87 -29.18
N CYS G 89 -8.67 -3.94 -30.24
CA CYS G 89 -8.77 -4.97 -31.27
CA CYS G 89 -8.79 -4.99 -31.23
C CYS G 89 -7.54 -5.87 -31.19
N ALA G 90 -7.75 -7.18 -31.20
CA ALA G 90 -6.67 -8.14 -31.09
C ALA G 90 -6.87 -9.28 -32.09
N VAL G 91 -5.76 -9.81 -32.58
CA VAL G 91 -5.78 -10.84 -33.62
C VAL G 91 -4.92 -12.01 -33.16
N LYS G 92 -5.42 -13.22 -33.34
CA LYS G 92 -4.64 -14.44 -33.11
C LYS G 92 -3.92 -14.81 -34.40
N ASP G 93 -2.62 -15.07 -34.30
CA ASP G 93 -1.80 -15.37 -35.47
C ASP G 93 -1.79 -16.89 -35.71
N SER G 94 -0.84 -17.37 -36.52
CA SER G 94 -0.78 -18.79 -36.82
C SER G 94 -0.52 -19.64 -35.57
N ASN G 95 0.25 -19.11 -34.63
CA ASN G 95 0.57 -19.82 -33.40
C ASN G 95 -0.35 -19.44 -32.24
N TYR G 96 -1.53 -18.90 -32.55
CA TYR G 96 -2.58 -18.63 -31.57
C TYR G 96 -2.11 -17.65 -30.50
N GLN G 97 -1.21 -16.74 -30.87
CA GLN G 97 -0.75 -15.69 -29.99
C GLN G 97 -1.49 -14.40 -30.34
N LEU G 98 -1.94 -13.69 -29.30
CA LEU G 98 -2.69 -12.46 -29.50
C LEU G 98 -1.75 -11.29 -29.75
N ILE G 99 -2.01 -10.55 -30.81
CA ILE G 99 -1.32 -9.30 -31.09
C ILE G 99 -2.34 -8.18 -30.91
N TRP G 100 -2.07 -7.29 -29.96
CA TRP G 100 -3.05 -6.31 -29.51
C TRP G 100 -2.84 -4.96 -30.20
N GLY G 101 -3.95 -4.37 -30.64
CA GLY G 101 -3.90 -2.98 -31.07
C GLY G 101 -3.78 -2.03 -29.90
N ALA G 102 -3.33 -0.81 -30.20
CA ALA G 102 -3.10 0.18 -29.17
C ALA G 102 -4.39 0.71 -28.54
N GLY G 103 -5.54 0.41 -29.14
CA GLY G 103 -6.79 0.86 -28.56
C GLY G 103 -7.26 2.18 -29.13
N THR G 104 -8.57 2.32 -29.24
CA THR G 104 -9.21 3.54 -29.72
C THR G 104 -10.08 4.11 -28.61
N LYS G 105 -9.77 5.34 -28.19
CA LYS G 105 -10.54 6.03 -27.17
C LYS G 105 -11.74 6.72 -27.81
N LEU G 106 -12.94 6.28 -27.45
CA LEU G 106 -14.17 6.82 -27.98
C LEU G 106 -14.73 7.87 -27.02
N ILE G 107 -14.80 9.12 -27.48
CA ILE G 107 -15.36 10.22 -26.71
C ILE G 107 -16.73 10.54 -27.27
N ILE G 108 -17.72 10.67 -26.37
CA ILE G 108 -19.10 10.88 -26.75
C ILE G 108 -19.51 12.28 -26.28
N LYS G 109 -19.98 13.10 -27.22
CA LYS G 109 -20.46 14.44 -26.88
CA LYS G 109 -20.46 14.44 -26.88
C LYS G 109 -21.94 14.37 -26.52
N PRO G 110 -22.33 14.77 -25.31
CA PRO G 110 -23.74 14.70 -24.93
C PRO G 110 -24.58 15.70 -25.70
N ASP G 111 -25.84 15.36 -25.90
CA ASP G 111 -26.81 16.24 -26.54
C ASP G 111 -27.39 17.17 -25.49
N ILE G 112 -26.96 18.43 -25.49
CA ILE G 112 -27.43 19.43 -24.54
C ILE G 112 -28.66 20.09 -25.13
N GLN G 113 -29.83 19.84 -24.54
CA GLN G 113 -31.08 20.35 -25.09
C GLN G 113 -31.18 21.87 -24.88
N ASN G 114 -30.92 22.34 -23.66
CA ASN G 114 -31.06 23.76 -23.32
C ASN G 114 -29.73 24.28 -22.80
N PRO G 115 -28.83 24.69 -23.69
CA PRO G 115 -27.55 25.23 -23.25
C PRO G 115 -27.73 26.54 -22.49
N ASP G 116 -27.02 26.66 -21.36
CA ASP G 116 -27.09 27.84 -20.51
C ASP G 116 -25.67 28.18 -20.03
N PRO G 117 -24.77 28.53 -20.95
CA PRO G 117 -23.36 28.69 -20.58
C PRO G 117 -23.16 29.80 -19.56
N ALA G 118 -22.36 29.50 -18.54
CA ALA G 118 -22.12 30.45 -17.48
C ALA G 118 -20.83 30.10 -16.76
N VAL G 119 -20.21 31.11 -16.17
CA VAL G 119 -19.03 30.94 -15.32
C VAL G 119 -19.40 31.44 -13.93
N TYR G 120 -19.39 30.53 -12.96
CA TYR G 120 -19.80 30.84 -11.60
C TYR G 120 -18.60 30.84 -10.67
N GLN G 121 -18.63 31.74 -9.69
CA GLN G 121 -17.64 31.77 -8.63
C GLN G 121 -18.15 30.97 -7.45
N LEU G 122 -17.46 29.88 -7.11
CA LEU G 122 -17.85 29.12 -5.94
C LEU G 122 -17.36 29.81 -4.67
N ARG G 123 -17.99 29.46 -3.56
CA ARG G 123 -17.61 30.06 -2.28
CA ARG G 123 -17.62 30.04 -2.27
C ARG G 123 -16.25 29.55 -1.83
N ASP G 124 -15.48 30.44 -1.21
CA ASP G 124 -14.19 30.07 -0.67
C ASP G 124 -14.36 29.07 0.47
N SER G 125 -13.34 28.25 0.67
CA SER G 125 -13.27 27.36 1.82
C SER G 125 -12.32 27.96 2.84
N LYS G 126 -12.71 27.94 4.11
CA LYS G 126 -11.85 28.49 5.15
C LYS G 126 -10.59 27.68 5.35
N SER G 127 -10.51 26.48 4.79
CA SER G 127 -9.33 25.63 4.90
C SER G 127 -8.47 25.64 3.63
N SER G 128 -8.76 26.54 2.69
CA SER G 128 -8.01 26.59 1.44
C SER G 128 -7.84 28.03 1.00
N ASP G 129 -6.67 28.33 0.43
CA ASP G 129 -6.38 29.65 -0.11
C ASP G 129 -6.78 29.78 -1.58
N LYS G 130 -7.44 28.77 -2.14
CA LYS G 130 -7.78 28.75 -3.56
C LYS G 130 -9.09 29.46 -3.82
N SER G 131 -9.15 30.16 -4.96
CA SER G 131 -10.40 30.66 -5.51
C SER G 131 -10.80 29.75 -6.67
N VAL G 132 -12.06 29.32 -6.69
CA VAL G 132 -12.52 28.28 -7.60
C VAL G 132 -13.64 28.83 -8.47
N CYS G 133 -13.55 28.59 -9.77
CA CYS G 133 -14.58 28.99 -10.71
CA CYS G 133 -14.56 29.00 -10.73
C CYS G 133 -15.05 27.78 -11.51
N LEU G 134 -16.32 27.81 -11.90
CA LEU G 134 -16.96 26.70 -12.62
C LEU G 134 -17.56 27.23 -13.91
N PHE G 135 -17.03 26.77 -15.04
CA PHE G 135 -17.64 26.99 -16.34
C PHE G 135 -18.52 25.79 -16.65
N THR G 136 -19.82 26.03 -16.81
CA THR G 136 -20.76 24.92 -16.85
C THR G 136 -21.93 25.22 -17.78
N ASP G 137 -22.68 24.16 -18.11
CA ASP G 137 -23.92 24.21 -18.86
C ASP G 137 -23.74 24.67 -20.31
N PHE G 138 -22.53 24.56 -20.85
CA PHE G 138 -22.28 24.96 -22.22
C PHE G 138 -22.51 23.79 -23.19
N ASP G 139 -22.64 24.13 -24.46
CA ASP G 139 -22.86 23.13 -25.49
C ASP G 139 -21.62 22.26 -25.68
N SER G 140 -21.84 21.05 -26.22
CA SER G 140 -20.75 20.10 -26.36
C SER G 140 -19.73 20.50 -27.42
N GLN G 141 -20.07 21.45 -28.30
CA GLN G 141 -19.12 21.90 -29.30
C GLN G 141 -18.03 22.78 -28.71
N THR G 142 -18.22 23.28 -27.49
CA THR G 142 -17.23 24.13 -26.85
C THR G 142 -16.07 23.29 -26.32
N ASN G 143 -14.85 23.73 -26.60
CA ASN G 143 -13.64 23.10 -26.12
C ASN G 143 -13.04 23.94 -24.99
N VAL G 144 -12.53 23.27 -23.96
CA VAL G 144 -11.92 23.92 -22.82
C VAL G 144 -10.40 23.83 -22.97
N SER G 145 -9.76 24.99 -23.11
CA SER G 145 -8.31 25.04 -23.27
C SER G 145 -7.62 25.06 -21.91
N GLN G 146 -6.44 24.45 -21.86
CA GLN G 146 -5.63 24.51 -20.66
C GLN G 146 -5.16 25.93 -20.38
N SER G 147 -4.75 26.18 -19.14
CA SER G 147 -4.31 27.50 -18.74
C SER G 147 -2.93 27.81 -19.31
N LYS G 148 -2.72 29.07 -19.68
CA LYS G 148 -1.40 29.55 -20.07
C LYS G 148 -0.67 30.24 -18.93
N ASP G 149 -1.27 30.27 -17.74
CA ASP G 149 -0.64 30.78 -16.53
C ASP G 149 -0.23 29.60 -15.67
N SER G 150 1.05 29.55 -15.31
CA SER G 150 1.59 28.40 -14.57
C SER G 150 0.95 28.24 -13.18
N ASP G 151 0.39 29.31 -12.62
CA ASP G 151 -0.25 29.24 -11.32
C ASP G 151 -1.77 29.19 -11.40
N VAL G 152 -2.32 28.98 -12.59
CA VAL G 152 -3.76 28.76 -12.79
C VAL G 152 -3.94 27.36 -13.33
N TYR G 153 -4.86 26.61 -12.74
CA TYR G 153 -5.09 25.21 -13.08
C TYR G 153 -6.50 25.06 -13.63
N ILE G 154 -6.62 24.51 -14.84
CA ILE G 154 -7.89 24.35 -15.52
C ILE G 154 -8.02 22.89 -15.94
N THR G 155 -9.09 22.24 -15.51
CA THR G 155 -9.35 20.85 -15.88
C THR G 155 -10.23 20.78 -17.12
N ASP G 156 -10.15 19.64 -17.80
CA ASP G 156 -10.94 19.44 -19.01
C ASP G 156 -12.42 19.28 -18.67
N LYS G 157 -13.26 19.36 -19.69
CA LYS G 157 -14.70 19.30 -19.47
C LYS G 157 -15.12 17.88 -19.08
N CYS G 158 -16.20 17.81 -18.32
CA CYS G 158 -16.64 16.60 -17.63
C CYS G 158 -18.16 16.54 -17.72
N VAL G 159 -18.69 15.41 -18.18
CA VAL G 159 -20.11 15.27 -18.43
C VAL G 159 -20.76 14.65 -17.19
N LEU G 160 -21.59 15.43 -16.51
CA LEU G 160 -22.31 15.01 -15.32
CA LEU G 160 -22.30 14.94 -15.34
C LEU G 160 -23.76 14.72 -15.68
N ASP G 161 -24.34 13.70 -15.05
CA ASP G 161 -25.71 13.28 -15.32
C ASP G 161 -26.50 13.21 -14.03
N MET G 162 -27.54 14.03 -13.92
CA MET G 162 -28.47 13.99 -12.78
C MET G 162 -29.61 13.05 -13.17
N ARG G 163 -29.54 11.81 -12.70
CA ARG G 163 -30.48 10.78 -13.13
C ARG G 163 -31.90 11.09 -12.69
N SER G 164 -32.06 11.79 -11.56
CA SER G 164 -33.41 12.08 -11.05
C SER G 164 -34.20 12.94 -12.04
N MET G 165 -33.55 13.91 -12.66
CA MET G 165 -34.21 14.82 -13.59
C MET G 165 -33.84 14.57 -15.04
N ASP G 166 -33.12 13.48 -15.33
CA ASP G 166 -32.71 13.13 -16.69
C ASP G 166 -32.00 14.30 -17.36
N PHE G 167 -31.03 14.87 -16.65
CA PHE G 167 -30.37 16.10 -17.04
C PHE G 167 -28.85 15.87 -17.13
N LYS G 168 -28.25 16.33 -18.23
CA LYS G 168 -26.82 16.25 -18.43
C LYS G 168 -26.25 17.65 -18.64
N SER G 169 -25.00 17.84 -18.25
CA SER G 169 -24.35 19.14 -18.40
C SER G 169 -22.84 18.95 -18.42
N ASN G 170 -22.17 19.72 -19.26
CA ASN G 170 -20.72 19.79 -19.26
C ASN G 170 -20.25 20.83 -18.26
N SER G 171 -19.04 20.63 -17.73
CA SER G 171 -18.46 21.61 -16.83
C SER G 171 -16.95 21.43 -16.77
N ALA G 172 -16.26 22.54 -16.54
CA ALA G 172 -14.83 22.55 -16.30
C ALA G 172 -14.55 23.43 -15.09
N VAL G 173 -13.49 23.10 -14.36
CA VAL G 173 -13.11 23.80 -13.15
C VAL G 173 -11.76 24.47 -13.36
N ALA G 174 -11.63 25.69 -12.85
CA ALA G 174 -10.37 26.41 -12.80
C ALA G 174 -10.18 27.00 -11.42
N TRP G 175 -8.93 27.02 -10.96
CA TRP G 175 -8.65 27.52 -9.62
C TRP G 175 -7.24 28.07 -9.56
N SER G 176 -6.99 28.89 -8.53
CA SER G 176 -5.70 29.52 -8.31
C SER G 176 -5.73 30.20 -6.95
N ASN G 177 -4.55 30.53 -6.44
CA ASN G 177 -4.43 31.31 -5.21
C ASN G 177 -3.77 32.66 -5.46
N LYS G 178 -3.71 33.09 -6.72
CA LYS G 178 -3.13 34.38 -7.08
C LYS G 178 -4.08 35.51 -6.70
N SER G 179 -3.49 36.68 -6.44
CA SER G 179 -4.30 37.83 -6.05
C SER G 179 -5.13 38.34 -7.21
N ASP G 180 -4.58 38.34 -8.42
CA ASP G 180 -5.26 38.86 -9.59
C ASP G 180 -6.17 37.84 -10.27
N PHE G 181 -6.35 36.66 -9.67
CA PHE G 181 -7.21 35.66 -10.29
C PHE G 181 -8.68 36.03 -10.12
N ALA G 182 -9.43 35.99 -11.22
CA ALA G 182 -10.84 36.33 -11.22
C ALA G 182 -11.57 35.41 -12.19
N CYS G 183 -12.79 35.03 -11.83
CA CYS G 183 -13.57 34.14 -12.68
C CYS G 183 -13.90 34.77 -14.03
N ALA G 184 -13.97 36.10 -14.08
CA ALA G 184 -14.24 36.78 -15.34
C ALA G 184 -13.12 36.58 -16.35
N ASN G 185 -11.92 36.26 -15.90
CA ASN G 185 -10.76 36.07 -16.77
C ASN G 185 -10.18 34.66 -16.71
N ALA G 186 -10.79 33.76 -15.95
CA ALA G 186 -10.18 32.45 -15.73
C ALA G 186 -10.14 31.61 -17.00
N PHE G 187 -11.21 31.67 -17.80
CA PHE G 187 -11.29 30.90 -19.04
C PHE G 187 -11.05 31.76 -20.27
N ASN G 188 -10.21 32.80 -20.14
CA ASN G 188 -9.95 33.70 -21.25
C ASN G 188 -9.20 33.00 -22.38
N ASN G 189 -8.42 31.97 -22.09
CA ASN G 189 -7.67 31.28 -23.12
C ASN G 189 -8.52 30.29 -23.91
N SER G 190 -9.76 30.07 -23.51
CA SER G 190 -10.69 29.20 -24.23
C SER G 190 -11.64 30.03 -25.08
N ILE G 191 -12.19 29.37 -26.10
CA ILE G 191 -13.21 29.98 -26.95
C ILE G 191 -14.56 29.58 -26.36
N ILE G 192 -15.15 30.49 -25.58
CA ILE G 192 -16.39 30.21 -24.86
C ILE G 192 -17.55 30.84 -25.63
N PRO G 193 -18.78 30.39 -25.43
CA PRO G 193 -19.91 30.96 -26.19
C PRO G 193 -20.08 32.44 -25.94
N GLU G 194 -20.59 33.15 -26.96
CA GLU G 194 -20.78 34.58 -26.87
C GLU G 194 -21.75 34.96 -25.77
N ASP G 195 -22.76 34.13 -25.52
CA ASP G 195 -23.80 34.42 -24.54
C ASP G 195 -23.50 33.87 -23.15
N THR G 196 -22.22 33.63 -22.85
CA THR G 196 -21.85 33.08 -21.54
C THR G 196 -22.23 34.04 -20.43
N PHE G 197 -22.96 33.54 -19.45
CA PHE G 197 -23.46 34.36 -18.35
C PHE G 197 -22.35 34.53 -17.32
N PHE G 198 -21.97 35.78 -17.08
CA PHE G 198 -20.98 36.11 -16.06
C PHE G 198 -21.67 36.88 -14.94
N PRO G 199 -22.18 36.20 -13.92
CA PRO G 199 -22.81 36.93 -12.81
C PRO G 199 -21.85 37.93 -12.16
N SER G 200 -22.44 39.04 -11.70
CA SER G 200 -21.65 40.12 -11.12
CA SER G 200 -21.68 40.13 -11.10
C SER G 200 -21.01 39.69 -9.79
N PRO G 201 -19.82 40.21 -9.51
CA PRO G 201 -19.10 39.90 -8.27
C PRO G 201 -19.65 40.68 -7.09
N GLU G 202 -19.00 40.48 -5.95
CA GLU G 202 -19.36 41.12 -4.68
C GLU G 202 -20.84 40.93 -4.35
N ASN H 2 -18.73 -17.05 -7.49
CA ASN H 2 -18.36 -16.68 -8.86
C ASN H 2 -17.76 -15.27 -8.90
N ALA H 3 -16.49 -15.16 -8.51
CA ALA H 3 -15.82 -13.87 -8.46
C ALA H 3 -15.09 -13.52 -9.75
N GLY H 4 -14.79 -14.51 -10.59
CA GLY H 4 -14.06 -14.26 -11.81
C GLY H 4 -12.56 -14.28 -11.55
N VAL H 5 -11.87 -13.22 -11.98
CA VAL H 5 -10.42 -13.10 -11.80
C VAL H 5 -10.17 -12.07 -10.71
N THR H 6 -9.47 -12.48 -9.66
CA THR H 6 -9.16 -11.62 -8.52
C THR H 6 -7.66 -11.42 -8.44
N GLN H 7 -7.20 -10.18 -8.60
CA GLN H 7 -5.79 -9.87 -8.51
C GLN H 7 -5.57 -8.74 -7.50
N THR H 8 -4.45 -8.81 -6.81
CA THR H 8 -4.07 -7.85 -5.78
C THR H 8 -2.59 -7.53 -5.91
N PRO H 9 -2.17 -6.32 -5.51
CA PRO H 9 -3.00 -5.23 -5.00
C PRO H 9 -3.46 -4.28 -6.11
N LYS H 10 -4.39 -3.39 -5.80
CA LYS H 10 -4.87 -2.45 -6.80
C LYS H 10 -3.84 -1.36 -7.07
N PHE H 11 -3.11 -0.93 -6.05
CA PHE H 11 -2.08 0.08 -6.18
C PHE H 11 -0.86 -0.33 -5.37
N GLN H 12 0.31 0.14 -5.79
CA GLN H 12 1.54 -0.13 -5.07
C GLN H 12 2.62 0.85 -5.51
N VAL H 13 3.22 1.54 -4.54
CA VAL H 13 4.42 2.34 -4.77
C VAL H 13 5.62 1.49 -4.42
N LEU H 14 6.66 1.56 -5.25
CA LEU H 14 7.86 0.78 -5.03
C LEU H 14 9.09 1.64 -5.25
N LYS H 15 10.15 1.33 -4.50
CA LYS H 15 11.45 1.94 -4.71
C LYS H 15 12.28 1.04 -5.62
N THR H 16 13.19 1.67 -6.37
CA THR H 16 14.06 0.93 -7.27
C THR H 16 14.84 -0.12 -6.51
N GLY H 17 14.75 -1.38 -6.96
CA GLY H 17 15.39 -2.49 -6.30
C GLY H 17 14.50 -3.25 -5.35
N GLN H 18 13.32 -2.73 -5.03
CA GLN H 18 12.42 -3.41 -4.11
C GLN H 18 11.75 -4.59 -4.79
N SER H 19 11.48 -5.64 -4.00
CA SER H 19 10.80 -6.81 -4.51
C SER H 19 9.30 -6.67 -4.34
N MET H 20 8.55 -7.36 -5.20
CA MET H 20 7.10 -7.27 -5.19
CA MET H 20 7.10 -7.32 -5.11
C MET H 20 6.50 -8.52 -5.83
N THR H 21 5.37 -8.97 -5.31
CA THR H 21 4.64 -10.11 -5.84
C THR H 21 3.20 -9.73 -6.08
N LEU H 22 2.69 -9.97 -7.29
CA LEU H 22 1.30 -9.71 -7.62
CA LEU H 22 1.30 -9.72 -7.63
C LEU H 22 0.52 -11.02 -7.62
N GLN H 23 -0.58 -11.06 -6.88
CA GLN H 23 -1.39 -12.25 -6.80
C GLN H 23 -2.47 -12.22 -7.87
N CYS H 24 -2.88 -13.42 -8.30
CA CYS H 24 -3.98 -13.55 -9.25
C CYS H 24 -4.62 -14.91 -9.07
N ALA H 25 -5.95 -14.93 -8.95
CA ALA H 25 -6.68 -16.18 -8.80
C ALA H 25 -7.96 -16.11 -9.63
N GLN H 26 -8.37 -17.25 -10.15
CA GLN H 26 -9.62 -17.38 -10.90
C GLN H 26 -10.40 -18.58 -10.40
N ASP H 27 -11.71 -18.37 -10.21
CA ASP H 27 -12.60 -19.42 -9.73
C ASP H 27 -13.51 -19.94 -10.83
N MET H 28 -13.10 -19.80 -12.09
CA MET H 28 -13.87 -20.24 -13.24
CA MET H 28 -13.88 -20.25 -13.24
C MET H 28 -13.43 -21.59 -13.77
N ASN H 29 -12.55 -22.30 -13.03
CA ASN H 29 -12.03 -23.61 -13.44
C ASN H 29 -11.34 -23.53 -14.80
N HIS H 30 -10.65 -22.42 -15.05
CA HIS H 30 -9.92 -22.23 -16.28
C HIS H 30 -8.57 -22.93 -16.22
N ASN H 31 -7.99 -23.18 -17.39
CA ASN H 31 -6.68 -23.82 -17.50
C ASN H 31 -5.56 -22.86 -17.87
N SER H 32 -5.85 -21.84 -18.67
CA SER H 32 -4.84 -20.92 -19.16
C SER H 32 -4.91 -19.60 -18.38
N MET H 33 -3.76 -19.11 -17.94
CA MET H 33 -3.67 -17.85 -17.22
C MET H 33 -2.53 -17.02 -17.79
N TYR H 34 -2.70 -15.69 -17.75
CA TYR H 34 -1.80 -14.77 -18.41
C TYR H 34 -1.49 -13.59 -17.51
N TRP H 35 -0.39 -12.92 -17.80
CA TRP H 35 -0.02 -11.67 -17.14
C TRP H 35 0.37 -10.66 -18.21
N TYR H 36 -0.36 -9.55 -18.26
CA TYR H 36 -0.12 -8.47 -19.22
C TYR H 36 0.31 -7.21 -18.49
N ARG H 37 0.99 -6.32 -19.21
CA ARG H 37 1.23 -4.96 -18.77
C ARG H 37 0.68 -4.00 -19.82
N GLN H 38 0.01 -2.96 -19.37
CA GLN H 38 -0.60 -1.97 -20.25
C GLN H 38 0.12 -0.65 -20.06
N ASP H 39 0.63 -0.09 -21.16
CA ASP H 39 1.37 1.15 -21.15
C ASP H 39 0.76 2.11 -22.17
N PRO H 40 0.84 3.41 -21.92
CA PRO H 40 0.24 4.37 -22.86
C PRO H 40 0.89 4.31 -24.23
N GLY H 41 0.05 4.38 -25.27
CA GLY H 41 0.52 4.43 -26.63
C GLY H 41 0.78 3.10 -27.29
N MET H 42 0.54 1.98 -26.61
CA MET H 42 0.82 0.68 -27.18
C MET H 42 -0.20 -0.32 -26.67
N GLY H 43 -0.32 -1.43 -27.41
CA GLY H 43 -1.24 -2.48 -27.02
C GLY H 43 -0.71 -3.34 -25.90
N LEU H 44 -1.59 -4.16 -25.35
CA LEU H 44 -1.21 -5.08 -24.28
C LEU H 44 -0.03 -5.95 -24.71
N ARG H 45 0.93 -6.11 -23.80
CA ARG H 45 2.11 -6.94 -24.05
C ARG H 45 2.16 -8.07 -23.02
N LEU H 46 2.26 -9.29 -23.52
CA LEU H 46 2.32 -10.45 -22.64
C LEU H 46 3.68 -10.53 -21.95
N ILE H 47 3.68 -10.78 -20.65
CA ILE H 47 4.90 -10.92 -19.87
C ILE H 47 5.22 -12.41 -19.73
N TYR H 48 4.31 -13.15 -19.10
CA TYR H 48 4.39 -14.59 -19.00
C TYR H 48 3.00 -15.17 -19.14
N TYR H 49 2.93 -16.46 -19.47
CA TYR H 49 1.64 -17.12 -19.56
C TYR H 49 1.78 -18.56 -19.08
N SER H 50 0.63 -19.18 -18.80
CA SER H 50 0.59 -20.55 -18.31
C SER H 50 -0.51 -21.27 -19.10
N ALA H 51 -0.10 -22.02 -20.12
CA ALA H 51 -1.06 -22.67 -21.00
C ALA H 51 -1.95 -23.64 -20.23
N SER H 52 -1.38 -24.31 -19.24
CA SER H 52 -2.13 -25.25 -18.42
CA SER H 52 -2.13 -25.25 -18.42
C SER H 52 -1.43 -25.37 -17.07
N GLU H 53 -2.11 -26.00 -16.12
CA GLU H 53 -1.51 -26.21 -14.81
C GLU H 53 -0.27 -27.09 -14.94
N GLY H 54 0.84 -26.62 -14.39
CA GLY H 54 2.09 -27.36 -14.44
C GLY H 54 3.07 -26.90 -15.50
N THR H 55 2.75 -25.86 -16.27
CA THR H 55 3.68 -25.36 -17.26
C THR H 55 3.52 -23.85 -17.39
N THR H 56 4.65 -23.16 -17.56
CA THR H 56 4.67 -21.72 -17.81
C THR H 56 5.72 -21.44 -18.87
N ASP H 57 5.62 -20.27 -19.49
CA ASP H 57 6.60 -19.87 -20.50
C ASP H 57 6.59 -18.35 -20.61
N LYS H 58 7.67 -17.82 -21.17
CA LYS H 58 7.81 -16.38 -21.33
C LYS H 58 6.87 -15.86 -22.41
N GLY H 59 6.53 -14.58 -22.29
CA GLY H 59 5.76 -13.88 -23.30
C GLY H 59 6.63 -12.99 -24.16
N GLU H 60 6.15 -11.78 -24.42
CA GLU H 60 6.92 -10.84 -25.22
C GLU H 60 7.94 -10.07 -24.38
N VAL H 61 7.63 -9.76 -23.13
CA VAL H 61 8.50 -8.95 -22.28
C VAL H 61 8.76 -9.65 -20.96
N PRO H 62 9.53 -10.75 -20.93
CA PRO H 62 9.75 -11.47 -19.67
C PRO H 62 10.86 -10.89 -18.80
N ASN H 63 11.75 -10.06 -19.36
CA ASN H 63 12.92 -9.62 -18.62
C ASN H 63 12.52 -8.74 -17.43
N GLY H 64 12.99 -9.11 -16.25
CA GLY H 64 12.65 -8.42 -15.02
C GLY H 64 11.50 -9.03 -14.25
N TYR H 65 10.91 -10.11 -14.75
CA TYR H 65 9.75 -10.73 -14.12
C TYR H 65 9.94 -12.24 -14.04
N ASN H 66 9.14 -12.85 -13.16
CA ASN H 66 9.04 -14.30 -13.05
CA ASN H 66 9.00 -14.29 -13.14
C ASN H 66 7.63 -14.63 -12.57
N VAL H 67 7.18 -15.85 -12.86
CA VAL H 67 5.84 -16.29 -12.50
C VAL H 67 5.89 -17.67 -11.88
N SER H 68 4.77 -18.03 -11.25
CA SER H 68 4.62 -19.35 -10.64
CA SER H 68 4.62 -19.35 -10.64
C SER H 68 3.16 -19.76 -10.74
N ARG H 69 2.89 -20.84 -11.48
CA ARG H 69 1.54 -21.41 -11.53
C ARG H 69 1.42 -22.34 -10.34
N LEU H 70 1.11 -21.75 -9.19
CA LEU H 70 1.08 -22.48 -7.92
C LEU H 70 0.06 -23.61 -7.95
N ASN H 71 -1.07 -23.41 -8.62
CA ASN H 71 -2.09 -24.44 -8.77
C ASN H 71 -2.95 -24.05 -9.97
N LYS H 72 -4.09 -24.73 -10.13
CA LYS H 72 -4.96 -24.45 -11.27
C LYS H 72 -5.58 -23.06 -11.17
N ARG H 73 -5.79 -22.56 -9.95
CA ARG H 73 -6.46 -21.27 -9.76
C ARG H 73 -5.51 -20.08 -9.75
N GLU H 74 -4.29 -20.26 -9.25
CA GLU H 74 -3.43 -19.14 -8.90
C GLU H 74 -2.25 -19.02 -9.86
N PHE H 75 -1.89 -17.78 -10.17
CA PHE H 75 -0.79 -17.48 -11.10
C PHE H 75 -0.20 -16.15 -10.65
N SER H 76 0.93 -16.21 -9.95
CA SER H 76 1.56 -15.03 -9.36
CA SER H 76 1.56 -15.04 -9.37
C SER H 76 2.61 -14.46 -10.30
N LEU H 77 2.77 -13.14 -10.24
CA LEU H 77 3.78 -12.41 -11.00
C LEU H 77 4.77 -11.79 -10.03
N ARG H 78 6.06 -12.00 -10.27
CA ARG H 78 7.10 -11.60 -9.33
C ARG H 78 8.03 -10.59 -9.98
N LEU H 79 8.22 -9.46 -9.30
CA LEU H 79 9.24 -8.47 -9.64
C LEU H 79 10.31 -8.55 -8.57
N GLU H 80 11.50 -9.05 -8.94
CA GLU H 80 12.54 -9.30 -7.95
C GLU H 80 13.30 -8.03 -7.61
N SER H 81 13.60 -7.19 -8.62
CA SER H 81 14.29 -5.92 -8.41
C SER H 81 13.57 -4.87 -9.27
N ALA H 82 12.65 -4.16 -8.64
CA ALA H 82 11.80 -3.22 -9.35
C ALA H 82 12.63 -2.15 -10.06
N ALA H 83 12.24 -1.85 -11.31
CA ALA H 83 12.90 -0.85 -12.12
C ALA H 83 11.89 0.21 -12.56
N PRO H 84 12.32 1.46 -12.72
CA PRO H 84 11.37 2.51 -13.13
C PRO H 84 10.65 2.21 -14.43
N SER H 85 11.25 1.44 -15.33
CA SER H 85 10.57 1.06 -16.57
C SER H 85 9.40 0.13 -16.32
N GLN H 86 9.35 -0.52 -15.17
CA GLN H 86 8.25 -1.41 -14.81
C GLN H 86 7.05 -0.67 -14.25
N THR H 87 7.09 0.67 -14.20
CA THR H 87 5.91 1.46 -13.87
C THR H 87 4.86 1.24 -14.94
N SER H 88 3.74 0.61 -14.59
CA SER H 88 2.75 0.20 -15.57
C SER H 88 1.49 -0.22 -14.82
N VAL H 89 0.47 -0.59 -15.59
CA VAL H 89 -0.74 -1.22 -15.07
C VAL H 89 -0.72 -2.67 -15.49
N TYR H 90 -0.70 -3.57 -14.51
CA TYR H 90 -0.56 -5.00 -14.78
C TYR H 90 -1.92 -5.67 -14.72
N PHE H 91 -2.24 -6.42 -15.78
CA PHE H 91 -3.50 -7.14 -15.89
C PHE H 91 -3.23 -8.63 -15.98
N CYS H 92 -3.92 -9.41 -15.16
CA CYS H 92 -3.90 -10.85 -15.23
CA CYS H 92 -3.89 -10.85 -15.27
C CYS H 92 -5.21 -11.34 -15.84
N ALA H 93 -5.11 -12.31 -16.75
CA ALA H 93 -6.28 -12.82 -17.46
C ALA H 93 -6.26 -14.34 -17.44
N SER H 94 -7.39 -14.93 -17.85
CA SER H 94 -7.51 -16.37 -17.93
C SER H 94 -8.50 -16.72 -19.02
N SER H 95 -8.36 -17.95 -19.55
CA SER H 95 -9.27 -18.48 -20.54
C SER H 95 -9.45 -19.97 -20.28
N VAL H 96 -10.54 -20.52 -20.83
CA VAL H 96 -10.85 -21.94 -20.60
C VAL H 96 -9.69 -22.82 -21.05
N TRP H 97 -9.25 -22.65 -22.29
CA TRP H 97 -8.07 -23.31 -22.83
C TRP H 97 -7.25 -22.28 -23.60
N THR H 98 -6.16 -22.75 -24.21
CA THR H 98 -5.36 -21.91 -25.09
C THR H 98 -5.12 -22.67 -26.39
N GLY H 99 -5.02 -21.92 -27.49
CA GLY H 99 -4.97 -22.56 -28.79
C GLY H 99 -6.33 -23.04 -29.26
N GLU H 100 -7.39 -22.48 -28.69
CA GLU H 100 -8.75 -22.88 -29.04
C GLU H 100 -9.36 -22.01 -30.14
N GLY H 101 -8.84 -20.81 -30.33
CA GLY H 101 -9.31 -19.96 -31.42
C GLY H 101 -10.31 -18.91 -30.99
N SER H 102 -11.55 -19.32 -30.72
CA SER H 102 -12.61 -18.39 -30.39
C SER H 102 -12.72 -18.10 -28.89
N GLY H 103 -11.94 -18.78 -28.06
CA GLY H 103 -12.02 -18.55 -26.63
C GLY H 103 -11.51 -17.17 -26.26
N GLU H 104 -12.32 -16.42 -25.52
CA GLU H 104 -11.97 -15.07 -25.12
C GLU H 104 -11.25 -15.09 -23.78
N LEU H 105 -10.66 -13.94 -23.44
CA LEU H 105 -9.95 -13.76 -22.18
C LEU H 105 -10.85 -13.09 -21.16
N PHE H 106 -10.65 -13.44 -19.89
CA PHE H 106 -11.34 -12.83 -18.76
C PHE H 106 -10.28 -12.13 -17.91
N PHE H 107 -10.35 -10.80 -17.84
CA PHE H 107 -9.32 -10.01 -17.20
C PHE H 107 -9.63 -9.74 -15.73
N GLY H 108 -8.56 -9.57 -14.95
CA GLY H 108 -8.70 -9.10 -13.58
C GLY H 108 -8.78 -7.57 -13.53
N GLU H 109 -9.01 -7.06 -12.32
CA GLU H 109 -9.25 -5.62 -12.16
C GLU H 109 -8.04 -4.78 -12.49
N GLY H 110 -6.83 -5.32 -12.42
CA GLY H 110 -5.65 -4.56 -12.76
C GLY H 110 -4.88 -4.11 -11.53
N SER H 111 -3.58 -3.93 -11.70
CA SER H 111 -2.69 -3.51 -10.62
C SER H 111 -1.82 -2.37 -11.14
N ARG H 112 -2.02 -1.18 -10.61
CA ARG H 112 -1.22 -0.02 -11.01
C ARG H 112 0.04 0.03 -10.17
N LEU H 113 1.18 0.12 -10.85
CA LEU H 113 2.49 0.09 -10.22
C LEU H 113 3.27 1.33 -10.60
N THR H 114 3.88 1.98 -9.61
CA THR H 114 4.78 3.10 -9.85
C THR H 114 6.09 2.83 -9.12
N VAL H 115 7.18 2.71 -9.88
CA VAL H 115 8.51 2.46 -9.33
C VAL H 115 9.29 3.76 -9.37
N LEU H 116 9.86 4.15 -8.23
CA LEU H 116 10.52 5.43 -8.09
C LEU H 116 11.94 5.25 -7.58
N GLU H 117 12.85 6.06 -8.12
CA GLU H 117 14.22 6.06 -7.61
C GLU H 117 14.26 6.53 -6.15
N ASP H 118 13.38 7.47 -5.80
CA ASP H 118 13.35 8.05 -4.47
C ASP H 118 11.90 8.21 -4.05
N LEU H 119 11.62 7.93 -2.78
CA LEU H 119 10.28 8.09 -2.24
C LEU H 119 10.00 9.51 -1.74
N LYS H 120 10.98 10.41 -1.85
CA LYS H 120 10.82 11.75 -1.30
C LYS H 120 9.85 12.62 -2.10
N ASN H 121 9.42 12.18 -3.28
CA ASN H 121 8.44 12.91 -4.07
C ASN H 121 7.06 12.27 -4.00
N VAL H 122 6.81 11.44 -3.01
CA VAL H 122 5.48 10.88 -2.77
C VAL H 122 4.72 11.83 -1.83
N PHE H 123 3.51 12.20 -2.22
CA PHE H 123 2.70 13.16 -1.47
C PHE H 123 1.26 12.71 -1.39
N PRO H 124 0.64 12.81 -0.22
CA PRO H 124 -0.81 12.62 -0.12
C PRO H 124 -1.53 13.83 -0.69
N PRO H 125 -2.80 13.70 -1.04
CA PRO H 125 -3.52 14.84 -1.62
C PRO H 125 -4.04 15.82 -0.59
N GLU H 126 -4.10 17.08 -0.99
CA GLU H 126 -4.83 18.11 -0.26
C GLU H 126 -6.26 18.12 -0.76
N VAL H 127 -7.22 18.03 0.16
CA VAL H 127 -8.64 17.91 -0.18
C VAL H 127 -9.39 19.09 0.39
N ALA H 128 -10.15 19.78 -0.46
CA ALA H 128 -10.96 20.93 -0.07
C ALA H 128 -12.28 20.90 -0.81
N VAL H 129 -13.35 21.31 -0.12
CA VAL H 129 -14.68 21.38 -0.70
C VAL H 129 -15.09 22.84 -0.83
N PHE H 130 -15.69 23.18 -1.96
CA PHE H 130 -16.14 24.54 -2.25
C PHE H 130 -17.64 24.52 -2.51
N GLU H 131 -18.37 25.37 -1.79
CA GLU H 131 -19.81 25.34 -1.78
C GLU H 131 -20.38 26.02 -3.03
N PRO H 132 -21.63 25.68 -3.39
CA PRO H 132 -22.17 26.17 -4.66
C PRO H 132 -22.30 27.69 -4.72
N SER H 133 -22.29 28.19 -5.95
CA SER H 133 -22.50 29.61 -6.19
C SER H 133 -23.96 29.97 -6.01
N GLU H 134 -24.22 31.04 -5.25
CA GLU H 134 -25.58 31.52 -5.10
C GLU H 134 -26.16 32.00 -6.43
N ALA H 135 -25.29 32.49 -7.32
CA ALA H 135 -25.75 32.89 -8.64
C ALA H 135 -26.23 31.69 -9.45
N GLU H 136 -25.53 30.56 -9.34
CA GLU H 136 -25.97 29.35 -10.03
C GLU H 136 -27.31 28.87 -9.50
N ILE H 137 -27.50 28.95 -8.17
CA ILE H 137 -28.74 28.49 -7.57
C ILE H 137 -29.94 29.28 -8.09
N SER H 138 -29.79 30.60 -8.15
CA SER H 138 -30.93 31.43 -8.55
C SER H 138 -31.14 31.39 -10.06
N HIS H 139 -30.09 31.12 -10.83
CA HIS H 139 -30.18 31.08 -12.29
C HIS H 139 -30.65 29.73 -12.83
N THR H 140 -30.23 28.63 -12.20
CA THR H 140 -30.50 27.30 -12.72
C THR H 140 -31.33 26.41 -11.81
N GLN H 141 -31.60 26.85 -10.57
CA GLN H 141 -32.25 26.03 -9.54
C GLN H 141 -31.46 24.75 -9.25
N LYS H 142 -30.15 24.78 -9.49
CA LYS H 142 -29.26 23.67 -9.20
C LYS H 142 -28.04 24.19 -8.45
N ALA H 143 -27.34 23.28 -7.79
CA ALA H 143 -26.21 23.64 -6.94
C ALA H 143 -25.08 22.66 -7.17
N THR H 144 -23.91 23.17 -7.56
CA THR H 144 -22.75 22.35 -7.86
C THR H 144 -21.68 22.55 -6.81
N LEU H 145 -21.37 21.50 -6.06
CA LEU H 145 -20.21 21.49 -5.19
C LEU H 145 -19.00 20.98 -5.95
N VAL H 146 -17.83 21.50 -5.60
CA VAL H 146 -16.58 21.13 -6.25
C VAL H 146 -15.59 20.66 -5.19
N CYS H 147 -14.94 19.52 -5.45
CA CYS H 147 -13.91 18.98 -4.58
C CYS H 147 -12.59 18.98 -5.34
N LEU H 148 -11.55 19.50 -4.71
CA LEU H 148 -10.22 19.60 -5.32
C LEU H 148 -9.24 18.75 -4.54
N ALA H 149 -8.65 17.76 -5.20
CA ALA H 149 -7.56 16.97 -4.65
C ALA H 149 -6.29 17.39 -5.39
N THR H 150 -5.37 18.04 -4.67
CA THR H 150 -4.24 18.71 -5.30
C THR H 150 -2.93 18.30 -4.64
N GLY H 151 -1.87 18.28 -5.45
CA GLY H 151 -0.52 18.09 -4.95
C GLY H 151 -0.12 16.69 -4.58
N PHE H 152 -0.83 15.67 -5.06
CA PHE H 152 -0.54 14.29 -4.69
C PHE H 152 0.32 13.61 -5.75
N TYR H 153 1.06 12.58 -5.32
CA TYR H 153 1.93 11.83 -6.20
C TYR H 153 2.28 10.55 -5.49
N PRO H 154 2.20 9.38 -6.14
CA PRO H 154 1.78 9.25 -7.54
C PRO H 154 0.27 9.29 -7.71
N ASP H 155 -0.21 8.93 -8.90
CA ASP H 155 -1.64 8.97 -9.19
C ASP H 155 -2.30 7.66 -8.75
N HIS H 156 -2.31 7.47 -7.44
CA HIS H 156 -2.95 6.33 -6.79
C HIS H 156 -4.03 6.87 -5.84
N VAL H 157 -5.15 7.34 -6.40
CA VAL H 157 -6.20 7.97 -5.62
C VAL H 157 -7.56 7.43 -6.03
N GLU H 158 -8.49 7.44 -5.08
CA GLU H 158 -9.88 7.09 -5.33
C GLU H 158 -10.75 8.12 -4.62
N LEU H 159 -11.47 8.93 -5.39
CA LEU H 159 -12.31 9.99 -4.84
C LEU H 159 -13.76 9.55 -4.83
N SER H 160 -14.47 9.88 -3.76
CA SER H 160 -15.87 9.53 -3.62
C SER H 160 -16.61 10.66 -2.90
N TRP H 161 -17.89 10.79 -3.22
CA TRP H 161 -18.78 11.74 -2.55
C TRP H 161 -19.68 10.99 -1.58
N TRP H 162 -19.95 11.62 -0.44
CA TRP H 162 -20.78 11.03 0.61
C TRP H 162 -21.84 12.04 1.02
N VAL H 163 -23.10 11.70 0.79
CA VAL H 163 -24.23 12.55 1.16
C VAL H 163 -24.98 11.84 2.29
N ASN H 164 -24.98 12.46 3.47
CA ASN H 164 -25.67 11.93 4.65
C ASN H 164 -25.16 10.54 5.00
N GLY H 165 -23.84 10.37 4.98
CA GLY H 165 -23.22 9.11 5.36
C GLY H 165 -23.27 8.00 4.34
N LYS H 166 -23.88 8.24 3.18
CA LYS H 166 -23.98 7.23 2.13
C LYS H 166 -23.30 7.73 0.88
N GLU H 167 -22.51 6.86 0.25
CA GLU H 167 -21.82 7.23 -0.99
C GLU H 167 -22.84 7.40 -2.12
N VAL H 168 -22.60 8.42 -2.94
CA VAL H 168 -23.48 8.72 -4.06
C VAL H 168 -22.67 8.70 -5.35
N HIS H 169 -23.38 8.47 -6.46
CA HIS H 169 -22.77 8.44 -7.78
C HIS H 169 -23.56 9.27 -8.77
N SER H 170 -24.88 9.34 -8.57
CA SER H 170 -25.72 10.16 -9.43
C SER H 170 -25.45 11.63 -9.18
N GLY H 171 -25.33 12.41 -10.25
CA GLY H 171 -24.98 13.80 -10.14
C GLY H 171 -23.51 14.05 -9.86
N VAL H 172 -22.65 13.07 -10.11
CA VAL H 172 -21.22 13.15 -9.82
C VAL H 172 -20.44 12.97 -11.10
N CYS H 173 -19.44 13.81 -11.31
CA CYS H 173 -18.49 13.68 -12.41
CA CYS H 173 -18.48 13.58 -12.37
C CYS H 173 -17.10 13.97 -11.86
N THR H 174 -16.15 13.05 -12.06
CA THR H 174 -14.78 13.24 -11.63
C THR H 174 -13.89 13.18 -12.87
N ASP H 175 -12.87 14.03 -12.90
CA ASP H 175 -11.95 14.09 -14.03
C ASP H 175 -11.44 12.69 -14.35
N PRO H 176 -11.63 12.20 -15.59
CA PRO H 176 -11.10 10.87 -15.93
C PRO H 176 -9.60 10.77 -15.79
N GLN H 177 -8.87 11.86 -16.05
CA GLN H 177 -7.43 11.90 -15.94
C GLN H 177 -7.00 13.00 -14.98
N PRO H 178 -5.96 12.78 -14.19
CA PRO H 178 -5.46 13.83 -13.31
C PRO H 178 -4.76 14.92 -14.11
N LEU H 179 -4.58 16.07 -13.46
CA LEU H 179 -3.94 17.22 -14.07
C LEU H 179 -2.53 17.35 -13.51
N LYS H 180 -1.54 17.37 -14.40
CA LYS H 180 -0.17 17.63 -13.99
C LYS H 180 -0.03 19.10 -13.60
N GLU H 181 0.27 19.35 -12.32
CA GLU H 181 0.38 20.73 -11.85
C GLU H 181 1.53 21.46 -12.54
N GLN H 182 2.61 20.76 -12.84
CA GLN H 182 3.73 21.31 -13.62
C GLN H 182 3.92 20.40 -14.81
N PRO H 183 3.24 20.68 -15.94
CA PRO H 183 3.22 19.73 -17.05
C PRO H 183 4.58 19.43 -17.66
N ALA H 184 5.57 20.29 -17.46
CA ALA H 184 6.89 20.07 -18.04
C ALA H 184 7.75 19.11 -17.23
N LEU H 185 7.46 18.95 -15.94
CA LEU H 185 8.24 18.06 -15.09
C LEU H 185 7.72 16.63 -15.19
N ASN H 186 8.66 15.68 -15.27
CA ASN H 186 8.28 14.28 -15.43
C ASN H 186 7.72 13.69 -14.15
N ASP H 187 8.13 14.21 -12.99
CA ASP H 187 7.65 13.74 -11.70
C ASP H 187 6.68 14.73 -11.07
N SER H 188 5.86 15.38 -11.89
CA SER H 188 4.98 16.43 -11.41
C SER H 188 3.89 15.87 -10.51
N ARG H 189 3.58 16.60 -9.45
CA ARG H 189 2.45 16.26 -8.60
C ARG H 189 1.14 16.54 -9.33
N TYR H 190 0.09 15.85 -8.91
CA TYR H 190 -1.17 15.81 -9.66
C TYR H 190 -2.25 16.62 -8.95
N ALA H 191 -3.25 17.01 -9.74
CA ALA H 191 -4.46 17.65 -9.24
C ALA H 191 -5.68 16.94 -9.83
N LEU H 192 -6.74 16.85 -9.04
CA LEU H 192 -7.95 16.17 -9.47
C LEU H 192 -9.16 16.94 -8.97
N SER H 193 -10.15 17.15 -9.84
CA SER H 193 -11.36 17.87 -9.50
C SER H 193 -12.58 16.97 -9.72
N SER H 194 -13.60 17.18 -8.91
CA SER H 194 -14.85 16.46 -9.02
C SER H 194 -15.99 17.40 -8.64
N ARG H 195 -17.13 17.19 -9.28
CA ARG H 195 -18.32 18.00 -8.99
C ARG H 195 -19.47 17.11 -8.55
N LEU H 196 -20.27 17.64 -7.62
CA LEU H 196 -21.52 17.00 -7.20
C LEU H 196 -22.62 18.05 -7.37
N ARG H 197 -23.51 17.83 -8.32
CA ARG H 197 -24.58 18.76 -8.62
C ARG H 197 -25.89 18.20 -8.08
N VAL H 198 -26.56 18.99 -7.23
CA VAL H 198 -27.85 18.62 -6.66
C VAL H 198 -28.84 19.73 -6.97
N SER H 199 -30.12 19.43 -6.75
CA SER H 199 -31.14 20.45 -6.88
C SER H 199 -30.94 21.52 -5.81
N ALA H 200 -31.40 22.74 -6.12
CA ALA H 200 -31.31 23.82 -5.15
C ALA H 200 -32.09 23.47 -3.88
N THR H 201 -33.21 22.76 -4.02
CA THR H 201 -33.98 22.34 -2.86
C THR H 201 -33.17 21.43 -1.96
N PHE H 202 -32.43 20.48 -2.55
CA PHE H 202 -31.63 19.56 -1.75
C PHE H 202 -30.49 20.30 -1.04
N TRP H 203 -29.86 21.25 -1.72
CA TRP H 203 -28.76 21.99 -1.10
C TRP H 203 -29.27 22.91 0.01
N GLN H 204 -30.47 23.44 -0.12
CA GLN H 204 -31.00 24.39 0.85
C GLN H 204 -31.57 23.72 2.10
N ASN H 205 -31.46 22.41 2.21
CA ASN H 205 -31.83 21.72 3.45
C ASN H 205 -30.64 21.79 4.40
N PRO H 206 -30.76 22.45 5.55
CA PRO H 206 -29.58 22.63 6.42
C PRO H 206 -29.08 21.35 7.08
N ARG H 207 -29.83 20.26 7.02
CA ARG H 207 -29.42 19.00 7.62
CA ARG H 207 -29.41 19.01 7.63
C ARG H 207 -28.63 18.11 6.68
N ASN H 208 -28.63 18.41 5.38
CA ASN H 208 -27.89 17.59 4.42
C ASN H 208 -26.40 17.80 4.58
N HIS H 209 -25.67 16.69 4.67
CA HIS H 209 -24.23 16.70 4.87
C HIS H 209 -23.53 16.18 3.63
N PHE H 210 -22.53 16.93 3.16
CA PHE H 210 -21.77 16.58 1.97
C PHE H 210 -20.31 16.39 2.36
N ARG H 211 -19.69 15.33 1.84
CA ARG H 211 -18.28 15.06 2.12
C ARG H 211 -17.65 14.41 0.90
N CYS H 212 -16.49 14.91 0.52
CA CYS H 212 -15.66 14.34 -0.53
CA CYS H 212 -15.69 14.30 -0.53
C CYS H 212 -14.46 13.66 0.10
N GLN H 213 -14.27 12.37 -0.17
CA GLN H 213 -13.23 11.57 0.44
C GLN H 213 -12.30 11.03 -0.64
N VAL H 214 -10.99 11.13 -0.39
CA VAL H 214 -9.98 10.67 -1.32
C VAL H 214 -9.13 9.62 -0.61
N GLN H 215 -9.21 8.38 -1.08
CA GLN H 215 -8.34 7.32 -0.60
C GLN H 215 -7.01 7.39 -1.34
N PHE H 216 -5.93 7.59 -0.61
CA PHE H 216 -4.59 7.67 -1.19
C PHE H 216 -3.80 6.43 -0.82
N TYR H 217 -3.15 5.83 -1.82
CA TYR H 217 -2.32 4.65 -1.63
C TYR H 217 -0.86 5.08 -1.71
N GLY H 218 -0.17 5.03 -0.57
CA GLY H 218 1.21 5.47 -0.51
C GLY H 218 2.13 4.47 0.13
N LEU H 219 2.90 4.92 1.13
CA LEU H 219 3.90 4.08 1.75
C LEU H 219 3.28 3.23 2.86
N SER H 220 4.05 2.27 3.35
CA SER H 220 3.65 1.39 4.45
C SER H 220 4.74 1.40 5.51
N GLU H 221 4.55 0.56 6.54
CA GLU H 221 5.46 0.57 7.68
C GLU H 221 6.88 0.21 7.27
N ASN H 222 7.04 -0.75 6.37
CA ASN H 222 8.38 -1.20 5.98
C ASN H 222 9.08 -0.24 5.04
N ASP H 223 8.39 0.76 4.51
CA ASP H 223 9.05 1.75 3.66
C ASP H 223 9.88 2.70 4.51
N GLU H 224 11.13 2.92 4.09
CA GLU H 224 12.04 3.79 4.84
C GLU H 224 11.75 5.25 4.50
N TRP H 225 11.66 6.08 5.54
CA TRP H 225 11.37 7.50 5.37
C TRP H 225 12.42 8.32 6.11
N THR H 226 12.95 9.35 5.43
CA THR H 226 14.00 10.18 5.99
C THR H 226 13.76 11.67 5.83
N GLN H 227 12.63 12.08 5.26
CA GLN H 227 12.37 13.50 5.04
C GLN H 227 11.87 14.17 6.32
N ASP H 228 11.91 15.51 6.30
CA ASP H 228 11.43 16.27 7.45
C ASP H 228 9.91 16.23 7.56
N ARG H 229 9.22 16.20 6.42
CA ARG H 229 7.76 16.19 6.43
C ARG H 229 7.24 14.82 6.87
N ALA H 230 5.92 14.75 7.02
CA ALA H 230 5.28 13.52 7.47
C ALA H 230 5.39 12.43 6.41
N LYS H 231 5.51 11.19 6.88
CA LYS H 231 5.63 10.05 5.99
C LYS H 231 4.32 9.85 5.23
N PRO H 232 4.33 9.89 3.90
CA PRO H 232 3.09 9.80 3.10
C PRO H 232 2.58 8.37 3.00
N VAL H 233 2.04 7.86 4.11
CA VAL H 233 1.51 6.51 4.19
C VAL H 233 0.15 6.45 3.53
N THR H 234 -0.33 5.23 3.23
CA THR H 234 -1.68 5.06 2.74
C THR H 234 -2.67 5.62 3.75
N GLN H 235 -3.56 6.48 3.28
CA GLN H 235 -4.43 7.24 4.19
C GLN H 235 -5.63 7.76 3.42
N ILE H 236 -6.62 8.24 4.19
CA ILE H 236 -7.83 8.85 3.64
C ILE H 236 -7.84 10.31 4.06
N VAL H 237 -7.97 11.20 3.07
CA VAL H 237 -8.05 12.63 3.30
C VAL H 237 -9.41 13.11 2.78
N SER H 238 -10.13 13.86 3.61
CA SER H 238 -11.48 14.26 3.27
C SER H 238 -11.73 15.70 3.70
N ALA H 239 -12.80 16.27 3.15
CA ALA H 239 -13.32 17.56 3.54
C ALA H 239 -14.83 17.53 3.38
N GLU H 240 -15.52 18.41 4.09
CA GLU H 240 -16.97 18.34 4.21
C GLU H 240 -17.61 19.70 4.00
N ALA H 241 -18.94 19.68 3.87
CA ALA H 241 -19.76 20.88 3.77
C ALA H 241 -21.19 20.52 4.14
N TRP H 242 -21.89 21.48 4.74
CA TRP H 242 -23.28 21.31 5.11
C TRP H 242 -24.17 22.15 4.21
N GLY H 243 -25.42 21.72 4.05
CA GLY H 243 -26.38 22.51 3.32
C GLY H 243 -26.69 23.81 4.03
N ARG H 244 -26.98 24.85 3.23
CA ARG H 244 -27.23 26.18 3.75
C ARG H 244 -28.65 26.60 3.40
N ALA H 245 -29.41 26.98 4.42
CA ALA H 245 -30.79 27.43 4.23
C ALA H 245 -30.83 28.85 3.68
N1 TDR I . -1.33 -29.10 -34.31
C2 TDR I . -1.81 -30.28 -33.81
O2 TDR I . -3.00 -30.57 -33.83
N3 TDR I . -0.86 -31.12 -33.26
C4 TDR I . 0.49 -30.88 -33.17
O4 TDR I . 1.23 -31.72 -32.65
C5 TDR I . 0.93 -29.59 -33.73
CM5 TDR I . 2.30 -29.31 -34.05
C6 TDR I . -0.01 -28.77 -34.27
C1 GOL J . 10.09 -23.35 -19.85
O1 GOL J . 9.23 -22.45 -19.21
C2 GOL J . 9.23 -24.55 -20.28
O2 GOL J . 8.34 -24.95 -19.28
C3 GOL J . 10.24 -25.66 -20.63
O3 GOL J . 9.76 -26.85 -20.10
C1 GOL K . -4.96 -26.67 -35.24
O1 GOL K . -3.77 -26.68 -34.50
C2 GOL K . -6.11 -26.93 -34.24
O2 GOL K . -7.36 -26.79 -34.84
C3 GOL K . -5.86 -28.38 -33.77
O3 GOL K . -5.41 -29.09 -34.88
C1 GOL L . -0.49 -19.89 -41.68
O1 GOL L . -0.46 -21.29 -41.69
C2 GOL L . 0.95 -19.40 -41.96
O2 GOL L . 1.27 -18.27 -41.21
C3 GOL L . 1.88 -20.59 -41.65
O3 GOL L . 3.05 -20.36 -42.35
C ACT M . -27.84 -40.65 -32.17
O ACT M . -28.67 -40.22 -31.32
OXT ACT M . -27.28 -41.77 -32.24
CH3 ACT M . -27.43 -39.63 -33.29
N1 TDR N . -7.15 19.52 26.33
C2 TDR N . -7.41 20.76 25.82
O2 TDR N . -6.93 21.16 24.78
N3 TDR N . -8.24 21.54 26.58
C4 TDR N . -8.84 21.20 27.79
O4 TDR N . -9.58 22.00 28.36
C5 TDR N . -8.50 19.86 28.26
CM5 TDR N . -9.29 19.26 29.34
C6 TDR N . -7.68 19.08 27.51
C1 GOL O . -4.07 21.17 23.10
O1 GOL O . -5.41 21.22 22.73
C2 GOL O . -3.63 19.70 22.98
O2 GOL O . -3.55 19.29 21.65
C3 GOL O . -4.72 18.92 23.76
O3 GOL O . -4.06 18.22 24.77
C1 GOL P . -39.31 29.59 17.81
O1 GOL P . -38.55 29.33 16.67
C2 GOL P . -40.07 28.29 18.16
O2 GOL P . -41.15 28.09 17.30
C3 GOL P . -39.03 27.16 18.04
O3 GOL P . -38.72 27.03 16.69
C1 GOL Q . -6.99 7.52 26.03
O1 GOL Q . -6.68 6.22 25.67
C2 GOL Q . -5.66 8.27 26.20
O2 GOL Q . -4.62 7.42 26.56
C3 GOL Q . -5.42 8.92 24.81
O3 GOL Q . -4.05 8.87 24.58
NA NA R . 6.51 17.21 49.94
C1 GOL S . -41.88 32.15 20.16
O1 GOL S . -42.21 31.39 21.28
C2 GOL S . -40.47 32.75 20.40
O2 GOL S . -39.47 31.82 20.16
C3 GOL S . -40.37 33.96 19.45
O3 GOL S . -40.30 33.46 18.15
CA CA T . 12.27 -13.20 -16.61
#